data_6XY1
# 
_entry.id   6XY1 
# 
_audit_conform.dict_name       mmcif_pdbx.dic 
_audit_conform.dict_version    5.398 
_audit_conform.dict_location   http://mmcif.pdb.org/dictionaries/ascii/mmcif_pdbx.dic 
# 
loop_
_database_2.database_id 
_database_2.database_code 
_database_2.pdbx_database_accession 
_database_2.pdbx_DOI 
PDB   6XY1         pdb_00006xy1 10.2210/pdb6xy1/pdb 
WWPDB D_1292106488 ?            ?                   
# 
loop_
_pdbx_audit_revision_history.ordinal 
_pdbx_audit_revision_history.data_content_type 
_pdbx_audit_revision_history.major_revision 
_pdbx_audit_revision_history.minor_revision 
_pdbx_audit_revision_history.revision_date 
1 'Structure model' 1 0 2020-03-18 
2 'Structure model' 1 1 2020-03-25 
3 'Structure model' 2 0 2022-04-20 
4 'Structure model' 2 1 2023-03-08 
5 'Structure model' 2 2 2024-11-06 
# 
_pdbx_audit_revision_details.ordinal             1 
_pdbx_audit_revision_details.revision_ordinal    1 
_pdbx_audit_revision_details.data_content_type   'Structure model' 
_pdbx_audit_revision_details.provider            repository 
_pdbx_audit_revision_details.type                'Initial release' 
_pdbx_audit_revision_details.description         ? 
_pdbx_audit_revision_details.details             ? 
# 
loop_
_pdbx_audit_revision_group.ordinal 
_pdbx_audit_revision_group.revision_ordinal 
_pdbx_audit_revision_group.data_content_type 
_pdbx_audit_revision_group.group 
1  2 'Structure model' 'Database references'  
2  3 'Structure model' Advisory               
3  3 'Structure model' 'Atomic model'         
4  3 'Structure model' 'Data collection'      
5  3 'Structure model' 'Database references'  
6  3 'Structure model' 'Derived calculations' 
7  3 'Structure model' 'Structure summary'    
8  4 'Structure model' 'Structure summary'    
9  5 'Structure model' 'Data collection'      
10 5 'Structure model' 'Structure summary'    
# 
loop_
_pdbx_audit_revision_category.ordinal 
_pdbx_audit_revision_category.revision_ordinal 
_pdbx_audit_revision_category.data_content_type 
_pdbx_audit_revision_category.category 
1  2 'Structure model' citation                        
2  2 'Structure model' citation_author                 
3  3 'Structure model' atom_site                       
4  3 'Structure model' database_2                      
5  3 'Structure model' entity                          
6  3 'Structure model' pdbx_entity_nonpoly             
7  3 'Structure model' pdbx_nonpoly_scheme             
8  3 'Structure model' pdbx_poly_seq_scheme            
9  3 'Structure model' pdbx_struct_assembly_gen        
10 3 'Structure model' pdbx_unobs_or_zero_occ_residues 
11 3 'Structure model' struct_asym                     
12 3 'Structure model' struct_conn                     
13 3 'Structure model' struct_ref_seq                  
14 3 'Structure model' struct_site_gen                 
15 4 'Structure model' struct                          
16 5 'Structure model' chem_comp_atom                  
17 5 'Structure model' chem_comp_bond                  
18 5 'Structure model' pdbx_entry_details              
19 5 'Structure model' pdbx_modification_feature       
# 
loop_
_pdbx_audit_revision_item.ordinal 
_pdbx_audit_revision_item.revision_ordinal 
_pdbx_audit_revision_item.data_content_type 
_pdbx_audit_revision_item.item 
1  2 'Structure model' '_citation.journal_volume'                     
2  2 'Structure model' '_citation.page_first'                         
3  2 'Structure model' '_citation.page_last'                          
4  2 'Structure model' '_citation_author.identifier_ORCID'            
5  3 'Structure model' '_atom_site.B_iso_or_equiv'                    
6  3 'Structure model' '_atom_site.Cartn_x'                           
7  3 'Structure model' '_atom_site.Cartn_y'                           
8  3 'Structure model' '_atom_site.Cartn_z'                           
9  3 'Structure model' '_atom_site.auth_asym_id'                      
10 3 'Structure model' '_atom_site.auth_atom_id'                      
11 3 'Structure model' '_atom_site.auth_comp_id'                      
12 3 'Structure model' '_atom_site.auth_seq_id'                       
13 3 'Structure model' '_atom_site.group_PDB'                         
14 3 'Structure model' '_atom_site.label_asym_id'                     
15 3 'Structure model' '_atom_site.label_atom_id'                     
16 3 'Structure model' '_atom_site.label_comp_id'                     
17 3 'Structure model' '_atom_site.label_entity_id'                   
18 3 'Structure model' '_atom_site.label_seq_id'                      
19 3 'Structure model' '_atom_site.type_symbol'                       
20 3 'Structure model' '_database_2.pdbx_DOI'                         
21 3 'Structure model' '_database_2.pdbx_database_accession'          
22 3 'Structure model' '_pdbx_poly_seq_scheme.auth_mon_id'            
23 3 'Structure model' '_pdbx_poly_seq_scheme.auth_seq_num'           
24 3 'Structure model' '_pdbx_poly_seq_scheme.pdb_mon_id'             
25 3 'Structure model' '_pdbx_poly_seq_scheme.pdb_seq_num'            
26 3 'Structure model' '_pdbx_struct_assembly_gen.asym_id_list'       
27 3 'Structure model' '_struct_conn.ptnr2_label_asym_id'             
28 3 'Structure model' '_struct_conn.ptnr2_label_seq_id'              
29 3 'Structure model' '_struct_ref_seq.db_align_end'                 
30 3 'Structure model' '_struct_ref_seq.pdbx_auth_seq_align_end'      
31 3 'Structure model' '_struct_site_gen.label_asym_id'               
32 4 'Structure model' '_struct.title'                                
33 5 'Structure model' '_pdbx_entry_details.has_protein_modification' 
# 
_pdbx_database_status.status_code                     REL 
_pdbx_database_status.status_code_sf                  REL 
_pdbx_database_status.status_code_mr                  ? 
_pdbx_database_status.entry_id                        6XY1 
_pdbx_database_status.recvd_initial_deposition_date   2020-01-29 
_pdbx_database_status.SG_entry                        N 
_pdbx_database_status.deposit_site                    PDBE 
_pdbx_database_status.process_site                    PDBE 
_pdbx_database_status.status_code_cs                  ? 
_pdbx_database_status.status_code_nmr_data            ? 
_pdbx_database_status.methods_development_category    ? 
_pdbx_database_status.pdb_format_compatible           Y 
# 
loop_
_audit_author.name 
_audit_author.pdbx_ordinal 
_audit_author.identifier_ORCID 
'Edgell, C.L.'   1 0000-0003-0448-122X 
'Savery, N.J.'   2 0000-0002-0803-4075 
'Woolfson, D.N.' 3 0000-0002-0394-3202 
# 
_citation.abstract                  ? 
_citation.abstract_id_CAS           ? 
_citation.book_id_ISBN              ? 
_citation.book_publisher            ? 
_citation.book_publisher_city       ? 
_citation.book_title                ? 
_citation.coordinate_linkage        ? 
_citation.country                   US 
_citation.database_id_Medline       ? 
_citation.details                   ? 
_citation.id                        primary 
_citation.journal_abbrev            Biochemistry 
_citation.journal_id_ASTM           BICHAW 
_citation.journal_id_CSD            0033 
_citation.journal_id_ISSN           0006-2960 
_citation.journal_full              ? 
_citation.journal_issue             ? 
_citation.journal_volume            59 
_citation.language                  ? 
_citation.page_first                1087 
_citation.page_last                 1092 
_citation.title                     'RobustDe Novo-Designed Homotetrameric Coiled Coils.' 
_citation.year                      2020 
_citation.database_id_CSD           ? 
_citation.pdbx_database_id_DOI      10.1021/acs.biochem.0c00082 
_citation.pdbx_database_id_PubMed   32133841 
_citation.unpublished_flag          ? 
# 
loop_
_citation_author.citation_id 
_citation_author.name 
_citation_author.ordinal 
_citation_author.identifier_ORCID 
primary 'Edgell, C.L.'   1 ? 
primary 'Savery, N.J.'   2 ? 
primary 'Woolfson, D.N.' 3 ? 
# 
loop_
_entity.id 
_entity.type 
_entity.src_method 
_entity.pdbx_description 
_entity.formula_weight 
_entity.pdbx_number_of_molecules 
_entity.pdbx_ec 
_entity.pdbx_mutation 
_entity.pdbx_fragment 
_entity.details 
1 polymer syn 4-KE-4 3693.381 4   ? ? ? ? 
2 water   nat water  18.015   160 ? ? ? ? 
# 
_entity_poly.entity_id                      1 
_entity_poly.type                           'polypeptide(L)' 
_entity_poly.nstd_linkage                   no 
_entity_poly.nstd_monomer                   yes 
_entity_poly.pdbx_seq_one_letter_code       '(ACE)GEIQKQLKEIQKQLKEIQWQLKEIQKQLKG(NH2)' 
_entity_poly.pdbx_seq_one_letter_code_can   XGEIQKQLKEIQKQLKEIQWQLKEIQKQLKGX 
_entity_poly.pdbx_strand_id                 A,B,C,D 
_entity_poly.pdbx_target_identifier         ? 
# 
_pdbx_entity_nonpoly.entity_id   2 
_pdbx_entity_nonpoly.name        water 
_pdbx_entity_nonpoly.comp_id     HOH 
# 
loop_
_entity_poly_seq.entity_id 
_entity_poly_seq.num 
_entity_poly_seq.mon_id 
_entity_poly_seq.hetero 
1 1  ACE n 
1 2  GLY n 
1 3  GLU n 
1 4  ILE n 
1 5  GLN n 
1 6  LYS n 
1 7  GLN n 
1 8  LEU n 
1 9  LYS n 
1 10 GLU n 
1 11 ILE n 
1 12 GLN n 
1 13 LYS n 
1 14 GLN n 
1 15 LEU n 
1 16 LYS n 
1 17 GLU n 
1 18 ILE n 
1 19 GLN n 
1 20 TRP n 
1 21 GLN n 
1 22 LEU n 
1 23 LYS n 
1 24 GLU n 
1 25 ILE n 
1 26 GLN n 
1 27 LYS n 
1 28 GLN n 
1 29 LEU n 
1 30 LYS n 
1 31 GLY n 
1 32 NH2 n 
# 
_pdbx_entity_src_syn.entity_id              1 
_pdbx_entity_src_syn.pdbx_src_id            1 
_pdbx_entity_src_syn.pdbx_alt_source_flag   sample 
_pdbx_entity_src_syn.pdbx_beg_seq_num       1 
_pdbx_entity_src_syn.pdbx_end_seq_num       32 
_pdbx_entity_src_syn.organism_scientific    'synthetic construct' 
_pdbx_entity_src_syn.organism_common_name   ? 
_pdbx_entity_src_syn.ncbi_taxonomy_id       32630 
_pdbx_entity_src_syn.details                ? 
# 
loop_
_chem_comp.id 
_chem_comp.type 
_chem_comp.mon_nstd_flag 
_chem_comp.name 
_chem_comp.pdbx_synonyms 
_chem_comp.formula 
_chem_comp.formula_weight 
ACE non-polymer         . 'ACETYL GROUP'  ? 'C2 H4 O'        44.053  
GLN 'L-peptide linking' y GLUTAMINE       ? 'C5 H10 N2 O3'   146.144 
GLU 'L-peptide linking' y 'GLUTAMIC ACID' ? 'C5 H9 N O4'     147.129 
GLY 'peptide linking'   y GLYCINE         ? 'C2 H5 N O2'     75.067  
HOH non-polymer         . WATER           ? 'H2 O'           18.015  
ILE 'L-peptide linking' y ISOLEUCINE      ? 'C6 H13 N O2'    131.173 
LEU 'L-peptide linking' y LEUCINE         ? 'C6 H13 N O2'    131.173 
LYS 'L-peptide linking' y LYSINE          ? 'C6 H15 N2 O2 1' 147.195 
NH2 non-polymer         . 'AMINO GROUP'   ? 'H2 N'           16.023  
TRP 'L-peptide linking' y TRYPTOPHAN      ? 'C11 H12 N2 O2'  204.225 
# 
loop_
_pdbx_poly_seq_scheme.asym_id 
_pdbx_poly_seq_scheme.entity_id 
_pdbx_poly_seq_scheme.seq_id 
_pdbx_poly_seq_scheme.mon_id 
_pdbx_poly_seq_scheme.ndb_seq_num 
_pdbx_poly_seq_scheme.pdb_seq_num 
_pdbx_poly_seq_scheme.auth_seq_num 
_pdbx_poly_seq_scheme.pdb_mon_id 
_pdbx_poly_seq_scheme.auth_mon_id 
_pdbx_poly_seq_scheme.pdb_strand_id 
_pdbx_poly_seq_scheme.pdb_ins_code 
_pdbx_poly_seq_scheme.hetero 
A 1 1  ACE 1  0   0  ACE ACE A . n 
A 1 2  GLY 2  1   1  GLY GLY A . n 
A 1 3  GLU 3  2   2  GLU GLU A . n 
A 1 4  ILE 4  3   3  ILE ILE A . n 
A 1 5  GLN 5  4   4  GLN GLN A . n 
A 1 6  LYS 6  5   5  LYS LYS A . n 
A 1 7  GLN 7  6   6  GLN GLN A . n 
A 1 8  LEU 8  7   7  LEU LEU A . n 
A 1 9  LYS 9  8   8  LYS LYS A . n 
A 1 10 GLU 10 9   9  GLU GLU A . n 
A 1 11 ILE 11 10  10 ILE ILE A . n 
A 1 12 GLN 12 11  11 GLN GLN A . n 
A 1 13 LYS 13 12  12 LYS LYS A . n 
A 1 14 GLN 14 13  13 GLN GLN A . n 
A 1 15 LEU 15 14  14 LEU LEU A . n 
A 1 16 LYS 16 15  15 LYS LYS A . n 
A 1 17 GLU 17 16  16 GLU GLU A . n 
A 1 18 ILE 18 17  17 ILE ILE A . n 
A 1 19 GLN 19 18  18 GLN GLN A . n 
A 1 20 TRP 20 19  19 TRP TRP A . n 
A 1 21 GLN 21 20  20 GLN GLN A . n 
A 1 22 LEU 22 21  21 LEU LEU A . n 
A 1 23 LYS 23 22  22 LYS LYS A . n 
A 1 24 GLU 24 23  23 GLU GLU A . n 
A 1 25 ILE 25 24  24 ILE ILE A . n 
A 1 26 GLN 26 25  25 GLN GLN A . n 
A 1 27 LYS 27 26  26 LYS LYS A . n 
A 1 28 GLN 28 27  27 GLN GLN A . n 
A 1 29 LEU 29 28  28 LEU LEU A . n 
A 1 30 LYS 30 29  29 LYS LYS A . n 
A 1 31 GLY 31 30  30 GLY GLY A . n 
A 1 32 NH2 32 31  ?  ?   ?   A . n 
B 1 1  ACE 1  0   0  ACE ACE B . n 
B 1 2  GLY 2  1   1  GLY GLY B . n 
B 1 3  GLU 3  2   2  GLU GLU B . n 
B 1 4  ILE 4  3   3  ILE ILE B . n 
B 1 5  GLN 5  4   4  GLN GLN B . n 
B 1 6  LYS 6  5   5  LYS LYS B . n 
B 1 7  GLN 7  6   6  GLN GLN B . n 
B 1 8  LEU 8  7   7  LEU LEU B . n 
B 1 9  LYS 9  8   8  LYS LYS B . n 
B 1 10 GLU 10 9   9  GLU GLU B . n 
B 1 11 ILE 11 10  10 ILE ILE B . n 
B 1 12 GLN 12 11  11 GLN GLN B . n 
B 1 13 LYS 13 12  12 LYS LYS B . n 
B 1 14 GLN 14 13  13 GLN GLN B . n 
B 1 15 LEU 15 14  14 LEU LEU B . n 
B 1 16 LYS 16 15  15 LYS LYS B . n 
B 1 17 GLU 17 16  16 GLU GLU B . n 
B 1 18 ILE 18 17  17 ILE ILE B . n 
B 1 19 GLN 19 18  18 GLN GLN B . n 
B 1 20 TRP 20 19  19 TRP TRP B . n 
B 1 21 GLN 21 20  20 GLN GLN B . n 
B 1 22 LEU 22 21  21 LEU LEU B . n 
B 1 23 LYS 23 22  22 LYS LYS B . n 
B 1 24 GLU 24 23  23 GLU GLU B . n 
B 1 25 ILE 25 24  24 ILE ILE B . n 
B 1 26 GLN 26 25  25 GLN GLN B . n 
B 1 27 LYS 27 26  26 LYS LYS B . n 
B 1 28 GLN 28 27  27 GLN GLN B . n 
B 1 29 LEU 29 28  28 LEU LEU B . n 
B 1 30 LYS 30 29  29 LYS LYS B . n 
B 1 31 GLY 31 30  30 GLY GLY B . n 
B 1 32 NH2 32 101 31 NH2 NH2 B . n 
C 1 1  ACE 1  0   0  ACE ACE C . n 
C 1 2  GLY 2  1   1  GLY GLY C . n 
C 1 3  GLU 3  2   2  GLU GLU C . n 
C 1 4  ILE 4  3   3  ILE ILE C . n 
C 1 5  GLN 5  4   4  GLN GLN C . n 
C 1 6  LYS 6  5   5  LYS LYS C . n 
C 1 7  GLN 7  6   6  GLN GLN C . n 
C 1 8  LEU 8  7   7  LEU LEU C . n 
C 1 9  LYS 9  8   8  LYS LYS C . n 
C 1 10 GLU 10 9   9  GLU GLU C . n 
C 1 11 ILE 11 10  10 ILE ILE C . n 
C 1 12 GLN 12 11  11 GLN GLN C . n 
C 1 13 LYS 13 12  12 LYS LYS C . n 
C 1 14 GLN 14 13  13 GLN GLN C . n 
C 1 15 LEU 15 14  14 LEU LEU C . n 
C 1 16 LYS 16 15  15 LYS LYS C . n 
C 1 17 GLU 17 16  16 GLU GLU C . n 
C 1 18 ILE 18 17  17 ILE ILE C . n 
C 1 19 GLN 19 18  18 GLN GLN C . n 
C 1 20 TRP 20 19  19 TRP TRP C . n 
C 1 21 GLN 21 20  20 GLN GLN C . n 
C 1 22 LEU 22 21  21 LEU LEU C . n 
C 1 23 LYS 23 22  22 LYS LYS C . n 
C 1 24 GLU 24 23  23 GLU GLU C . n 
C 1 25 ILE 25 24  24 ILE ILE C . n 
C 1 26 GLN 26 25  25 GLN GLN C . n 
C 1 27 LYS 27 26  26 LYS LYS C . n 
C 1 28 GLN 28 27  27 GLN GLN C . n 
C 1 29 LEU 29 28  28 LEU LEU C . n 
C 1 30 LYS 30 29  29 LYS LYS C . n 
C 1 31 GLY 31 30  30 GLY GLY C . n 
C 1 32 NH2 32 31  ?  ?   ?   C . n 
D 1 1  ACE 1  0   0  ACE ACE D . n 
D 1 2  GLY 2  1   1  GLY GLY D . n 
D 1 3  GLU 3  2   2  GLU GLU D . n 
D 1 4  ILE 4  3   3  ILE ILE D . n 
D 1 5  GLN 5  4   4  GLN GLN D . n 
D 1 6  LYS 6  5   5  LYS LYS D . n 
D 1 7  GLN 7  6   6  GLN GLN D . n 
D 1 8  LEU 8  7   7  LEU LEU D . n 
D 1 9  LYS 9  8   8  LYS LYS D . n 
D 1 10 GLU 10 9   9  GLU GLU D . n 
D 1 11 ILE 11 10  10 ILE ILE D . n 
D 1 12 GLN 12 11  11 GLN GLN D . n 
D 1 13 LYS 13 12  12 LYS LYS D . n 
D 1 14 GLN 14 13  13 GLN GLN D . n 
D 1 15 LEU 15 14  14 LEU LEU D . n 
D 1 16 LYS 16 15  15 LYS LYS D . n 
D 1 17 GLU 17 16  16 GLU GLU D . n 
D 1 18 ILE 18 17  17 ILE ILE D . n 
D 1 19 GLN 19 18  18 GLN GLN D . n 
D 1 20 TRP 20 19  19 TRP TRP D . n 
D 1 21 GLN 21 20  20 GLN GLN D . n 
D 1 22 LEU 22 21  21 LEU LEU D . n 
D 1 23 LYS 23 22  22 LYS LYS D . n 
D 1 24 GLU 24 23  23 GLU GLU D . n 
D 1 25 ILE 25 24  24 ILE ILE D . n 
D 1 26 GLN 26 25  25 GLN GLN D . n 
D 1 27 LYS 27 26  26 LYS LYS D . n 
D 1 28 GLN 28 27  27 GLN GLN D . n 
D 1 29 LEU 29 28  28 LEU LEU D . n 
D 1 30 LYS 30 29  29 LYS LYS D . n 
D 1 31 GLY 31 30  30 GLY GLY D . n 
D 1 32 NH2 32 31  ?  ?   ?   D . n 
# 
loop_
_pdbx_nonpoly_scheme.asym_id 
_pdbx_nonpoly_scheme.entity_id 
_pdbx_nonpoly_scheme.mon_id 
_pdbx_nonpoly_scheme.ndb_seq_num 
_pdbx_nonpoly_scheme.pdb_seq_num 
_pdbx_nonpoly_scheme.auth_seq_num 
_pdbx_nonpoly_scheme.pdb_mon_id 
_pdbx_nonpoly_scheme.auth_mon_id 
_pdbx_nonpoly_scheme.pdb_strand_id 
_pdbx_nonpoly_scheme.pdb_ins_code 
E 2 HOH 1  101 94  HOH HOH A . 
E 2 HOH 2  102 52  HOH HOH A . 
E 2 HOH 3  103 149 HOH HOH A . 
E 2 HOH 4  104 100 HOH HOH A . 
E 2 HOH 5  105 126 HOH HOH A . 
E 2 HOH 6  106 119 HOH HOH A . 
E 2 HOH 7  107 142 HOH HOH A . 
E 2 HOH 8  108 46  HOH HOH A . 
E 2 HOH 9  109 10  HOH HOH A . 
E 2 HOH 10 110 30  HOH HOH A . 
E 2 HOH 11 111 7   HOH HOH A . 
E 2 HOH 12 112 102 HOH HOH A . 
E 2 HOH 13 113 48  HOH HOH A . 
E 2 HOH 14 114 4   HOH HOH A . 
E 2 HOH 15 115 19  HOH HOH A . 
E 2 HOH 16 116 133 HOH HOH A . 
E 2 HOH 17 117 86  HOH HOH A . 
E 2 HOH 18 118 56  HOH HOH A . 
E 2 HOH 19 119 114 HOH HOH A . 
E 2 HOH 20 120 18  HOH HOH A . 
E 2 HOH 21 121 53  HOH HOH A . 
E 2 HOH 22 122 22  HOH HOH A . 
E 2 HOH 23 123 49  HOH HOH A . 
E 2 HOH 24 124 147 HOH HOH A . 
E 2 HOH 25 125 83  HOH HOH A . 
E 2 HOH 26 126 54  HOH HOH A . 
E 2 HOH 27 127 123 HOH HOH A . 
E 2 HOH 28 128 3   HOH HOH A . 
E 2 HOH 29 129 14  HOH HOH A . 
E 2 HOH 30 130 50  HOH HOH A . 
E 2 HOH 31 131 8   HOH HOH A . 
E 2 HOH 32 132 95  HOH HOH A . 
E 2 HOH 33 133 21  HOH HOH A . 
E 2 HOH 34 134 91  HOH HOH A . 
E 2 HOH 35 135 20  HOH HOH A . 
E 2 HOH 36 136 157 HOH HOH A . 
E 2 HOH 37 137 159 HOH HOH A . 
E 2 HOH 38 138 61  HOH HOH A . 
E 2 HOH 39 139 120 HOH HOH A . 
E 2 HOH 40 140 156 HOH HOH A . 
E 2 HOH 41 141 11  HOH HOH A . 
E 2 HOH 42 142 17  HOH HOH A . 
E 2 HOH 43 143 145 HOH HOH A . 
E 2 HOH 44 144 107 HOH HOH A . 
E 2 HOH 45 145 55  HOH HOH A . 
E 2 HOH 46 146 79  HOH HOH A . 
E 2 HOH 47 147 80  HOH HOH A . 
E 2 HOH 48 148 122 HOH HOH A . 
E 2 HOH 49 149 62  HOH HOH A . 
E 2 HOH 50 150 97  HOH HOH A . 
E 2 HOH 51 151 106 HOH HOH A . 
E 2 HOH 52 152 158 HOH HOH A . 
F 2 HOH 1  201 131 HOH HOH B . 
F 2 HOH 2  202 130 HOH HOH B . 
F 2 HOH 3  203 15  HOH HOH B . 
F 2 HOH 4  204 37  HOH HOH B . 
F 2 HOH 5  205 33  HOH HOH B . 
F 2 HOH 6  206 16  HOH HOH B . 
F 2 HOH 7  207 51  HOH HOH B . 
F 2 HOH 8  208 111 HOH HOH B . 
F 2 HOH 9  209 2   HOH HOH B . 
F 2 HOH 10 210 42  HOH HOH B . 
F 2 HOH 11 211 31  HOH HOH B . 
F 2 HOH 12 212 12  HOH HOH B . 
F 2 HOH 13 213 1   HOH HOH B . 
F 2 HOH 14 214 36  HOH HOH B . 
F 2 HOH 15 215 32  HOH HOH B . 
F 2 HOH 16 216 9   HOH HOH B . 
F 2 HOH 17 217 47  HOH HOH B . 
F 2 HOH 18 218 74  HOH HOH B . 
F 2 HOH 19 219 27  HOH HOH B . 
F 2 HOH 20 220 34  HOH HOH B . 
F 2 HOH 21 221 75  HOH HOH B . 
F 2 HOH 22 222 70  HOH HOH B . 
F 2 HOH 23 223 110 HOH HOH B . 
F 2 HOH 24 224 67  HOH HOH B . 
F 2 HOH 25 225 134 HOH HOH B . 
F 2 HOH 26 226 144 HOH HOH B . 
F 2 HOH 27 227 85  HOH HOH B . 
F 2 HOH 28 228 13  HOH HOH B . 
F 2 HOH 29 229 139 HOH HOH B . 
F 2 HOH 30 230 143 HOH HOH B . 
G 2 HOH 1  101 154 HOH HOH C . 
G 2 HOH 2  102 84  HOH HOH C . 
G 2 HOH 3  103 155 HOH HOH C . 
G 2 HOH 4  104 146 HOH HOH C . 
G 2 HOH 5  105 26  HOH HOH C . 
G 2 HOH 6  106 5   HOH HOH C . 
G 2 HOH 7  107 127 HOH HOH C . 
G 2 HOH 8  108 57  HOH HOH C . 
G 2 HOH 9  109 104 HOH HOH C . 
G 2 HOH 10 110 38  HOH HOH C . 
G 2 HOH 11 111 6   HOH HOH C . 
G 2 HOH 12 112 35  HOH HOH C . 
G 2 HOH 13 113 73  HOH HOH C . 
G 2 HOH 14 114 99  HOH HOH C . 
G 2 HOH 15 115 151 HOH HOH C . 
G 2 HOH 16 116 29  HOH HOH C . 
G 2 HOH 17 117 90  HOH HOH C . 
G 2 HOH 18 118 24  HOH HOH C . 
G 2 HOH 19 119 124 HOH HOH C . 
G 2 HOH 20 120 45  HOH HOH C . 
G 2 HOH 21 121 68  HOH HOH C . 
G 2 HOH 22 122 64  HOH HOH C . 
G 2 HOH 23 123 81  HOH HOH C . 
G 2 HOH 24 124 66  HOH HOH C . 
G 2 HOH 25 125 65  HOH HOH C . 
G 2 HOH 26 126 63  HOH HOH C . 
G 2 HOH 27 127 77  HOH HOH C . 
G 2 HOH 28 128 132 HOH HOH C . 
G 2 HOH 29 129 152 HOH HOH C . 
G 2 HOH 30 130 89  HOH HOH C . 
G 2 HOH 31 131 96  HOH HOH C . 
G 2 HOH 32 132 101 HOH HOH C . 
G 2 HOH 33 133 98  HOH HOH C . 
G 2 HOH 34 134 58  HOH HOH C . 
G 2 HOH 35 135 129 HOH HOH C . 
G 2 HOH 36 136 82  HOH HOH C . 
G 2 HOH 37 137 113 HOH HOH C . 
G 2 HOH 38 138 78  HOH HOH C . 
G 2 HOH 39 139 72  HOH HOH C . 
H 2 HOH 1  101 71  HOH HOH D . 
H 2 HOH 2  102 160 HOH HOH D . 
H 2 HOH 3  103 43  HOH HOH D . 
H 2 HOH 4  104 135 HOH HOH D . 
H 2 HOH 5  105 108 HOH HOH D . 
H 2 HOH 6  106 76  HOH HOH D . 
H 2 HOH 7  107 117 HOH HOH D . 
H 2 HOH 8  108 128 HOH HOH D . 
H 2 HOH 9  109 59  HOH HOH D . 
H 2 HOH 10 110 44  HOH HOH D . 
H 2 HOH 11 111 118 HOH HOH D . 
H 2 HOH 12 112 41  HOH HOH D . 
H 2 HOH 13 113 103 HOH HOH D . 
H 2 HOH 14 114 137 HOH HOH D . 
H 2 HOH 15 115 115 HOH HOH D . 
H 2 HOH 16 116 23  HOH HOH D . 
H 2 HOH 17 117 138 HOH HOH D . 
H 2 HOH 18 118 162 HOH HOH D . 
H 2 HOH 19 119 69  HOH HOH D . 
H 2 HOH 20 120 136 HOH HOH D . 
H 2 HOH 21 121 121 HOH HOH D . 
H 2 HOH 22 122 28  HOH HOH D . 
H 2 HOH 23 123 60  HOH HOH D . 
H 2 HOH 24 124 148 HOH HOH D . 
H 2 HOH 25 125 87  HOH HOH D . 
H 2 HOH 26 126 116 HOH HOH D . 
H 2 HOH 27 127 88  HOH HOH D . 
H 2 HOH 28 128 140 HOH HOH D . 
H 2 HOH 29 129 105 HOH HOH D . 
H 2 HOH 30 130 112 HOH HOH D . 
H 2 HOH 31 131 25  HOH HOH D . 
H 2 HOH 32 132 109 HOH HOH D . 
H 2 HOH 33 133 125 HOH HOH D . 
H 2 HOH 34 134 39  HOH HOH D . 
H 2 HOH 35 135 150 HOH HOH D . 
H 2 HOH 36 136 92  HOH HOH D . 
H 2 HOH 37 137 153 HOH HOH D . 
H 2 HOH 38 138 40  HOH HOH D . 
H 2 HOH 39 139 161 HOH HOH D . 
# 
loop_
_software.citation_id 
_software.classification 
_software.compiler_name 
_software.compiler_version 
_software.contact_author 
_software.contact_author_email 
_software.date 
_software.description 
_software.dependencies 
_software.hardware 
_software.language 
_software.location 
_software.mods 
_software.name 
_software.os 
_software.os_version 
_software.type 
_software.version 
_software.pdbx_ordinal 
? refinement       ? ? ? ? ? ? ? ? ? ? ? PHENIX  ? ? ? 1.16-3546 1 
? 'data reduction' ? ? ? ? ? ? ? ? ? ? ? iMOSFLM ? ? ? 7.2.2     2 
? 'data scaling'   ? ? ? ? ? ? ? ? ? ? ? Aimless ? ? ? .         3 
? phasing          ? ? ? ? ? ? ? ? ? ? ? PHASER  ? ? ? 2.7.0     4 
# 
_cell.angle_alpha                  90.000 
_cell.angle_alpha_esd              ? 
_cell.angle_beta                   90.000 
_cell.angle_beta_esd               ? 
_cell.angle_gamma                  90.000 
_cell.angle_gamma_esd              ? 
_cell.entry_id                     6XY1 
_cell.details                      ? 
_cell.formula_units_Z              ? 
_cell.length_a                     53.520 
_cell.length_a_esd                 ? 
_cell.length_b                     53.520 
_cell.length_b_esd                 ? 
_cell.length_c                     50.280 
_cell.length_c_esd                 ? 
_cell.volume                       144021.549 
_cell.volume_esd                   ? 
_cell.Z_PDB                        16 
_cell.reciprocal_angle_alpha       ? 
_cell.reciprocal_angle_beta        ? 
_cell.reciprocal_angle_gamma       ? 
_cell.reciprocal_angle_alpha_esd   ? 
_cell.reciprocal_angle_beta_esd    ? 
_cell.reciprocal_angle_gamma_esd   ? 
_cell.reciprocal_length_a          ? 
_cell.reciprocal_length_b          ? 
_cell.reciprocal_length_c          ? 
_cell.reciprocal_length_a_esd      ? 
_cell.reciprocal_length_b_esd      ? 
_cell.reciprocal_length_c_esd      ? 
_cell.pdbx_unique_axis             ? 
# 
_symmetry.entry_id                         6XY1 
_symmetry.cell_setting                     ? 
_symmetry.Int_Tables_number                78 
_symmetry.space_group_name_Hall            'P 4cw' 
_symmetry.space_group_name_H-M             'P 43' 
_symmetry.pdbx_full_space_group_name_H-M   ? 
# 
_exptl.absorpt_coefficient_mu     ? 
_exptl.absorpt_correction_T_max   ? 
_exptl.absorpt_correction_T_min   ? 
_exptl.absorpt_correction_type    ? 
_exptl.absorpt_process_details    ? 
_exptl.entry_id                   6XY1 
_exptl.crystals_number            1 
_exptl.details                    ? 
_exptl.method                     'X-RAY DIFFRACTION' 
_exptl.method_details             ? 
# 
_exptl_crystal.colour                      ? 
_exptl_crystal.density_diffrn              ? 
_exptl_crystal.density_Matthews            2.44 
_exptl_crystal.density_method              ? 
_exptl_crystal.density_percent_sol         49.53 
_exptl_crystal.description                 ? 
_exptl_crystal.F_000                       ? 
_exptl_crystal.id                          1 
_exptl_crystal.preparation                 ? 
_exptl_crystal.size_max                    ? 
_exptl_crystal.size_mid                    ? 
_exptl_crystal.size_min                    ? 
_exptl_crystal.size_rad                    ? 
_exptl_crystal.colour_lustre               ? 
_exptl_crystal.colour_modifier             ? 
_exptl_crystal.colour_primary              ? 
_exptl_crystal.density_meas                ? 
_exptl_crystal.density_meas_esd            ? 
_exptl_crystal.density_meas_gt             ? 
_exptl_crystal.density_meas_lt             ? 
_exptl_crystal.density_meas_temp           ? 
_exptl_crystal.density_meas_temp_esd       ? 
_exptl_crystal.density_meas_temp_gt        ? 
_exptl_crystal.density_meas_temp_lt        ? 
_exptl_crystal.pdbx_crystal_image_url      ? 
_exptl_crystal.pdbx_crystal_image_format   ? 
_exptl_crystal.pdbx_mosaicity              ? 
_exptl_crystal.pdbx_mosaicity_esd          ? 
# 
_exptl_crystal_grow.apparatus       ? 
_exptl_crystal_grow.atmosphere      ? 
_exptl_crystal_grow.crystal_id      1 
_exptl_crystal_grow.details         ? 
_exptl_crystal_grow.method          'VAPOR DIFFUSION, SITTING DROP' 
_exptl_crystal_grow.method_ref      ? 
_exptl_crystal_grow.pH              6.5 
_exptl_crystal_grow.pressure        ? 
_exptl_crystal_grow.pressure_esd    ? 
_exptl_crystal_grow.seeding         ? 
_exptl_crystal_grow.seeding_ref     ? 
_exptl_crystal_grow.temp            293 
_exptl_crystal_grow.temp_details    ? 
_exptl_crystal_grow.temp_esd        ? 
_exptl_crystal_grow.time            ? 
_exptl_crystal_grow.pdbx_details    '1.6 M sodium citrate, pH 6.5, supplemented with 25% glycerol for cryo-protection' 
_exptl_crystal_grow.pdbx_pH_range   ? 
# 
_diffrn.ambient_environment              ? 
_diffrn.ambient_temp                     100 
_diffrn.ambient_temp_details             ? 
_diffrn.ambient_temp_esd                 ? 
_diffrn.crystal_id                       1 
_diffrn.crystal_support                  ? 
_diffrn.crystal_treatment                ? 
_diffrn.details                          ? 
_diffrn.id                               1 
_diffrn.ambient_pressure                 ? 
_diffrn.ambient_pressure_esd             ? 
_diffrn.ambient_pressure_gt              ? 
_diffrn.ambient_pressure_lt              ? 
_diffrn.ambient_temp_gt                  ? 
_diffrn.ambient_temp_lt                  ? 
_diffrn.pdbx_serial_crystal_experiment   N 
# 
_diffrn_detector.details                      ? 
_diffrn_detector.detector                     PIXEL 
_diffrn_detector.diffrn_id                    1 
_diffrn_detector.type                         'DECTRIS PILATUS3 6M' 
_diffrn_detector.area_resol_mean              ? 
_diffrn_detector.dtime                        ? 
_diffrn_detector.pdbx_frames_total            ? 
_diffrn_detector.pdbx_collection_time_total   ? 
_diffrn_detector.pdbx_collection_date         2018-12-16 
_diffrn_detector.pdbx_frequency               ? 
# 
_diffrn_radiation.collimation                      ? 
_diffrn_radiation.diffrn_id                        1 
_diffrn_radiation.filter_edge                      ? 
_diffrn_radiation.inhomogeneity                    ? 
_diffrn_radiation.monochromator                    ? 
_diffrn_radiation.polarisn_norm                    ? 
_diffrn_radiation.polarisn_ratio                   ? 
_diffrn_radiation.probe                            ? 
_diffrn_radiation.type                             ? 
_diffrn_radiation.xray_symbol                      ? 
_diffrn_radiation.wavelength_id                    1 
_diffrn_radiation.pdbx_monochromatic_or_laue_m_l   M 
_diffrn_radiation.pdbx_wavelength_list             ? 
_diffrn_radiation.pdbx_wavelength                  ? 
_diffrn_radiation.pdbx_diffrn_protocol             'SINGLE WAVELENGTH' 
_diffrn_radiation.pdbx_analyzer                    ? 
_diffrn_radiation.pdbx_scattering_type             x-ray 
# 
_diffrn_radiation_wavelength.id           1 
_diffrn_radiation_wavelength.wavelength   0.9762 
_diffrn_radiation_wavelength.wt           1.0 
# 
_diffrn_source.current                     ? 
_diffrn_source.details                     ? 
_diffrn_source.diffrn_id                   1 
_diffrn_source.power                       ? 
_diffrn_source.size                        ? 
_diffrn_source.source                      SYNCHROTRON 
_diffrn_source.target                      ? 
_diffrn_source.type                        'DIAMOND BEAMLINE I03' 
_diffrn_source.voltage                     ? 
_diffrn_source.take-off_angle              ? 
_diffrn_source.pdbx_wavelength_list        0.9762 
_diffrn_source.pdbx_wavelength             ? 
_diffrn_source.pdbx_synchrotron_beamline   I03 
_diffrn_source.pdbx_synchrotron_site       Diamond 
# 
_reflns.B_iso_Wilson_estimate            11.48 
_reflns.entry_id                         6XY1 
_reflns.data_reduction_details           ? 
_reflns.data_reduction_method            ? 
_reflns.d_resolution_high                1.50 
_reflns.d_resolution_low                 53.52 
_reflns.details                          ? 
_reflns.limit_h_max                      ? 
_reflns.limit_h_min                      ? 
_reflns.limit_k_max                      ? 
_reflns.limit_k_min                      ? 
_reflns.limit_l_max                      ? 
_reflns.limit_l_min                      ? 
_reflns.number_all                       ? 
_reflns.number_obs                       22852 
_reflns.observed_criterion               ? 
_reflns.observed_criterion_F_max         ? 
_reflns.observed_criterion_F_min         ? 
_reflns.observed_criterion_I_max         ? 
_reflns.observed_criterion_I_min         ? 
_reflns.observed_criterion_sigma_F       ? 
_reflns.observed_criterion_sigma_I       ? 
_reflns.percent_possible_obs             100.0 
_reflns.R_free_details                   ? 
_reflns.Rmerge_F_all                     ? 
_reflns.Rmerge_F_obs                     ? 
_reflns.Friedel_coverage                 ? 
_reflns.number_gt                        ? 
_reflns.threshold_expression             ? 
_reflns.pdbx_redundancy                  11.2 
_reflns.pdbx_Rmerge_I_obs                ? 
_reflns.pdbx_Rmerge_I_all                ? 
_reflns.pdbx_Rsym_value                  ? 
_reflns.pdbx_netI_over_av_sigmaI         ? 
_reflns.pdbx_netI_over_sigmaI            25.1 
_reflns.pdbx_res_netI_over_av_sigmaI_2   ? 
_reflns.pdbx_res_netI_over_sigmaI_2      ? 
_reflns.pdbx_chi_squared                 ? 
_reflns.pdbx_scaling_rejects             ? 
_reflns.pdbx_d_res_high_opt              ? 
_reflns.pdbx_d_res_low_opt               ? 
_reflns.pdbx_d_res_opt_method            ? 
_reflns.phase_calculation_details        ? 
_reflns.pdbx_Rrim_I_all                  ? 
_reflns.pdbx_Rpim_I_all                  ? 
_reflns.pdbx_d_opt                       ? 
_reflns.pdbx_number_measured_all         ? 
_reflns.pdbx_diffrn_id                   1 
_reflns.pdbx_ordinal                     1 
_reflns.pdbx_CC_half                     0.995 
_reflns.pdbx_CC_star                     ? 
_reflns.pdbx_R_split                     ? 
# 
_reflns_shell.d_res_high                  1.50 
_reflns_shell.d_res_low                   1.53 
_reflns_shell.meanI_over_sigI_all         ? 
_reflns_shell.meanI_over_sigI_obs         13.4 
_reflns_shell.number_measured_all         ? 
_reflns_shell.number_measured_obs         ? 
_reflns_shell.number_possible             ? 
_reflns_shell.number_unique_all           ? 
_reflns_shell.number_unique_obs           1106 
_reflns_shell.percent_possible_all        100.0 
_reflns_shell.percent_possible_obs        ? 
_reflns_shell.Rmerge_F_all                ? 
_reflns_shell.Rmerge_F_obs                ? 
_reflns_shell.Rmerge_I_all                ? 
_reflns_shell.Rmerge_I_obs                ? 
_reflns_shell.meanI_over_sigI_gt          ? 
_reflns_shell.meanI_over_uI_all           ? 
_reflns_shell.meanI_over_uI_gt            ? 
_reflns_shell.number_measured_gt          ? 
_reflns_shell.number_unique_gt            ? 
_reflns_shell.percent_possible_gt         ? 
_reflns_shell.Rmerge_F_gt                 ? 
_reflns_shell.Rmerge_I_gt                 ? 
_reflns_shell.pdbx_redundancy             9.3 
_reflns_shell.pdbx_Rsym_value             ? 
_reflns_shell.pdbx_chi_squared            ? 
_reflns_shell.pdbx_netI_over_sigmaI_all   ? 
_reflns_shell.pdbx_netI_over_sigmaI_obs   ? 
_reflns_shell.pdbx_Rrim_I_all             ? 
_reflns_shell.pdbx_Rpim_I_all             ? 
_reflns_shell.pdbx_rejects                ? 
_reflns_shell.pdbx_ordinal                1 
_reflns_shell.pdbx_diffrn_id              1 
_reflns_shell.pdbx_CC_half                0.992 
_reflns_shell.pdbx_CC_star                ? 
_reflns_shell.pdbx_R_split                ? 
# 
_refine.aniso_B[1][1]                            ? 
_refine.aniso_B[1][2]                            ? 
_refine.aniso_B[1][3]                            ? 
_refine.aniso_B[2][2]                            ? 
_refine.aniso_B[2][3]                            ? 
_refine.aniso_B[3][3]                            ? 
_refine.B_iso_max                                ? 
_refine.B_iso_mean                               17.26 
_refine.B_iso_min                                ? 
_refine.correlation_coeff_Fo_to_Fc               ? 
_refine.correlation_coeff_Fo_to_Fc_free          ? 
_refine.details                                  ? 
_refine.diff_density_max                         ? 
_refine.diff_density_max_esd                     ? 
_refine.diff_density_min                         ? 
_refine.diff_density_min_esd                     ? 
_refine.diff_density_rms                         ? 
_refine.diff_density_rms_esd                     ? 
_refine.entry_id                                 6XY1 
_refine.pdbx_refine_id                           'X-RAY DIFFRACTION' 
_refine.ls_abs_structure_details                 ? 
_refine.ls_abs_structure_Flack                   ? 
_refine.ls_abs_structure_Flack_esd               ? 
_refine.ls_abs_structure_Rogers                  ? 
_refine.ls_abs_structure_Rogers_esd              ? 
_refine.ls_d_res_high                            1.50 
_refine.ls_d_res_low                             53.52 
_refine.ls_extinction_coef                       ? 
_refine.ls_extinction_coef_esd                   ? 
_refine.ls_extinction_expression                 ? 
_refine.ls_extinction_method                     ? 
_refine.ls_goodness_of_fit_all                   ? 
_refine.ls_goodness_of_fit_all_esd               ? 
_refine.ls_goodness_of_fit_obs                   ? 
_refine.ls_goodness_of_fit_obs_esd               ? 
_refine.ls_hydrogen_treatment                    ? 
_refine.ls_matrix_type                           ? 
_refine.ls_number_constraints                    ? 
_refine.ls_number_parameters                     ? 
_refine.ls_number_reflns_all                     ? 
_refine.ls_number_reflns_obs                     22824 
_refine.ls_number_reflns_R_free                  961 
_refine.ls_number_reflns_R_work                  ? 
_refine.ls_number_restraints                     ? 
_refine.ls_percent_reflns_obs                    99.97 
_refine.ls_percent_reflns_R_free                 4.21 
_refine.ls_R_factor_all                          ? 
_refine.ls_R_factor_obs                          0.1623 
_refine.ls_R_factor_R_free                       0.1883 
_refine.ls_R_factor_R_free_error                 ? 
_refine.ls_R_factor_R_free_error_details         ? 
_refine.ls_R_factor_R_work                       0.1612 
_refine.ls_R_Fsqd_factor_obs                     ? 
_refine.ls_R_I_factor_obs                        ? 
_refine.ls_redundancy_reflns_all                 ? 
_refine.ls_redundancy_reflns_obs                 ? 
_refine.ls_restrained_S_all                      ? 
_refine.ls_restrained_S_obs                      ? 
_refine.ls_shift_over_esd_max                    ? 
_refine.ls_shift_over_esd_mean                   ? 
_refine.ls_structure_factor_coef                 ? 
_refine.ls_weighting_details                     ? 
_refine.ls_weighting_scheme                      ? 
_refine.ls_wR_factor_all                         ? 
_refine.ls_wR_factor_obs                         ? 
_refine.ls_wR_factor_R_free                      ? 
_refine.ls_wR_factor_R_work                      ? 
_refine.occupancy_max                            ? 
_refine.occupancy_min                            ? 
_refine.solvent_model_details                    ? 
_refine.solvent_model_param_bsol                 ? 
_refine.solvent_model_param_ksol                 ? 
_refine.pdbx_R_complete                          ? 
_refine.ls_R_factor_gt                           ? 
_refine.ls_goodness_of_fit_gt                    ? 
_refine.ls_goodness_of_fit_ref                   ? 
_refine.ls_shift_over_su_max                     ? 
_refine.ls_shift_over_su_max_lt                  ? 
_refine.ls_shift_over_su_mean                    ? 
_refine.ls_shift_over_su_mean_lt                 ? 
_refine.pdbx_ls_sigma_I                          ? 
_refine.pdbx_ls_sigma_F                          1.43 
_refine.pdbx_ls_sigma_Fsqd                       ? 
_refine.pdbx_data_cutoff_high_absF               ? 
_refine.pdbx_data_cutoff_high_rms_absF           ? 
_refine.pdbx_data_cutoff_low_absF                ? 
_refine.pdbx_isotropic_thermal_model             ? 
_refine.pdbx_ls_cross_valid_method               'FREE R-VALUE' 
_refine.pdbx_method_to_determine_struct          'MOLECULAR REPLACEMENT' 
_refine.pdbx_starting_model                      . 
_refine.pdbx_stereochemistry_target_values       ? 
_refine.pdbx_R_Free_selection_details            ? 
_refine.pdbx_stereochem_target_val_spec_case     ? 
_refine.pdbx_overall_ESU_R                       ? 
_refine.pdbx_overall_ESU_R_Free                  ? 
_refine.pdbx_solvent_vdw_probe_radii             1.1100 
_refine.pdbx_solvent_ion_probe_radii             ? 
_refine.pdbx_solvent_shrinkage_radii             0.9000 
_refine.pdbx_real_space_R                        ? 
_refine.pdbx_density_correlation                 ? 
_refine.pdbx_pd_number_of_powder_patterns        ? 
_refine.pdbx_pd_number_of_points                 ? 
_refine.pdbx_pd_meas_number_of_points            ? 
_refine.pdbx_pd_proc_ls_prof_R_factor            ? 
_refine.pdbx_pd_proc_ls_prof_wR_factor           ? 
_refine.pdbx_pd_Marquardt_correlation_coeff      ? 
_refine.pdbx_pd_Fsqrd_R_factor                   ? 
_refine.pdbx_pd_ls_matrix_band_width             ? 
_refine.pdbx_overall_phase_error                 16.9668 
_refine.pdbx_overall_SU_R_free_Cruickshank_DPI   ? 
_refine.pdbx_overall_SU_R_free_Blow_DPI          ? 
_refine.pdbx_overall_SU_R_Blow_DPI               ? 
_refine.pdbx_TLS_residual_ADP_flag               ? 
_refine.pdbx_diffrn_id                           1 
_refine.overall_SU_B                             ? 
_refine.overall_SU_ML                            0.1318 
_refine.overall_SU_R_Cruickshank_DPI             ? 
_refine.overall_SU_R_free                        ? 
_refine.overall_FOM_free_R_set                   ? 
_refine.overall_FOM_work_R_set                   ? 
_refine.pdbx_average_fsc_overall                 ? 
_refine.pdbx_average_fsc_work                    ? 
_refine.pdbx_average_fsc_free                    ? 
# 
_refine_hist.pdbx_refine_id                   'X-RAY DIFFRACTION' 
_refine_hist.cycle_id                         LAST 
_refine_hist.details                          ? 
_refine_hist.d_res_high                       1.50 
_refine_hist.d_res_low                        53.52 
_refine_hist.number_atoms_solvent             160 
_refine_hist.number_atoms_total               1201 
_refine_hist.number_reflns_all                ? 
_refine_hist.number_reflns_obs                ? 
_refine_hist.number_reflns_R_free             ? 
_refine_hist.number_reflns_R_work             ? 
_refine_hist.R_factor_all                     ? 
_refine_hist.R_factor_obs                     ? 
_refine_hist.R_factor_R_free                  ? 
_refine_hist.R_factor_R_work                  ? 
_refine_hist.pdbx_number_residues_total       ? 
_refine_hist.pdbx_B_iso_mean_ligand           ? 
_refine_hist.pdbx_B_iso_mean_solvent          ? 
_refine_hist.pdbx_number_atoms_protein        1040 
_refine_hist.pdbx_number_atoms_nucleic_acid   0 
_refine_hist.pdbx_number_atoms_ligand         1 
_refine_hist.pdbx_number_atoms_lipid          ? 
_refine_hist.pdbx_number_atoms_carb           ? 
_refine_hist.pdbx_pseudo_atom_details         ? 
# 
loop_
_refine_ls_restr.pdbx_refine_id 
_refine_ls_restr.criterion 
_refine_ls_restr.dev_ideal 
_refine_ls_restr.dev_ideal_target 
_refine_ls_restr.number 
_refine_ls_restr.rejects 
_refine_ls_restr.type 
_refine_ls_restr.weight 
_refine_ls_restr.pdbx_restraint_function 
'X-RAY DIFFRACTION' ? 0.0057  ? 1065 ? f_bond_d           ? ? 
'X-RAY DIFFRACTION' ? 0.7352  ? 1404 ? f_angle_d          ? ? 
'X-RAY DIFFRACTION' ? 0.0329  ? 147  ? f_chiral_restr     ? ? 
'X-RAY DIFFRACTION' ? 0.0034  ? 177  ? f_plane_restr      ? ? 
'X-RAY DIFFRACTION' ? 24.5100 ? 468  ? f_dihedral_angle_d ? ? 
# 
loop_
_refine_ls_shell.pdbx_refine_id 
_refine_ls_shell.d_res_high 
_refine_ls_shell.d_res_low 
_refine_ls_shell.number_reflns_all 
_refine_ls_shell.number_reflns_obs 
_refine_ls_shell.number_reflns_R_free 
_refine_ls_shell.number_reflns_R_work 
_refine_ls_shell.percent_reflns_obs 
_refine_ls_shell.percent_reflns_R_free 
_refine_ls_shell.R_factor_all 
_refine_ls_shell.R_factor_obs 
_refine_ls_shell.R_factor_R_free 
_refine_ls_shell.R_factor_R_free_error 
_refine_ls_shell.R_factor_R_work 
_refine_ls_shell.redundancy_reflns_all 
_refine_ls_shell.redundancy_reflns_obs 
_refine_ls_shell.wR_factor_all 
_refine_ls_shell.wR_factor_obs 
_refine_ls_shell.wR_factor_R_free 
_refine_ls_shell.wR_factor_R_work 
_refine_ls_shell.pdbx_R_complete 
_refine_ls_shell.pdbx_total_number_of_bins_used 
_refine_ls_shell.pdbx_phase_error 
_refine_ls_shell.pdbx_fsc_work 
_refine_ls_shell.pdbx_fsc_free 
'X-RAY DIFFRACTION' 1.50 1.58  . . 156 3082 100.00 . . . 0.1910 . 0.1587 . . . . . . . . . . . 
'X-RAY DIFFRACTION' 1.58 1.68  . . 111 3138 100.00 . . . 0.2154 . 0.1528 . . . . . . . . . . . 
'X-RAY DIFFRACTION' 1.68 1.81  . . 166 3056 100.00 . . . 0.1953 . 0.1576 . . . . . . . . . . . 
'X-RAY DIFFRACTION' 1.81 1.99  . . 129 3143 100.00 . . . 0.1882 . 0.1587 . . . . . . . . . . . 
'X-RAY DIFFRACTION' 1.99 2.28  . . 145 3106 100.00 . . . 0.1528 . 0.1461 . . . . . . . . . . . 
'X-RAY DIFFRACTION' 2.28 2.87  . . 130 3131 100.00 . . . 0.1772 . 0.1641 . . . . . . . . . . . 
'X-RAY DIFFRACTION' 2.87 53.52 . . 124 3207 99.82  . . . 0.2079 . 0.1702 . . . . . . . . . . . 
# 
_struct.entry_id                     6XY1 
_struct.title                        'Crystal structure of a de novo designed parallel four-helix coiled coil, 4-KE-4.' 
_struct.pdbx_model_details           ? 
_struct.pdbx_formula_weight          ? 
_struct.pdbx_formula_weight_method   ? 
_struct.pdbx_model_type_details      ? 
_struct.pdbx_CASP_flag               N 
# 
_struct_keywords.entry_id        6XY1 
_struct_keywords.text            'coiled coil, tetramer, parallel, de novo protein' 
_struct_keywords.pdbx_keywords   'DE NOVO PROTEIN' 
# 
loop_
_struct_asym.id 
_struct_asym.pdbx_blank_PDB_chainid_flag 
_struct_asym.pdbx_modified 
_struct_asym.entity_id 
_struct_asym.details 
A N N 1 ? 
B N N 1 ? 
C N N 1 ? 
D N N 1 ? 
E N N 2 ? 
F N N 2 ? 
G N N 2 ? 
H N N 2 ? 
# 
_struct_ref.id                         1 
_struct_ref.db_name                    PDB 
_struct_ref.db_code                    6XY1 
_struct_ref.pdbx_db_accession          6XY1 
_struct_ref.pdbx_db_isoform            ? 
_struct_ref.entity_id                  1 
_struct_ref.pdbx_seq_one_letter_code   ? 
_struct_ref.pdbx_align_begin           1 
# 
loop_
_struct_ref_seq.align_id 
_struct_ref_seq.ref_id 
_struct_ref_seq.pdbx_PDB_id_code 
_struct_ref_seq.pdbx_strand_id 
_struct_ref_seq.seq_align_beg 
_struct_ref_seq.pdbx_seq_align_beg_ins_code 
_struct_ref_seq.seq_align_end 
_struct_ref_seq.pdbx_seq_align_end_ins_code 
_struct_ref_seq.pdbx_db_accession 
_struct_ref_seq.db_align_beg 
_struct_ref_seq.pdbx_db_align_beg_ins_code 
_struct_ref_seq.db_align_end 
_struct_ref_seq.pdbx_db_align_end_ins_code 
_struct_ref_seq.pdbx_auth_seq_align_beg 
_struct_ref_seq.pdbx_auth_seq_align_end 
1 1 6XY1 A 1 ? 32 ? 6XY1 0 ? 31  ? 0 31  
2 1 6XY1 B 1 ? 32 ? 6XY1 0 ? 101 ? 0 101 
3 1 6XY1 C 1 ? 32 ? 6XY1 0 ? 31  ? 0 31  
4 1 6XY1 D 1 ? 32 ? 6XY1 0 ? 31  ? 0 31  
# 
_pdbx_struct_assembly.id                   1 
_pdbx_struct_assembly.details              author_and_software_defined_assembly 
_pdbx_struct_assembly.method_details       PISA 
_pdbx_struct_assembly.oligomeric_details   tetrameric 
_pdbx_struct_assembly.oligomeric_count     4 
# 
loop_
_pdbx_struct_assembly_prop.biol_id 
_pdbx_struct_assembly_prop.type 
_pdbx_struct_assembly_prop.value 
_pdbx_struct_assembly_prop.details 
1 'ABSA (A^2)' 6050 ? 
1 MORE         -39  ? 
1 'SSA (A^2)'  7920 ? 
# 
_pdbx_struct_assembly_gen.assembly_id       1 
_pdbx_struct_assembly_gen.oper_expression   1 
_pdbx_struct_assembly_gen.asym_id_list      A,B,C,D,E,F,G,H 
# 
_pdbx_struct_assembly_auth_evidence.id                     1 
_pdbx_struct_assembly_auth_evidence.assembly_id            1 
_pdbx_struct_assembly_auth_evidence.experimental_support   'equilibrium centrifugation' 
_pdbx_struct_assembly_auth_evidence.details                ? 
# 
_pdbx_struct_oper_list.id                   1 
_pdbx_struct_oper_list.type                 'identity operation' 
_pdbx_struct_oper_list.name                 1_555 
_pdbx_struct_oper_list.symmetry_operation   x,y,z 
_pdbx_struct_oper_list.matrix[1][1]         1.0000000000 
_pdbx_struct_oper_list.matrix[1][2]         0.0000000000 
_pdbx_struct_oper_list.matrix[1][3]         0.0000000000 
_pdbx_struct_oper_list.vector[1]            0.0000000000 
_pdbx_struct_oper_list.matrix[2][1]         0.0000000000 
_pdbx_struct_oper_list.matrix[2][2]         1.0000000000 
_pdbx_struct_oper_list.matrix[2][3]         0.0000000000 
_pdbx_struct_oper_list.vector[2]            0.0000000000 
_pdbx_struct_oper_list.matrix[3][1]         0.0000000000 
_pdbx_struct_oper_list.matrix[3][2]         0.0000000000 
_pdbx_struct_oper_list.matrix[3][3]         1.0000000000 
_pdbx_struct_oper_list.vector[3]            0.0000000000 
# 
loop_
_struct_conf.conf_type_id 
_struct_conf.id 
_struct_conf.pdbx_PDB_helix_id 
_struct_conf.beg_label_comp_id 
_struct_conf.beg_label_asym_id 
_struct_conf.beg_label_seq_id 
_struct_conf.pdbx_beg_PDB_ins_code 
_struct_conf.end_label_comp_id 
_struct_conf.end_label_asym_id 
_struct_conf.end_label_seq_id 
_struct_conf.pdbx_end_PDB_ins_code 
_struct_conf.beg_auth_comp_id 
_struct_conf.beg_auth_asym_id 
_struct_conf.beg_auth_seq_id 
_struct_conf.end_auth_comp_id 
_struct_conf.end_auth_asym_id 
_struct_conf.end_auth_seq_id 
_struct_conf.pdbx_PDB_helix_class 
_struct_conf.details 
_struct_conf.pdbx_PDB_helix_length 
HELX_P HELX_P1 AA1 GLY A 2 ? GLY A 31 ? GLY A 1 GLY A 30 1 ? 30 
HELX_P HELX_P2 AA2 GLY B 2 ? LEU B 29 ? GLY B 1 LEU B 28 1 ? 28 
HELX_P HELX_P3 AA3 GLU C 3 ? GLY C 31 ? GLU C 2 GLY C 30 1 ? 29 
HELX_P HELX_P4 AA4 GLY D 2 ? GLY D 31 ? GLY D 1 GLY D 30 1 ? 30 
# 
_struct_conf_type.id          HELX_P 
_struct_conf_type.criteria    ? 
_struct_conf_type.reference   ? 
# 
loop_
_struct_conn.id 
_struct_conn.conn_type_id 
_struct_conn.pdbx_leaving_atom_flag 
_struct_conn.pdbx_PDB_id 
_struct_conn.ptnr1_label_asym_id 
_struct_conn.ptnr1_label_comp_id 
_struct_conn.ptnr1_label_seq_id 
_struct_conn.ptnr1_label_atom_id 
_struct_conn.pdbx_ptnr1_label_alt_id 
_struct_conn.pdbx_ptnr1_PDB_ins_code 
_struct_conn.pdbx_ptnr1_standard_comp_id 
_struct_conn.ptnr1_symmetry 
_struct_conn.ptnr2_label_asym_id 
_struct_conn.ptnr2_label_comp_id 
_struct_conn.ptnr2_label_seq_id 
_struct_conn.ptnr2_label_atom_id 
_struct_conn.pdbx_ptnr2_label_alt_id 
_struct_conn.pdbx_ptnr2_PDB_ins_code 
_struct_conn.ptnr1_auth_asym_id 
_struct_conn.ptnr1_auth_comp_id 
_struct_conn.ptnr1_auth_seq_id 
_struct_conn.ptnr2_auth_asym_id 
_struct_conn.ptnr2_auth_comp_id 
_struct_conn.ptnr2_auth_seq_id 
_struct_conn.ptnr2_symmetry 
_struct_conn.pdbx_ptnr3_label_atom_id 
_struct_conn.pdbx_ptnr3_label_seq_id 
_struct_conn.pdbx_ptnr3_label_comp_id 
_struct_conn.pdbx_ptnr3_label_asym_id 
_struct_conn.pdbx_ptnr3_label_alt_id 
_struct_conn.pdbx_ptnr3_PDB_ins_code 
_struct_conn.details 
_struct_conn.pdbx_dist_value 
_struct_conn.pdbx_value_order 
_struct_conn.pdbx_role 
covale1 covale both ? A ACE 1  C ? ? ? 1_555 A GLY 2  N ? ? A ACE 0  A GLY 1   1_555 ? ? ? ? ? ? ? 1.329 ? ? 
covale2 covale both ? B ACE 1  C ? ? ? 1_555 B GLY 2  N ? ? B ACE 0  B GLY 1   1_555 ? ? ? ? ? ? ? 1.333 ? ? 
covale3 covale both ? B GLY 31 C ? ? ? 1_555 B NH2 32 N ? ? B GLY 30 B NH2 101 1_555 ? ? ? ? ? ? ? 1.430 ? ? 
covale4 covale both ? C ACE 1  C ? ? ? 1_555 C GLY 2  N ? ? C ACE 0  C GLY 1   1_555 ? ? ? ? ? ? ? 1.332 ? ? 
covale5 covale both ? D ACE 1  C ? ? ? 1_555 D GLY 2  N ? ? D ACE 0  D GLY 1   1_555 ? ? ? ? ? ? ? 1.330 ? ? 
# 
_struct_conn_type.id          covale 
_struct_conn_type.criteria    ? 
_struct_conn_type.reference   ? 
# 
loop_
_pdbx_modification_feature.ordinal 
_pdbx_modification_feature.label_comp_id 
_pdbx_modification_feature.label_asym_id 
_pdbx_modification_feature.label_seq_id 
_pdbx_modification_feature.label_alt_id 
_pdbx_modification_feature.modified_residue_label_comp_id 
_pdbx_modification_feature.modified_residue_label_asym_id 
_pdbx_modification_feature.modified_residue_label_seq_id 
_pdbx_modification_feature.modified_residue_label_alt_id 
_pdbx_modification_feature.auth_comp_id 
_pdbx_modification_feature.auth_asym_id 
_pdbx_modification_feature.auth_seq_id 
_pdbx_modification_feature.PDB_ins_code 
_pdbx_modification_feature.symmetry 
_pdbx_modification_feature.modified_residue_auth_comp_id 
_pdbx_modification_feature.modified_residue_auth_asym_id 
_pdbx_modification_feature.modified_residue_auth_seq_id 
_pdbx_modification_feature.modified_residue_PDB_ins_code 
_pdbx_modification_feature.modified_residue_symmetry 
_pdbx_modification_feature.comp_id_linking_atom 
_pdbx_modification_feature.modified_residue_id_linking_atom 
_pdbx_modification_feature.modified_residue_id 
_pdbx_modification_feature.ref_pcm_id 
_pdbx_modification_feature.ref_comp_id 
_pdbx_modification_feature.type 
_pdbx_modification_feature.category 
1 ACE A 1  ? GLY A 2  ? ACE A 0   ? 1_555 GLY A 1  ? 1_555 . . GLY 12 ACE None 'Terminal acetylation' 
2 ACE B 1  ? GLY B 2  ? ACE B 0   ? 1_555 GLY B 1  ? 1_555 . . GLY 12 ACE None 'Terminal acetylation' 
3 ACE C 1  ? GLY C 2  ? ACE C 0   ? 1_555 GLY C 1  ? 1_555 . . GLY 12 ACE None 'Terminal acetylation' 
4 ACE D 1  ? GLY D 2  ? ACE D 0   ? 1_555 GLY D 1  ? 1_555 . . GLY 12 ACE None 'Terminal acetylation' 
5 NH2 B 32 ? GLY B 31 ? NH2 B 101 ? 1_555 GLY B 30 ? 1_555 . . GLY 12 NH2 None 'Terminal amidation'   
# 
loop_
_struct_site.id 
_struct_site.pdbx_evidence_code 
_struct_site.pdbx_auth_asym_id 
_struct_site.pdbx_auth_comp_id 
_struct_site.pdbx_auth_seq_id 
_struct_site.pdbx_auth_ins_code 
_struct_site.pdbx_num_residues 
_struct_site.details 
AC1 Software B ACE 0   ? 5 'binding site for Di-peptide ACE B 0 and GLY B 1'    
AC2 Software B NH2 101 ? 8 'binding site for Di-peptide NH2 B 101 and GLY B 30' 
AC3 Software C ACE 0   ? 4 'binding site for Di-peptide ACE C 0 and GLY C 1'    
AC4 Software D ACE 0   ? 7 'binding site for Di-peptide ACE D 0 and GLY D 1'    
# 
loop_
_struct_site_gen.id 
_struct_site_gen.site_id 
_struct_site_gen.pdbx_num_res 
_struct_site_gen.label_comp_id 
_struct_site_gen.label_asym_id 
_struct_site_gen.label_seq_id 
_struct_site_gen.pdbx_auth_ins_code 
_struct_site_gen.auth_comp_id 
_struct_site_gen.auth_asym_id 
_struct_site_gen.auth_seq_id 
_struct_site_gen.label_atom_id 
_struct_site_gen.label_alt_id 
_struct_site_gen.symmetry 
_struct_site_gen.details 
1  AC1 5 GLU B 3  ? GLU B 2   . ? 1_555 ? 
2  AC1 5 ILE B 4  ? ILE B 3   . ? 1_555 ? 
3  AC1 5 GLN B 5  ? GLN B 4   . ? 1_555 ? 
4  AC1 5 LYS B 6  ? LYS B 5   . ? 1_555 ? 
5  AC1 5 LYS B 16 ? LYS B 15  . ? 3_664 ? 
6  AC2 8 GLN A 7  ? GLN A 6   . ? 2_565 ? 
7  AC2 8 HOH E .  ? HOH A 108 . ? 4_455 ? 
8  AC2 8 LEU B 29 ? LEU B 28  . ? 1_555 ? 
9  AC2 8 LYS B 30 ? LYS B 29  . ? 1_555 ? 
10 AC2 8 HOH F .  ? HOH B 216 . ? 1_555 ? 
11 AC2 8 HOH F .  ? HOH B 217 . ? 1_555 ? 
12 AC2 8 GLN C 12 ? GLN C 11  . ? 2_565 ? 
13 AC2 8 HOH G .  ? HOH C 111 . ? 2_565 ? 
14 AC3 4 GLU C 3  ? GLU C 2   . ? 1_555 ? 
15 AC3 4 ILE C 4  ? ILE C 3   . ? 1_555 ? 
16 AC3 4 GLN C 7  ? GLN C 6   . ? 1_555 ? 
17 AC3 4 GLN D 5  ? GLN D 4   . ? 1_555 ? 
18 AC4 7 LYS B 27 ? LYS B 26  . ? 3_664 ? 
19 AC4 7 HOH F .  ? HOH B 205 . ? 3_664 ? 
20 AC4 7 GLU D 3  ? GLU D 2   . ? 1_555 ? 
21 AC4 7 ILE D 4  ? ILE D 3   . ? 1_555 ? 
22 AC4 7 GLN D 5  ? GLN D 4   . ? 1_555 ? 
23 AC4 7 LYS D 6  ? LYS D 5   . ? 1_555 ? 
24 AC4 7 HOH H .  ? HOH D 122 . ? 1_555 ? 
# 
_pdbx_entry_details.entry_id                   6XY1 
_pdbx_entry_details.has_ligand_of_interest     N 
_pdbx_entry_details.compound_details           ? 
_pdbx_entry_details.source_details             ? 
_pdbx_entry_details.nonpolymer_details         ? 
_pdbx_entry_details.sequence_details           ? 
_pdbx_entry_details.has_protein_modification   Y 
# 
loop_
_pdbx_validate_close_contact.id 
_pdbx_validate_close_contact.PDB_model_num 
_pdbx_validate_close_contact.auth_atom_id_1 
_pdbx_validate_close_contact.auth_asym_id_1 
_pdbx_validate_close_contact.auth_comp_id_1 
_pdbx_validate_close_contact.auth_seq_id_1 
_pdbx_validate_close_contact.PDB_ins_code_1 
_pdbx_validate_close_contact.label_alt_id_1 
_pdbx_validate_close_contact.auth_atom_id_2 
_pdbx_validate_close_contact.auth_asym_id_2 
_pdbx_validate_close_contact.auth_comp_id_2 
_pdbx_validate_close_contact.auth_seq_id_2 
_pdbx_validate_close_contact.PDB_ins_code_2 
_pdbx_validate_close_contact.label_alt_id_2 
_pdbx_validate_close_contact.dist 
1  1 O   A HOH 103 ? ? O A HOH 137 ? ? 1.83 
2  1 O   C HOH 126 ? ? O C HOH 139 ? ? 1.91 
3  1 O   D HOH 123 ? ? O D HOH 124 ? ? 1.99 
4  1 O   A HOH 124 ? ? O A HOH 140 ? ? 2.07 
5  1 NE2 D GLN 11  ? ? O D HOH 101 ? ? 2.07 
6  1 O   C HOH 101 ? ? O C HOH 124 ? ? 2.08 
7  1 OE1 D GLN 11  ? ? O D HOH 102 ? ? 2.12 
8  1 OE2 D GLU 23  ? ? O D HOH 103 ? ? 2.14 
9  1 NZ  A LYS 22  ? ? O A HOH 101 ? ? 2.16 
10 1 NE2 C GLN 13  ? ? O D HOH 102 ? ? 2.16 
11 1 O   C HOH 113 ? ? O D HOH 137 ? ? 2.17 
12 1 OE2 C GLU 23  ? ? O C HOH 101 ? ? 2.17 
13 1 O   C HOH 128 ? ? O C HOH 130 ? ? 2.17 
14 1 O   A HOH 125 ? ? O A HOH 134 ? ? 2.18 
15 1 O   A HOH 102 ? ? O A HOH 140 ? ? 2.18 
16 1 OE1 A GLU 16  ? ? O A HOH 102 ? ? 2.19 
# 
loop_
_space_group_symop.id 
_space_group_symop.operation_xyz 
1 x,y,z       
2 -y,x,z+3/4  
3 y,-x,z+1/4  
4 -x,-y,z+1/2 
# 
loop_
_pdbx_unobs_or_zero_occ_residues.id 
_pdbx_unobs_or_zero_occ_residues.PDB_model_num 
_pdbx_unobs_or_zero_occ_residues.polymer_flag 
_pdbx_unobs_or_zero_occ_residues.occupancy_flag 
_pdbx_unobs_or_zero_occ_residues.auth_asym_id 
_pdbx_unobs_or_zero_occ_residues.auth_comp_id 
_pdbx_unobs_or_zero_occ_residues.auth_seq_id 
_pdbx_unobs_or_zero_occ_residues.PDB_ins_code 
_pdbx_unobs_or_zero_occ_residues.label_asym_id 
_pdbx_unobs_or_zero_occ_residues.label_comp_id 
_pdbx_unobs_or_zero_occ_residues.label_seq_id 
1 1 Y 1 A NH2 31 ? A NH2 32 
2 1 Y 1 C NH2 31 ? C NH2 32 
3 1 Y 1 D NH2 31 ? D NH2 32 
# 
loop_
_chem_comp_atom.comp_id 
_chem_comp_atom.atom_id 
_chem_comp_atom.type_symbol 
_chem_comp_atom.pdbx_aromatic_flag 
_chem_comp_atom.pdbx_stereo_config 
_chem_comp_atom.pdbx_ordinal 
ACE C    C N N 1   
ACE O    O N N 2   
ACE CH3  C N N 3   
ACE H    H N N 4   
ACE H1   H N N 5   
ACE H2   H N N 6   
ACE H3   H N N 7   
GLN N    N N N 8   
GLN CA   C N S 9   
GLN C    C N N 10  
GLN O    O N N 11  
GLN CB   C N N 12  
GLN CG   C N N 13  
GLN CD   C N N 14  
GLN OE1  O N N 15  
GLN NE2  N N N 16  
GLN OXT  O N N 17  
GLN H    H N N 18  
GLN H2   H N N 19  
GLN HA   H N N 20  
GLN HB2  H N N 21  
GLN HB3  H N N 22  
GLN HG2  H N N 23  
GLN HG3  H N N 24  
GLN HE21 H N N 25  
GLN HE22 H N N 26  
GLN HXT  H N N 27  
GLU N    N N N 28  
GLU CA   C N S 29  
GLU C    C N N 30  
GLU O    O N N 31  
GLU CB   C N N 32  
GLU CG   C N N 33  
GLU CD   C N N 34  
GLU OE1  O N N 35  
GLU OE2  O N N 36  
GLU OXT  O N N 37  
GLU H    H N N 38  
GLU H2   H N N 39  
GLU HA   H N N 40  
GLU HB2  H N N 41  
GLU HB3  H N N 42  
GLU HG2  H N N 43  
GLU HG3  H N N 44  
GLU HE2  H N N 45  
GLU HXT  H N N 46  
GLY N    N N N 47  
GLY CA   C N N 48  
GLY C    C N N 49  
GLY O    O N N 50  
GLY OXT  O N N 51  
GLY H    H N N 52  
GLY H2   H N N 53  
GLY HA2  H N N 54  
GLY HA3  H N N 55  
GLY HXT  H N N 56  
HOH O    O N N 57  
HOH H1   H N N 58  
HOH H2   H N N 59  
ILE N    N N N 60  
ILE CA   C N S 61  
ILE C    C N N 62  
ILE O    O N N 63  
ILE CB   C N S 64  
ILE CG1  C N N 65  
ILE CG2  C N N 66  
ILE CD1  C N N 67  
ILE OXT  O N N 68  
ILE H    H N N 69  
ILE H2   H N N 70  
ILE HA   H N N 71  
ILE HB   H N N 72  
ILE HG12 H N N 73  
ILE HG13 H N N 74  
ILE HG21 H N N 75  
ILE HG22 H N N 76  
ILE HG23 H N N 77  
ILE HD11 H N N 78  
ILE HD12 H N N 79  
ILE HD13 H N N 80  
ILE HXT  H N N 81  
LEU N    N N N 82  
LEU CA   C N S 83  
LEU C    C N N 84  
LEU O    O N N 85  
LEU CB   C N N 86  
LEU CG   C N N 87  
LEU CD1  C N N 88  
LEU CD2  C N N 89  
LEU OXT  O N N 90  
LEU H    H N N 91  
LEU H2   H N N 92  
LEU HA   H N N 93  
LEU HB2  H N N 94  
LEU HB3  H N N 95  
LEU HG   H N N 96  
LEU HD11 H N N 97  
LEU HD12 H N N 98  
LEU HD13 H N N 99  
LEU HD21 H N N 100 
LEU HD22 H N N 101 
LEU HD23 H N N 102 
LEU HXT  H N N 103 
LYS N    N N N 104 
LYS CA   C N S 105 
LYS C    C N N 106 
LYS O    O N N 107 
LYS CB   C N N 108 
LYS CG   C N N 109 
LYS CD   C N N 110 
LYS CE   C N N 111 
LYS NZ   N N N 112 
LYS OXT  O N N 113 
LYS H    H N N 114 
LYS H2   H N N 115 
LYS HA   H N N 116 
LYS HB2  H N N 117 
LYS HB3  H N N 118 
LYS HG2  H N N 119 
LYS HG3  H N N 120 
LYS HD2  H N N 121 
LYS HD3  H N N 122 
LYS HE2  H N N 123 
LYS HE3  H N N 124 
LYS HZ1  H N N 125 
LYS HZ2  H N N 126 
LYS HZ3  H N N 127 
LYS HXT  H N N 128 
NH2 N    N N N 129 
NH2 HN1  H N N 130 
NH2 HN2  H N N 131 
TRP N    N N N 132 
TRP CA   C N S 133 
TRP C    C N N 134 
TRP O    O N N 135 
TRP CB   C N N 136 
TRP CG   C Y N 137 
TRP CD1  C Y N 138 
TRP CD2  C Y N 139 
TRP NE1  N Y N 140 
TRP CE2  C Y N 141 
TRP CE3  C Y N 142 
TRP CZ2  C Y N 143 
TRP CZ3  C Y N 144 
TRP CH2  C Y N 145 
TRP OXT  O N N 146 
TRP H    H N N 147 
TRP H2   H N N 148 
TRP HA   H N N 149 
TRP HB2  H N N 150 
TRP HB3  H N N 151 
TRP HD1  H N N 152 
TRP HE1  H N N 153 
TRP HE3  H N N 154 
TRP HZ2  H N N 155 
TRP HZ3  H N N 156 
TRP HH2  H N N 157 
TRP HXT  H N N 158 
# 
loop_
_chem_comp_bond.comp_id 
_chem_comp_bond.atom_id_1 
_chem_comp_bond.atom_id_2 
_chem_comp_bond.value_order 
_chem_comp_bond.pdbx_aromatic_flag 
_chem_comp_bond.pdbx_stereo_config 
_chem_comp_bond.pdbx_ordinal 
ACE C   O    doub N N 1   
ACE C   CH3  sing N N 2   
ACE C   H    sing N N 3   
ACE CH3 H1   sing N N 4   
ACE CH3 H2   sing N N 5   
ACE CH3 H3   sing N N 6   
GLN N   CA   sing N N 7   
GLN N   H    sing N N 8   
GLN N   H2   sing N N 9   
GLN CA  C    sing N N 10  
GLN CA  CB   sing N N 11  
GLN CA  HA   sing N N 12  
GLN C   O    doub N N 13  
GLN C   OXT  sing N N 14  
GLN CB  CG   sing N N 15  
GLN CB  HB2  sing N N 16  
GLN CB  HB3  sing N N 17  
GLN CG  CD   sing N N 18  
GLN CG  HG2  sing N N 19  
GLN CG  HG3  sing N N 20  
GLN CD  OE1  doub N N 21  
GLN CD  NE2  sing N N 22  
GLN NE2 HE21 sing N N 23  
GLN NE2 HE22 sing N N 24  
GLN OXT HXT  sing N N 25  
GLU N   CA   sing N N 26  
GLU N   H    sing N N 27  
GLU N   H2   sing N N 28  
GLU CA  C    sing N N 29  
GLU CA  CB   sing N N 30  
GLU CA  HA   sing N N 31  
GLU C   O    doub N N 32  
GLU C   OXT  sing N N 33  
GLU CB  CG   sing N N 34  
GLU CB  HB2  sing N N 35  
GLU CB  HB3  sing N N 36  
GLU CG  CD   sing N N 37  
GLU CG  HG2  sing N N 38  
GLU CG  HG3  sing N N 39  
GLU CD  OE1  doub N N 40  
GLU CD  OE2  sing N N 41  
GLU OE2 HE2  sing N N 42  
GLU OXT HXT  sing N N 43  
GLY N   CA   sing N N 44  
GLY N   H    sing N N 45  
GLY N   H2   sing N N 46  
GLY CA  C    sing N N 47  
GLY CA  HA2  sing N N 48  
GLY CA  HA3  sing N N 49  
GLY C   O    doub N N 50  
GLY C   OXT  sing N N 51  
GLY OXT HXT  sing N N 52  
HOH O   H1   sing N N 53  
HOH O   H2   sing N N 54  
ILE N   CA   sing N N 55  
ILE N   H    sing N N 56  
ILE N   H2   sing N N 57  
ILE CA  C    sing N N 58  
ILE CA  CB   sing N N 59  
ILE CA  HA   sing N N 60  
ILE C   O    doub N N 61  
ILE C   OXT  sing N N 62  
ILE CB  CG1  sing N N 63  
ILE CB  CG2  sing N N 64  
ILE CB  HB   sing N N 65  
ILE CG1 CD1  sing N N 66  
ILE CG1 HG12 sing N N 67  
ILE CG1 HG13 sing N N 68  
ILE CG2 HG21 sing N N 69  
ILE CG2 HG22 sing N N 70  
ILE CG2 HG23 sing N N 71  
ILE CD1 HD11 sing N N 72  
ILE CD1 HD12 sing N N 73  
ILE CD1 HD13 sing N N 74  
ILE OXT HXT  sing N N 75  
LEU N   CA   sing N N 76  
LEU N   H    sing N N 77  
LEU N   H2   sing N N 78  
LEU CA  C    sing N N 79  
LEU CA  CB   sing N N 80  
LEU CA  HA   sing N N 81  
LEU C   O    doub N N 82  
LEU C   OXT  sing N N 83  
LEU CB  CG   sing N N 84  
LEU CB  HB2  sing N N 85  
LEU CB  HB3  sing N N 86  
LEU CG  CD1  sing N N 87  
LEU CG  CD2  sing N N 88  
LEU CG  HG   sing N N 89  
LEU CD1 HD11 sing N N 90  
LEU CD1 HD12 sing N N 91  
LEU CD1 HD13 sing N N 92  
LEU CD2 HD21 sing N N 93  
LEU CD2 HD22 sing N N 94  
LEU CD2 HD23 sing N N 95  
LEU OXT HXT  sing N N 96  
LYS N   CA   sing N N 97  
LYS N   H    sing N N 98  
LYS N   H2   sing N N 99  
LYS CA  C    sing N N 100 
LYS CA  CB   sing N N 101 
LYS CA  HA   sing N N 102 
LYS C   O    doub N N 103 
LYS C   OXT  sing N N 104 
LYS CB  CG   sing N N 105 
LYS CB  HB2  sing N N 106 
LYS CB  HB3  sing N N 107 
LYS CG  CD   sing N N 108 
LYS CG  HG2  sing N N 109 
LYS CG  HG3  sing N N 110 
LYS CD  CE   sing N N 111 
LYS CD  HD2  sing N N 112 
LYS CD  HD3  sing N N 113 
LYS CE  NZ   sing N N 114 
LYS CE  HE2  sing N N 115 
LYS CE  HE3  sing N N 116 
LYS NZ  HZ1  sing N N 117 
LYS NZ  HZ2  sing N N 118 
LYS NZ  HZ3  sing N N 119 
LYS OXT HXT  sing N N 120 
NH2 N   HN1  sing N N 121 
NH2 N   HN2  sing N N 122 
TRP N   CA   sing N N 123 
TRP N   H    sing N N 124 
TRP N   H2   sing N N 125 
TRP CA  C    sing N N 126 
TRP CA  CB   sing N N 127 
TRP CA  HA   sing N N 128 
TRP C   O    doub N N 129 
TRP C   OXT  sing N N 130 
TRP CB  CG   sing N N 131 
TRP CB  HB2  sing N N 132 
TRP CB  HB3  sing N N 133 
TRP CG  CD1  doub Y N 134 
TRP CG  CD2  sing Y N 135 
TRP CD1 NE1  sing Y N 136 
TRP CD1 HD1  sing N N 137 
TRP CD2 CE2  doub Y N 138 
TRP CD2 CE3  sing Y N 139 
TRP NE1 CE2  sing Y N 140 
TRP NE1 HE1  sing N N 141 
TRP CE2 CZ2  sing Y N 142 
TRP CE3 CZ3  doub Y N 143 
TRP CE3 HE3  sing N N 144 
TRP CZ2 CH2  doub Y N 145 
TRP CZ2 HZ2  sing N N 146 
TRP CZ3 CH2  sing Y N 147 
TRP CZ3 HZ3  sing N N 148 
TRP CH2 HH2  sing N N 149 
TRP OXT HXT  sing N N 150 
# 
loop_
_pdbx_audit_support.funding_organization 
_pdbx_audit_support.country 
_pdbx_audit_support.grant_number 
_pdbx_audit_support.ordinal 
'Biotechnology and Biological Sciences Research Council (BBSRC)' 'United Kingdom' BB/S002820/1 1 
'Biotechnology and Biological Sciences Research Council (BBSRC)' 'United Kingdom' EP/L016494/1 2 
'Engineering and Physical Sciences Research Council'             'United Kingdom' EP/L016494/1 3 
# 
_space_group.name_H-M_alt     'P 43' 
_space_group.name_Hall        'P 4cw' 
_space_group.IT_number        78 
_space_group.crystal_system   tetragonal 
_space_group.id               1 
# 
_atom_sites.entry_id                    6XY1 
_atom_sites.Cartn_transf_matrix[1][1]   ? 
_atom_sites.Cartn_transf_matrix[1][2]   ? 
_atom_sites.Cartn_transf_matrix[1][3]   ? 
_atom_sites.Cartn_transf_matrix[2][1]   ? 
_atom_sites.Cartn_transf_matrix[2][2]   ? 
_atom_sites.Cartn_transf_matrix[2][3]   ? 
_atom_sites.Cartn_transf_matrix[3][1]   ? 
_atom_sites.Cartn_transf_matrix[3][2]   ? 
_atom_sites.Cartn_transf_matrix[3][3]   ? 
_atom_sites.Cartn_transf_vector[1]      ? 
_atom_sites.Cartn_transf_vector[2]      ? 
_atom_sites.Cartn_transf_vector[3]      ? 
_atom_sites.fract_transf_matrix[1][1]   -0.00357267 
_atom_sites.fract_transf_matrix[1][2]   -0.00683365 
_atom_sites.fract_transf_matrix[1][3]   -0.01701959 
_atom_sites.fract_transf_matrix[2][1]   0.00668377 
_atom_sites.fract_transf_matrix[2][2]   0.01566194 
_atom_sites.fract_transf_matrix[2][3]   -0.00769156 
_atom_sites.fract_transf_matrix[3][1]   0.01817952 
_atom_sites.fract_transf_matrix[3][2]   -0.00804577 
_atom_sites.fract_transf_matrix[3][3]   -0.00058565 
_atom_sites.fract_transf_vector[1]      0.037977 
_atom_sites.fract_transf_vector[2]      0.603141 
_atom_sites.fract_transf_vector[3]      0.106651 
_atom_sites.solution_primary            ? 
_atom_sites.solution_secondary          ? 
_atom_sites.solution_hydrogens          ? 
_atom_sites.special_details             ? 
# 
loop_
_atom_type.symbol 
_atom_type.scat_dispersion_real 
_atom_type.scat_dispersion_imag 
_atom_type.scat_Cromer_Mann_a1 
_atom_type.scat_Cromer_Mann_a2 
_atom_type.scat_Cromer_Mann_a3 
_atom_type.scat_Cromer_Mann_a4 
_atom_type.scat_Cromer_Mann_b1 
_atom_type.scat_Cromer_Mann_b2 
_atom_type.scat_Cromer_Mann_b3 
_atom_type.scat_Cromer_Mann_b4 
_atom_type.scat_Cromer_Mann_c 
_atom_type.scat_source 
_atom_type.scat_dispersion_source 
C ? ? 3.54356 2.42580 ? ? 25.62398 1.50364 ? ? 0.0 
;2-Gaussian fit: Grosse-Kunstleve RW, Sauter NK, Adams PD: Newsletter of the IUCr Commission on Crystallographic Computing 2004, 3, 22-31.
;
? 
N ? ? 4.01032 2.96436 ? ? 19.97189 1.75589 ? ? 0.0 
;2-Gaussian fit: Grosse-Kunstleve RW, Sauter NK, Adams PD: Newsletter of the IUCr Commission on Crystallographic Computing 2004, 3, 22-31.
;
? 
O ? ? 4.49882 3.47563 ? ? 15.80542 1.70748 ? ? 0.0 
;2-Gaussian fit: Grosse-Kunstleve RW, Sauter NK, Adams PD: Newsletter of the IUCr Commission on Crystallographic Computing 2004, 3, 22-31.
;
? 
# 
loop_
_atom_site.group_PDB 
_atom_site.id 
_atom_site.type_symbol 
_atom_site.label_atom_id 
_atom_site.label_alt_id 
_atom_site.label_comp_id 
_atom_site.label_asym_id 
_atom_site.label_entity_id 
_atom_site.label_seq_id 
_atom_site.pdbx_PDB_ins_code 
_atom_site.Cartn_x 
_atom_site.Cartn_y 
_atom_site.Cartn_z 
_atom_site.occupancy 
_atom_site.B_iso_or_equiv 
_atom_site.pdbx_formal_charge 
_atom_site.auth_seq_id 
_atom_site.auth_comp_id 
_atom_site.auth_asym_id 
_atom_site.auth_atom_id 
_atom_site.pdbx_PDB_model_num 
HETATM 1    C C   . ACE A 1 1  ? -2.69067  17.77632  -15.73151 1.000 9.52202  ? 0   ACE A C   1 
HETATM 2    O O   . ACE A 1 1  ? -3.48896  18.68992  -15.50260 1.000 11.22510 ? 0   ACE A O   1 
HETATM 3    C CH3 . ACE A 1 1  ? -1.21535  17.91157  -15.53451 1.000 8.14791  ? 0   ACE A CH3 1 
ATOM   4    N N   . GLY A 1 2  ? -3.10801  16.59647  -16.17910 1.000 8.38552  ? 1   GLY A N   1 
ATOM   5    C CA  . GLY A 1 2  ? -4.51503  16.33425  -16.41741 1.000 7.67511  ? 1   GLY A CA  1 
ATOM   6    C C   . GLY A 1 2  ? -5.04792  15.19130  -15.59303 1.000 9.32853  ? 1   GLY A C   1 
ATOM   7    O O   . GLY A 1 2  ? -4.63241  15.01117  -14.44970 1.000 8.31646  ? 1   GLY A O   1 
ATOM   8    N N   . GLU A 1 3  ? -5.95132  14.40659  -16.18068 1.000 7.55562  ? 2   GLU A N   1 
ATOM   9    C CA  . GLU A 1 3  ? -6.58034  13.31275  -15.44916 1.000 7.94833  ? 2   GLU A CA  1 
ATOM   10   C C   . GLU A 1 3  ? -5.57362  12.26276  -15.00945 1.000 8.34156  ? 2   GLU A C   1 
ATOM   11   O O   . GLU A 1 3  ? -5.75365  11.63600  -13.95699 1.000 10.17061 ? 2   GLU A O   1 
ATOM   12   C CB  . GLU A 1 3  ? -7.65354  12.65400  -16.31413 1.000 10.58374 ? 2   GLU A CB  1 
ATOM   13   C CG  . GLU A 1 3  ? -9.00826  13.31316  -16.20988 1.000 12.69354 ? 2   GLU A CG  1 
ATOM   14   C CD  . GLU A 1 3  ? -9.54593  13.27564  -14.79307 1.000 12.34217 ? 2   GLU A CD  1 
ATOM   15   O OE1 . GLU A 1 3  ? -9.58649  14.33952  -14.16328 1.000 14.44273 ? 2   GLU A OE1 1 
ATOM   16   O OE2 . GLU A 1 3  ? -9.93083  12.17945  -14.33033 1.000 14.34550 ? 2   GLU A OE2 1 
ATOM   17   N N   . ILE A 1 4  ? -4.52969  12.01696  -15.80288 1.000 7.43071  ? 3   ILE A N   1 
ATOM   18   C CA  . ILE A 1 4  ? -3.54793  11.02503  -15.37355 1.000 8.19806  ? 3   ILE A CA  1 
ATOM   19   C C   . ILE A 1 4  ? -2.80457  11.53504  -14.14578 1.000 8.20999  ? 3   ILE A C   1 
ATOM   20   O O   . ILE A 1 4  ? -2.76805  10.86223  -13.10821 1.000 8.02414  ? 3   ILE A O   1 
ATOM   21   C CB  . ILE A 1 4  ? -2.59632  10.64355  -16.52348 1.000 6.86881  ? 3   ILE A CB  1 
ATOM   22   C CG1 . ILE A 1 4  ? -3.41002  10.14879  -17.73273 1.000 11.47593 ? 3   ILE A CG1 1 
ATOM   23   C CG2 . ILE A 1 4  ? -1.59388  9.57383   -16.04750 1.000 10.01649 ? 3   ILE A CG2 1 
ATOM   24   C CD1 . ILE A 1 4  ? -2.55051  9.78182   -18.95258 1.000 11.57673 ? 3   ILE A CD1 1 
ATOM   25   N N   . GLN A 1 5  ? -2.26327  12.75508  -14.20583 1.000 7.53620  ? 4   GLN A N   1 
ATOM   26   C CA  . GLN A 1 5  ? -1.61539  13.30175  -13.01555 1.000 7.08059  ? 4   GLN A CA  1 
ATOM   27   C C   . GLN A 1 5  ? -2.57364  13.34922  -11.83002 1.000 8.15372  ? 4   GLN A C   1 
ATOM   28   O O   . GLN A 1 5  ? -2.17590  13.05787  -10.69539 1.000 8.43732  ? 4   GLN A O   1 
ATOM   29   C CB  . GLN A 1 5  ? -1.05920  14.69501  -13.29540 1.000 8.63538  ? 4   GLN A CB  1 
ATOM   30   C CG  . GLN A 1 5  ? -0.43188  15.32261  -12.05535 1.000 9.35387  ? 4   GLN A CG  1 
ATOM   31   C CD  . GLN A 1 5  ? 0.17333   16.67139  -12.34190 1.000 13.38553 ? 4   GLN A CD  1 
ATOM   32   O OE1 . GLN A 1 5  ? 1.28965   16.75278  -12.83617 1.000 15.42042 ? 4   GLN A OE1 1 
ATOM   33   N NE2 . GLN A 1 5  ? -0.56938  17.73855  -12.05567 1.000 14.77195 ? 4   GLN A NE2 1 
ATOM   34   N N   . LYS A 1 6  ? -3.83446  13.72370  -12.06593 1.000 7.33128  ? 5   LYS A N   1 
ATOM   35   C CA  . LYS A 1 6  ? -4.76699  13.90405  -10.95672 1.000 7.00401  ? 5   LYS A CA  1 
ATOM   36   C C   . LYS A 1 6  ? -5.05772  12.58165  -10.27031 1.000 8.48655  ? 5   LYS A C   1 
ATOM   37   O O   . LYS A 1 6  ? -5.07593  12.50487  -9.03351  1.000 9.58445  ? 5   LYS A O   1 
ATOM   38   C CB  . LYS A 1 6  ? -6.06922  14.52820  -11.45874 1.000 10.13988 ? 5   LYS A CB  1 
ATOM   39   C CG  . LYS A 1 6  ? -7.08329  14.75387  -10.34512 1.000 13.07196 ? 5   LYS A CG  1 
ATOM   40   C CD  . LYS A 1 6  ? -8.36959  15.37787  -10.86031 1.000 16.60174 ? 5   LYS A CD  1 
ATOM   41   C CE  . LYS A 1 6  ? -9.43800  15.35395  -9.77011  1.000 22.97302 ? 5   LYS A CE  1 
ATOM   42   N NZ  . LYS A 1 6  ? -10.65668 16.08701  -10.19397 1.000 27.96084 ? 5   LYS A NZ  1 
ATOM   43   N N   . GLN A 1 7  ? -5.27541  11.53126  -11.05332 1.000 8.11186  ? 6   GLN A N   1 
ATOM   44   C CA  . GLN A 1 7  ? -5.56803  10.25093  -10.42622 1.000 7.39789  ? 6   GLN A CA  1 
ATOM   45   C C   . GLN A 1 7  ? -4.31716  9.62005   -9.82948  1.000 8.80048  ? 6   GLN A C   1 
ATOM   46   O O   . GLN A 1 7  ? -4.41291  8.89845   -8.83129  1.000 8.45079  ? 6   GLN A O   1 
ATOM   47   C CB  . GLN A 1 7  ? -6.25453  9.31813   -11.41603 1.000 7.81770  ? 6   GLN A CB  1 
ATOM   48   C CG  . GLN A 1 7  ? -7.56072  9.88240   -11.99967 1.000 11.63967 ? 6   GLN A CG  1 
ATOM   49   C CD  . GLN A 1 7  ? -8.52001  10.45452  -10.95651 1.000 15.17876 ? 6   GLN A CD  1 
ATOM   50   O OE1 . GLN A 1 7  ? -8.51047  10.07201  -9.78612  1.000 12.68613 ? 6   GLN A OE1 1 
ATOM   51   N NE2 . GLN A 1 7  ? -9.37745  11.37208  -11.39525 1.000 16.09841 ? 6   GLN A NE2 1 
ATOM   52   N N   . LEU A 1 8  ? -3.13538  9.91036   -10.38075 1.000 7.15691  ? 7   LEU A N   1 
ATOM   53   C CA  . LEU A 1 8  ? -1.90285  9.48831   -9.72457  1.000 6.55131  ? 7   LEU A CA  1 
ATOM   54   C C   . LEU A 1 8  ? -1.70782  10.22616  -8.40731  1.000 9.20417  ? 7   LEU A C   1 
ATOM   55   O O   . LEU A 1 8  ? -1.24586  9.63134   -7.42669  1.000 8.30735  ? 7   LEU A O   1 
ATOM   56   C CB  . LEU A 1 8  ? -0.71554  9.70803   -10.66256 1.000 6.80903  ? 7   LEU A CB  1 
ATOM   57   C CG  . LEU A 1 8  ? -0.63010  8.78033   -11.87244 1.000 8.19786  ? 7   LEU A CG  1 
ATOM   58   C CD1 . LEU A 1 8  ? 0.60083   9.11825   -12.70675 1.000 10.20360 ? 7   LEU A CD1 1 
ATOM   59   C CD2 . LEU A 1 8  ? -0.58303  7.33029   -11.44393 1.000 9.55058  ? 7   LEU A CD2 1 
ATOM   60   N N   . LYS A 1 9  ? -2.08612  11.51079  -8.35516  1.000 7.73995  ? 8   LYS A N   1 
ATOM   61   C CA  . LYS A 1 9  ? -2.00640  12.25196  -7.09736  1.000 8.00152  ? 8   LYS A CA  1 
ATOM   62   C C   . LYS A 1 9  ? -2.95670  11.66805  -6.05851  1.000 8.10713  ? 8   LYS A C   1 
ATOM   63   O O   . LYS A 1 9  ? -2.61869  11.60357  -4.86849  1.000 9.25250  ? 8   LYS A O   1 
ATOM   64   C CB  . LYS A 1 9  ? -2.31024  13.73583  -7.33515  1.000 9.73557  ? 8   LYS A CB  1 
ATOM   65   C CG  . LYS A 1 9  ? -1.09218  14.52667  -7.76126  1.000 15.73006 ? 8   LYS A CG  1 
ATOM   66   C CD  . LYS A 1 9  ? -1.33881  16.03167  -7.70227  1.000 20.72914 ? 8   LYS A CD  1 
ATOM   67   C CE  . LYS A 1 9  ? -0.31103  16.77903  -8.54745  1.000 31.92203 ? 8   LYS A CE  1 
ATOM   68   N NZ  . LYS A 1 9  ? 0.87975   15.93405  -8.84459  1.000 38.64262 ? 8   LYS A NZ  1 
ATOM   69   N N   . GLU A 1 10 ? -4.14923  11.24192  -6.48792  1.000 8.65076  ? 9   GLU A N   1 
ATOM   70   C CA  . GLU A 1 10 ? -5.07073  10.59023  -5.55964  1.000 9.49035  ? 9   GLU A CA  1 
ATOM   71   C C   . GLU A 1 10 ? -4.47701  9.29041   -5.03282  1.000 9.04606  ? 9   GLU A C   1 
ATOM   72   O O   . GLU A 1 10 ? -4.57849  8.99372   -3.83516  1.000 9.10689  ? 9   GLU A O   1 
ATOM   73   C CB  . GLU A 1 10 ? -6.42066  10.33564  -6.23567  1.000 10.62585 ? 9   GLU A CB  1 
ATOM   74   C CG  . GLU A 1 10 ? -7.42362  9.54901   -5.37115  1.000 14.72666 ? 9   GLU A CG  1 
ATOM   75   C CD  . GLU A 1 10 ? -7.79059  10.24415  -4.06807  1.000 21.72344 ? 9   GLU A CD  1 
ATOM   76   O OE1 . GLU A 1 10 ? -7.66016  11.48388  -3.97623  1.000 19.97271 ? 9   GLU A OE1 1 
ATOM   77   O OE2 . GLU A 1 10 ? -8.21696  9.53861   -3.12769  1.000 24.68957 ? 9   GLU A OE2 1 
ATOM   78   N N   . ILE A 1 11 ? -3.83341  8.51679   -5.90795  1.000 8.17693  ? 10  ILE A N   1 
ATOM   79   C CA  . ILE A 1 11 ? -3.13880  7.30604   -5.47650  1.000 6.97569  ? 10  ILE A CA  1 
ATOM   80   C C   . ILE A 1 11 ? -2.06793  7.64086   -4.44475  1.000 8.35555  ? 10  ILE A C   1 
ATOM   81   O O   . ILE A 1 11 ? -1.94549  6.96018   -3.41657  1.000 7.38492  ? 10  ILE A O   1 
ATOM   82   C CB  . ILE A 1 11 ? -2.55848  6.57057   -6.70058  1.000 6.31940  ? 10  ILE A CB  1 
ATOM   83   C CG1 . ILE A 1 11 ? -3.68736  5.82283   -7.42591  1.000 8.00406  ? 10  ILE A CG1 1 
ATOM   84   C CG2 . ILE A 1 11 ? -1.45912  5.59171   -6.29790  1.000 7.19740  ? 10  ILE A CG2 1 
ATOM   85   C CD1 . ILE A 1 11 ? -3.35779  5.44914   -8.87216  1.000 8.89833  ? 10  ILE A CD1 1 
ATOM   86   N N   . GLN A 1 12 ? -1.29211  8.70421   -4.68324  1.000 7.52921  ? 11  GLN A N   1 
ATOM   87   C CA  . GLN A 1 12 ? -0.26759  9.08740   -3.71718  1.000 6.87534  ? 11  GLN A CA  1 
ATOM   88   C C   . GLN A 1 12 ? -0.88052  9.48144   -2.38100  1.000 8.54168  ? 11  GLN A C   1 
ATOM   89   O O   . GLN A 1 12 ? -0.30999  9.18339   -1.32605  1.000 8.78895  ? 11  GLN A O   1 
ATOM   90   C CB  . GLN A 1 12 ? 0.58490   10.22195  -4.28580  1.000 7.86738  ? 11  GLN A CB  1 
ATOM   91   C CG  . GLN A 1 12 ? 1.42923   9.75288   -5.45708  1.000 7.51496  ? 11  GLN A CG  1 
ATOM   92   C CD  . GLN A 1 12 ? 2.14000   10.87777  -6.18310  1.000 8.94726  ? 11  GLN A CD  1 
ATOM   93   O OE1 . GLN A 1 12 ? 1.51449   11.80223  -6.71721  1.000 9.32494  ? 11  GLN A OE1 1 
ATOM   94   N NE2 . GLN A 1 12 ? 3.46615   10.79470  -6.22502  1.000 10.01361 ? 11  GLN A NE2 1 
ATOM   95   N N   . LYS A 1 13 ? -2.02966  10.16447  -2.40414  1.000 7.80944  ? 12  LYS A N   1 
ATOM   96   C CA  . LYS A 1 13 ? -2.71009  10.51891  -1.15866  1.000 8.55316  ? 12  LYS A CA  1 
ATOM   97   C C   . LYS A 1 13 ? -3.17687  9.27421   -0.41599  1.000 6.67926  ? 12  LYS A C   1 
ATOM   98   O O   . LYS A 1 13 ? -3.02491  9.17461   0.81291   1.000 7.92667  ? 12  LYS A O   1 
ATOM   99   C CB  . LYS A 1 13 ? -3.89231  11.44631  -1.45632  1.000 10.14203 ? 12  LYS A CB  1 
ATOM   100  C CG  . LYS A 1 13 ? -4.73021  11.78215  -0.22521  1.000 14.10651 ? 12  LYS A CG  1 
ATOM   101  C CD  . LYS A 1 13 ? -5.91567  12.65982  -0.58566  1.000 17.79845 ? 12  LYS A CD  1 
ATOM   102  C CE  . LYS A 1 13 ? -6.78474  12.92529  0.64513   1.000 23.25525 ? 12  LYS A CE  1 
ATOM   103  N NZ  . LYS A 1 13 ? -8.11523  13.49057  0.27806   1.000 40.13934 ? 12  LYS A NZ  1 
ATOM   104  N N   . GLN A 1 14 ? -3.76654  8.31837   -1.14021  1.000 7.26729  ? 13  GLN A N   1 
ATOM   105  C CA  . GLN A 1 14 ? -4.17885  7.07146   -0.51019  1.000 6.32747  ? 13  GLN A CA  1 
ATOM   106  C C   . GLN A 1 14 ? -2.98731  6.34829   0.08996   1.000 6.31222  ? 13  GLN A C   1 
ATOM   107  O O   . GLN A 1 14 ? -3.08879  5.76306   1.17622   1.000 8.12322  ? 13  GLN A O   1 
ATOM   108  C CB  . GLN A 1 14 ? -4.87403  6.16481   -1.51746  1.000 6.25291  ? 13  GLN A CB  1 
ATOM   109  C CG  . GLN A 1 14 ? -6.21883  6.67474   -2.00969  1.000 8.52833  ? 13  GLN A CG  1 
ATOM   110  C CD  . GLN A 1 14 ? -6.80026  5.72578   -3.01397  1.000 10.51747 ? 13  GLN A CD  1 
ATOM   111  O OE1 . GLN A 1 14 ? -6.45928  5.77641   -4.19605  1.000 14.58971 ? 13  GLN A OE1 1 
ATOM   112  N NE2 . GLN A 1 14 ? -7.65239  4.82249   -2.55475  1.000 10.28242 ? 13  GLN A NE2 1 
ATOM   113  N N   . LEU A 1 15 ? -1.85424  6.35208   -0.61820  1.000 6.55215  ? 14  LEU A N   1 
ATOM   114  C CA  . LEU A 1 15 ? -0.67199  5.66852   -0.10336  1.000 6.33893  ? 14  LEU A CA  1 
ATOM   115  C C   . LEU A 1 15 ? -0.12473  6.36505   1.13459   1.000 7.14606  ? 14  LEU A C   1 
ATOM   116  O O   . LEU A 1 15 ? 0.33225   5.70041   2.07074   1.000 6.76119  ? 14  LEU A O   1 
ATOM   117  C CB  . LEU A 1 15 ? 0.39448   5.57183   -1.19304  1.000 7.04280  ? 14  LEU A CB  1 
ATOM   118  C CG  . LEU A 1 15 ? 0.04400   4.65208   -2.35743  1.000 6.58686  ? 14  LEU A CG  1 
ATOM   119  C CD1 . LEU A 1 15 ? 1.12151   4.73126   -3.41465  1.000 8.87366  ? 14  LEU A CD1 1 
ATOM   120  C CD2 . LEU A 1 15 ? -0.13580  3.21388   -1.90032  1.000 8.13258  ? 14  LEU A CD2 1 
ATOM   121  N N   . LYS A 1 16 ? -0.14991  7.70343   1.15362   1.000 7.91815  ? 15  LYS A N   1 
ATOM   122  C CA  . LYS A 1 16 ? 0.24203   8.45026   2.34690   1.000 7.19821  ? 15  LYS A CA  1 
ATOM   123  C C   . LYS A 1 16 ? -0.61726  8.05830   3.53988   1.000 9.02974  ? 15  LYS A C   1 
ATOM   124  O O   . LYS A 1 16 ? -0.10592  7.80373   4.63920   1.000 8.72528  ? 15  LYS A O   1 
ATOM   125  C CB  . LYS A 1 16 ? 0.12099   9.94980   2.06664   1.000 9.57587  ? 15  LYS A CB  1 
ATOM   126  C CG  . LYS A 1 16 ? 0.51658   10.80728  3.24546   1.000 12.40857 ? 15  LYS A CG  1 
ATOM   127  C CD  . LYS A 1 16 ? 0.27132   12.27941  2.98362   1.000 12.94204 ? 15  LYS A CD  1 
ATOM   128  C CE  . LYS A 1 16 ? -1.20257  12.57847  2.84138   1.000 18.07259 ? 15  LYS A CE  1 
ATOM   129  N NZ  . LYS A 1 16 ? -1.46952  14.05093  2.81890   1.000 24.61270 ? 15  LYS A NZ  1 
ATOM   130  N N   . GLU A 1 17 ? -1.92929  7.98367   3.33367   1.000 7.67955  ? 16  GLU A N   1 
ATOM   131  C CA  . GLU A 1 17 ? -2.81216  7.67257   4.44973   1.000 8.74513  ? 16  GLU A CA  1 
ATOM   132  C C   . GLU A 1 17 ? -2.59505  6.24254   4.92344   1.000 9.31092  ? 16  GLU A C   1 
ATOM   133  O O   . GLU A 1 17 ? -2.66164  5.96722   6.12935   1.000 9.00282  ? 16  GLU A O   1 
ATOM   134  C CB  . GLU A 1 17 ? -4.25990  7.95878   4.03929   1.000 10.90858 ? 16  GLU A CB  1 
ATOM   135  C CG  . GLU A 1 17 ? -4.44637  9.45681   3.78654   1.000 14.44677 ? 16  GLU A CG  1 
ATOM   136  C CD  . GLU A 1 17 ? -5.88874  9.90676   3.70445   1.000 26.16614 ? 16  GLU A CD  1 
ATOM   137  O OE1 . GLU A 1 17 ? -6.79068  9.04740   3.67783   1.000 31.38862 ? 16  GLU A OE1 1 
ATOM   138  O OE2 . GLU A 1 17 ? -6.11509  11.13405  3.65771   1.000 37.76050 ? 16  GLU A OE2 1 
ATOM   139  N N   . ILE A 1 18 ? -2.25826  5.34028   4.00079   1.000 7.07612  ? 17  ILE A N   1 
ATOM   140  C CA  . ILE A 1 18 ? -1.89426  3.97780   4.37044   1.000 7.20171  ? 17  ILE A CA  1 
ATOM   141  C C   . ILE A 1 18 ? -0.62740  3.98041   5.21668   1.000 7.11712  ? 17  ILE A C   1 
ATOM   142  O O   . ILE A 1 18 ? -0.54884  3.28776   6.23582   1.000 7.03281  ? 17  ILE A O   1 
ATOM   143  C CB  . ILE A 1 18 ? -1.75361  3.11223   3.10425   1.000 6.96636  ? 17  ILE A CB  1 
ATOM   144  C CG1 . ILE A 1 18 ? -3.15431  2.73986   2.60584   1.000 8.02876  ? 17  ILE A CG1 1 
ATOM   145  C CG2 . ILE A 1 18 ? -0.91400  1.87112   3.35937   1.000 7.27458  ? 17  ILE A CG2 1 
ATOM   146  C CD1 . ILE A 1 18 ? -3.19238  2.24480   1.16143   1.000 9.25398  ? 17  ILE A CD1 1 
ATOM   147  N N   . GLN A 1 19 ? 0.36653   4.79522   4.83897   1.000 7.31207  ? 18  GLN A N   1 
ATOM   148  C CA  . GLN A 1 19 ? 1.58277   4.87709   5.63986   1.000 6.49134  ? 18  GLN A CA  1 
ATOM   149  C C   . GLN A 1 19 ? 1.28436   5.38624   7.04165   1.000 7.29339  ? 18  GLN A C   1 
ATOM   150  O O   . GLN A 1 19 ? 1.86765   4.90282   8.01684   1.000 7.25778  ? 18  GLN A O   1 
ATOM   151  C CB  . GLN A 1 19 ? 2.61697   5.75684   4.94108   1.000 5.92668  ? 18  GLN A CB  1 
ATOM   152  C CG  . GLN A 1 19 ? 3.18329   5.04075   3.72972   1.000 6.44907  ? 18  GLN A CG  1 
ATOM   153  C CD  . GLN A 1 19 ? 4.30236   5.79185   3.08565   1.000 5.70456  ? 18  GLN A CD  1 
ATOM   154  O OE1 . GLN A 1 19 ? 4.08508   6.78909   2.40588   1.000 7.24754  ? 18  GLN A OE1 1 
ATOM   155  N NE2 . GLN A 1 19 ? 5.52525   5.32126   3.29455   1.000 6.60867  ? 18  GLN A NE2 1 
ATOM   156  N N   . TRP A 1 20 ? 0.34978   6.33026   7.17278   1.000 7.69410  ? 19  TRP A N   1 
ATOM   157  C CA  . TRP A 1 20 ? -0.02318  6.77183   8.51305   1.000 7.64102  ? 19  TRP A CA  1 
ATOM   158  C C   . TRP A 1 20 ? -0.71404  5.66072   9.29414   1.000 8.53600  ? 19  TRP A C   1 
ATOM   159  O O   . TRP A 1 20 ? -0.51214  5.55117   10.51216  1.000 9.50385  ? 19  TRP A O   1 
ATOM   160  C CB  . TRP A 1 20 ? -0.91168  8.00397   8.42551   1.000 8.14697  ? 19  TRP A CB  1 
ATOM   161  C CG  . TRP A 1 20 ? -0.21820  9.24264   7.94288   1.000 9.31581  ? 19  TRP A CG  1 
ATOM   162  C CD1 . TRP A 1 20 ? 1.12700   9.48842   7.91422   1.000 12.81633 ? 19  TRP A CD1 1 
ATOM   163  C CD2 . TRP A 1 20 ? -0.85289  10.41026  7.41736   1.000 9.79110  ? 19  TRP A CD2 1 
ATOM   164  N NE1 . TRP A 1 20 ? 1.36354   10.75634  7.41476   1.000 11.83303 ? 19  TRP A NE1 1 
ATOM   165  C CE2 . TRP A 1 20 ? 0.16028   11.33109  7.09734   1.000 10.69692 ? 19  TRP A CE2 1 
ATOM   166  C CE3 . TRP A 1 20 ? -2.18285  10.76336  7.19686   1.000 12.90492 ? 19  TRP A CE3 1 
ATOM   167  C CZ2 . TRP A 1 20 ? -0.11943  12.58893  6.57087   1.000 12.91997 ? 19  TRP A CZ2 1 
ATOM   168  C CZ3 . TRP A 1 20 ? -2.45904  12.00209  6.66854   1.000 14.40254 ? 19  TRP A CZ3 1 
ATOM   169  C CH2 . TRP A 1 20 ? -1.43487  12.89982  6.36207   1.000 15.00485 ? 19  TRP A CH2 1 
ATOM   170  N N   . GLN A 1 21 ? -1.49432  4.80687   8.62167   1.000 7.40945  ? 20  GLN A N   1 
ATOM   171  C CA  . GLN A 1 21 ? -2.06236  3.65327   9.31608   1.000 7.17238  ? 20  GLN A CA  1 
ATOM   172  C C   . GLN A 1 21 ? -0.97411  2.71620   9.81850   1.000 7.90245  ? 20  GLN A C   1 
ATOM   173  O O   . GLN A 1 21 ? -1.08157  2.16336   10.91935  1.000 9.92840  ? 20  GLN A O   1 
ATOM   174  C CB  . GLN A 1 21 ? -3.01717  2.89190   8.40818   1.000 8.28903  ? 20  GLN A CB  1 
ATOM   175  C CG  . GLN A 1 21 ? -4.29530  3.63101   8.09317   1.000 10.13976 ? 20  GLN A CG  1 
ATOM   176  C CD  . GLN A 1 21 ? -5.17865  2.83377   7.17919   1.000 12.00258 ? 20  GLN A CD  1 
ATOM   177  O OE1 . GLN A 1 21 ? -4.93198  2.74934   5.97782   1.000 11.42579 ? 20  GLN A OE1 1 
ATOM   178  N NE2 . GLN A 1 21 ? -6.21674  2.22206   7.74261   1.000 11.57073 ? 20  GLN A NE2 1 
ATOM   179  N N   . LEU A 1 22 ? 0.09953   2.54355   9.04435   1.000 6.74565  ? 21  LEU A N   1 
ATOM   180  C CA  . LEU A 1 22 ? 1.16751   1.64260   9.47395   1.000 7.35497  ? 21  LEU A CA  1 
ATOM   181  C C   . LEU A 1 22 ? 1.90395   2.21565   10.67346  1.000 9.64730  ? 21  LEU A C   1 
ATOM   182  O O   . LEU A 1 22 ? 2.29758   1.46906   11.58445  1.000 8.92137  ? 21  LEU A O   1 
ATOM   183  C CB  . LEU A 1 22 ? 2.14187   1.37939   8.32225   1.000 7.26583  ? 21  LEU A CB  1 
ATOM   184  C CG  . LEU A 1 22 ? 1.55069   0.81709   7.03523   1.000 7.65358  ? 21  LEU A CG  1 
ATOM   185  C CD1 . LEU A 1 22 ? 2.66849   0.50285   6.04518   1.000 11.32737 ? 21  LEU A CD1 1 
ATOM   186  C CD2 . LEU A 1 22 ? 0.72162   -0.43780  7.30142   1.000 9.14092  ? 21  LEU A CD2 1 
ATOM   187  N N   . LYS A 1 23 ? 2.10223   3.54030   10.68623  1.000 8.06432  ? 22  LYS A N   1 
ATOM   188  C CA  . LYS A 1 23 ? 2.69568   4.21678   11.83362  1.000 8.55706  ? 22  LYS A CA  1 
ATOM   189  C C   . LYS A 1 23 ? 1.87142   3.96150   13.08513  1.000 9.56985  ? 22  LYS A C   1 
ATOM   190  O O   . LYS A 1 23 ? 2.42134   3.64802   14.15389  1.000 9.90743  ? 22  LYS A O   1 
ATOM   191  C CB  . LYS A 1 23 ? 2.78710   5.72089   11.53107  1.000 10.43021 ? 22  LYS A CB  1 
ATOM   192  C CG  . LYS A 1 23 ? 3.28718   6.57681   12.68091  1.000 10.07872 ? 22  LYS A CG  1 
ATOM   193  C CD  . LYS A 1 23 ? 3.13958   8.04845   12.36692  1.000 13.98286 ? 22  LYS A CD  1 
ATOM   194  C CE  . LYS A 1 23 ? 3.74831   8.88335   13.47604  1.000 22.90341 ? 22  LYS A CE  1 
ATOM   195  N NZ  . LYS A 1 23 ? 3.56129   10.34034  13.22671  1.000 32.91311 ? 22  LYS A NZ  1 
ATOM   196  N N   . GLU A 1 24 ? 0.54620   4.04881   12.96158  1.000 9.37852  ? 23  GLU A N   1 
ATOM   197  C CA  A GLU A 1 24 ? -0.31850  3.83754   14.11938  0.506 11.43952 ? 23  GLU A CA  1 
ATOM   198  C CA  B GLU A 1 24 ? -0.32074  3.84017   14.11550  0.494 11.44396 ? 23  GLU A CA  1 
ATOM   199  C C   . GLU A 1 24 ? -0.31861  2.38166   14.55575  1.000 12.07704 ? 23  GLU A C   1 
ATOM   200  O O   . GLU A 1 24 ? -0.33005  2.09035   15.75760  1.000 11.72882 ? 23  GLU A O   1 
ATOM   201  C CB  A GLU A 1 24 ? -1.74160  4.30022   13.81515  0.506 11.48865 ? 23  GLU A CB  1 
ATOM   202  C CB  B GLU A 1 24 ? -1.73863  4.30883   13.78911  0.494 11.49282 ? 23  GLU A CB  1 
ATOM   203  C CG  A GLU A 1 24 ? -1.89884  5.80492   13.80060  0.506 13.96696 ? 23  GLU A CG  1 
ATOM   204  C CG  B GLU A 1 24 ? -2.75922  4.03694   14.87992  0.494 13.56778 ? 23  GLU A CG  1 
ATOM   205  C CD  A GLU A 1 24 ? -1.19698  6.47471   14.97513  0.506 20.93726 ? 23  GLU A CD  1 
ATOM   206  C CD  B GLU A 1 24 ? -2.40083  4.70712   16.18676  0.494 22.73290 ? 23  GLU A CD  1 
ATOM   207  O OE1 A GLU A 1 24 ? -1.57999  6.19757   16.13072  0.506 23.29325 ? 23  GLU A OE1 1 
ATOM   208  O OE1 B GLU A 1 24 ? -1.92694  5.86200   16.15165  0.494 23.61847 ? 23  GLU A OE1 1 
ATOM   209  O OE2 A GLU A 1 24 ? -0.24733  7.25772   14.74683  0.506 23.53962 ? 23  GLU A OE2 1 
ATOM   210  O OE2 B GLU A 1 24 ? -2.58987  4.07418   17.24798  0.494 24.77877 ? 23  GLU A OE2 1 
ATOM   211  N N   . ILE A 1 25 ? -0.30471  1.45181   13.59998  1.000 9.12866  ? 24  ILE A N   1 
ATOM   212  C CA  . ILE A 1 25 ? -0.30670  0.03065   13.94266  1.000 9.29690  ? 24  ILE A CA  1 
ATOM   213  C C   . ILE A 1 25 ? 0.95860   -0.34255  14.70738  1.000 11.68568 ? 24  ILE A C   1 
ATOM   214  O O   . ILE A 1 25 ? 0.90756   -1.08843  15.69495  1.000 10.66325 ? 24  ILE A O   1 
ATOM   215  C CB  . ILE A 1 25 ? -0.48174  -0.81336  12.66712  1.000 8.04244  ? 24  ILE A CB  1 
ATOM   216  C CG1 . ILE A 1 25 ? -1.92836  -0.73971  12.18918  1.000 10.02116 ? 24  ILE A CG1 1 
ATOM   217  C CG2 . ILE A 1 25 ? -0.05690  -2.27492  12.89031  1.000 11.00545 ? 24  ILE A CG2 1 
ATOM   218  C CD1 . ILE A 1 25 ? -2.14423  -1.22057  10.76981  1.000 11.38974 ? 24  ILE A CD1 1 
ATOM   219  N N   . GLN A 1 26 ? 2.10959   0.17522   14.28642  1.000 10.20714 ? 25  GLN A N   1 
ATOM   220  C CA  . GLN A 1 26 ? 3.33426   -0.14342  15.01031  1.000 11.51730 ? 25  GLN A CA  1 
ATOM   221  C C   . GLN A 1 26 ? 3.32607   0.46600   16.40204  1.000 13.13774 ? 25  GLN A C   1 
ATOM   222  O O   . GLN A 1 26 ? 3.84286   -0.13618  17.35214  1.000 14.68589 ? 25  GLN A O   1 
ATOM   223  C CB  . GLN A 1 26 ? 4.55026   0.32788   14.22329  1.000 10.67836 ? 25  GLN A CB  1 
ATOM   224  C CG  . GLN A 1 26 ? 4.80874   -0.51099  12.98752  1.000 11.88648 ? 25  GLN A CG  1 
ATOM   225  C CD  . GLN A 1 26 ? 6.25544   -0.47842  12.55219  1.000 11.55844 ? 25  GLN A CD  1 
ATOM   226  O OE1 . GLN A 1 26 ? 6.61229   0.24361   11.63845  1.000 11.19941 ? 25  GLN A OE1 1 
ATOM   227  N NE2 . GLN A 1 26 ? 7.09190   -1.26601  13.20334  1.000 14.43899 ? 25  GLN A NE2 1 
ATOM   228  N N   . LYS A 1 27 ? 2.74822   1.66154   16.54393  1.000 11.44615 ? 26  LYS A N   1 
ATOM   229  C CA  . LYS A 1 27 ? 2.60123   2.26660   17.86445  1.000 11.06286 ? 26  LYS A CA  1 
ATOM   230  C C   . LYS A 1 27 ? 1.72967   1.40099   18.76493  1.000 15.66662 ? 26  LYS A C   1 
ATOM   231  O O   . LYS A 1 27 ? 2.05839   1.18554   19.94067  1.000 17.52292 ? 26  LYS A O   1 
ATOM   232  C CB  . LYS A 1 27 ? 2.01531   3.66759   17.71805  1.000 13.74440 ? 26  LYS A CB  1 
ATOM   233  C CG  . LYS A 1 27 ? 1.67069   4.34763   19.03896  1.000 16.69772 ? 26  LYS A CG  1 
ATOM   234  C CD  . LYS A 1 27 ? 0.93770   5.64785   18.76848  1.000 20.58352 ? 26  LYS A CD  1 
ATOM   235  C CE  . LYS A 1 27 ? 0.48652   6.31676   20.05914  1.000 34.54911 ? 26  LYS A CE  1 
ATOM   236  N NZ  . LYS A 1 27 ? 0.76382   7.77858   20.02879  1.000 46.19911 ? 26  LYS A NZ  1 
ATOM   237  N N   . GLN A 1 28 ? 0.62097   0.87838   18.22163  1.000 12.43962 ? 27  GLN A N   1 
ATOM   238  C CA  . GLN A 1 28 ? -0.26450  0.02202   19.00495  1.000 14.93747 ? 27  GLN A CA  1 
ATOM   239  C C   . GLN A 1 28 ? 0.44884   -1.24827  19.44320  1.000 19.24766 ? 27  GLN A C   1 
ATOM   240  O O   . GLN A 1 28 ? 0.29508   -1.69374  20.58642  1.000 22.79437 ? 27  GLN A O   1 
ATOM   241  C CB  . GLN A 1 28 ? -1.50655  -0.33964  18.19008  1.000 15.15701 ? 27  GLN A CB  1 
ATOM   242  C CG  . GLN A 1 28 ? -2.44505  0.80104   17.87529  1.000 21.21536 ? 27  GLN A CG  1 
ATOM   243  C CD  . GLN A 1 28 ? -3.62304  0.34431   17.02695  1.000 29.36767 ? 27  GLN A CD  1 
ATOM   244  O OE1 . GLN A 1 28 ? -4.73335  0.17490   17.52456  1.000 31.85986 ? 27  GLN A OE1 1 
ATOM   245  N NE2 . GLN A 1 28 ? -3.37899  0.12413   15.74122  1.000 22.51262 ? 27  GLN A NE2 1 
ATOM   246  N N   . LEU A 1 29 ? 1.23766   -1.84556  18.54804  1.000 15.68112 ? 28  LEU A N   1 
ATOM   247  C CA  . LEU A 1 29 ? 1.94057   -3.07966  18.87843  1.000 16.39426 ? 28  LEU A CA  1 
ATOM   248  C C   . LEU A 1 29 ? 2.98444   -2.85156  19.96090  1.000 23.83414 ? 28  LEU A C   1 
ATOM   249  O O   . LEU A 1 29 ? 3.21720   -3.73827  20.79174  1.000 27.48669 ? 28  LEU A O   1 
ATOM   250  C CB  . LEU A 1 29 ? 2.58113   -3.66648  17.61825  1.000 18.38830 ? 28  LEU A CB  1 
ATOM   251  C CG  . LEU A 1 29 ? 1.58321   -4.23809  16.60258  1.000 16.70633 ? 28  LEU A CG  1 
ATOM   252  C CD1 . LEU A 1 29 ? 2.26991   -4.63344  15.29865  1.000 15.95699 ? 28  LEU A CD1 1 
ATOM   253  C CD2 . LEU A 1 29 ? 0.82141   -5.41955  17.20064  1.000 22.00049 ? 28  LEU A CD2 1 
ATOM   254  N N   . LYS A 1 30 ? 3.60529   -1.67281  19.98306  1.000 19.41267 ? 29  LYS A N   1 
ATOM   255  C CA  . LYS A 1 30 ? 4.55822   -1.36169  21.04140  1.000 25.91447 ? 29  LYS A CA  1 
ATOM   256  C C   . LYS A 1 30 ? 3.85209   -1.23070  22.38529  1.000 34.85521 ? 29  LYS A C   1 
ATOM   257  O O   . LYS A 1 30 ? 4.30016   -1.79210  23.39273  1.000 40.58467 ? 29  LYS A O   1 
ATOM   258  C CB  . LYS A 1 30 ? 5.32542   -0.08304  20.70180  1.000 24.15627 ? 29  LYS A CB  1 
ATOM   259  C CG  . LYS A 1 30 ? 6.56304   0.10631   21.57251  1.000 37.27238 ? 29  LYS A CG  1 
ATOM   260  C CD  . LYS A 1 30 ? 7.14775   1.50324   21.44879  1.000 40.28442 ? 29  LYS A CD  1 
ATOM   261  C CE  . LYS A 1 30 ? 8.39123   1.61968   22.31461  1.000 43.41764 ? 29  LYS A CE  1 
ATOM   262  N NZ  . LYS A 1 30 ? 9.24255   0.40270   22.22822  1.000 47.39272 ? 29  LYS A NZ  1 
ATOM   263  N N   . GLY A 1 31 ? 2.74046   -0.50159  22.41811  1.000 34.62595 ? 30  GLY A N   1 
ATOM   264  C CA  . GLY A 1 31 ? 1.96222   -0.35368  23.63421  1.000 40.31521 ? 30  GLY A CA  1 
ATOM   265  C C   . GLY A 1 31 ? 1.29386   -1.64749  24.05796  1.000 49.81362 ? 30  GLY A C   1 
ATOM   266  O O   . GLY A 1 31 ? 0.45890   -1.65926  24.96034  1.000 63.30651 ? 30  GLY A O   1 
HETATM 267  C C   . ACE B 1 1  ? 9.32842   15.34677  -18.55470 1.000 30.25356 ? 0   ACE B C   1 
HETATM 268  O O   . ACE B 1 1  ? 9.94338   15.28153  -17.48509 1.000 29.98094 ? 0   ACE B O   1 
HETATM 269  C CH3 . ACE B 1 1  ? 9.25244   16.61725  -19.34969 1.000 33.65445 ? 0   ACE B CH3 1 
ATOM   270  N N   . GLY B 1 2  ? 8.67909   14.31708  -19.09732 1.000 28.47953 ? 1   GLY B N   1 
ATOM   271  C CA  . GLY B 1 2  ? 8.60356   12.98467  -18.52123 1.000 25.83640 ? 1   GLY B CA  1 
ATOM   272  C C   . GLY B 1 2  ? 7.88950   12.95500  -17.18583 1.000 26.07043 ? 1   GLY B C   1 
ATOM   273  O O   . GLY B 1 2  ? 8.24399   12.17197  -16.31018 1.000 18.70384 ? 1   GLY B O   1 
ATOM   274  N N   . GLU B 1 3  ? 6.86402   13.79848  -17.03477 1.000 19.10805 ? 2   GLU B N   1 
ATOM   275  C CA  . GLU B 1 3  ? 6.27553   13.98950  -15.71662 1.000 17.00916 ? 2   GLU B CA  1 
ATOM   276  C C   . GLU B 1 3  ? 5.45657   12.78684  -15.27700 1.000 16.68964 ? 2   GLU B C   1 
ATOM   277  O O   . GLU B 1 3  ? 5.42666   12.48634  -14.08076 1.000 14.96337 ? 2   GLU B O   1 
ATOM   278  C CB  . GLU B 1 3  ? 5.41321   15.25004  -15.68713 1.000 16.45864 ? 2   GLU B CB  1 
ATOM   279  C CG  . GLU B 1 3  ? 6.21442   16.54096  -15.68309 1.000 20.87294 ? 2   GLU B CG  1 
ATOM   280  C CD  . GLU B 1 3  ? 6.32380   17.14303  -17.06102 1.000 22.10650 ? 2   GLU B CD  1 
ATOM   281  O OE1 . GLU B 1 3  ? 5.96789   16.44651  -18.03065 1.000 24.29511 ? 2   GLU B OE1 1 
ATOM   282  O OE2 . GLU B 1 3  ? 6.77067   18.30699  -17.17644 1.000 23.43751 ? 2   GLU B OE2 1 
ATOM   283  N N   . ILE B 1 4  ? 4.79034   12.09308  -16.20456 1.000 13.63913 ? 3   ILE B N   1 
ATOM   284  C CA  . ILE B 1 4  ? 4.05559   10.89127  -15.81150 1.000 12.27297 ? 3   ILE B CA  1 
ATOM   285  C C   . ILE B 1 4  ? 5.02247   9.81520   -15.33319 1.000 13.73590 ? 3   ILE B C   1 
ATOM   286  O O   . ILE B 1 4  ? 4.81465   9.19739   -14.28179 1.000 12.73602 ? 3   ILE B O   1 
ATOM   287  C CB  . ILE B 1 4  ? 3.17909   10.37140  -16.96125 1.000 14.63084 ? 3   ILE B CB  1 
ATOM   288  C CG1 . ILE B 1 4  ? 2.15605   11.41845  -17.39197 1.000 16.59965 ? 3   ILE B CG1 1 
ATOM   289  C CG2 . ILE B 1 4  ? 2.46900   9.09724   -16.54103 1.000 14.49256 ? 3   ILE B CG2 1 
ATOM   290  C CD1 . ILE B 1 4  ? 1.57094   11.12263  -18.75543 1.000 22.33498 ? 3   ILE B CD1 1 
ATOM   291  N N   . GLN B 1 5  ? 6.08420   9.56346   -16.10381 1.000 12.93343 ? 4   GLN B N   1 
ATOM   292  C CA  . GLN B 1 5  ? 7.08326   8.58463   -15.69106 1.000 14.00385 ? 4   GLN B CA  1 
ATOM   293  C C   . GLN B 1 5  ? 7.66758   8.93339   -14.33223 1.000 11.38368 ? 4   GLN B C   1 
ATOM   294  O O   . GLN B 1 5  ? 7.86104   8.04839   -13.48833 1.000 11.66996 ? 4   GLN B O   1 
ATOM   295  C CB  . GLN B 1 5  ? 8.19617   8.50791   -16.73373 1.000 15.20517 ? 4   GLN B CB  1 
ATOM   296  C CG  . GLN B 1 5  ? 7.74025   7.93168   -18.04576 1.000 20.42039 ? 4   GLN B CG  1 
ATOM   297  C CD  . GLN B 1 5  ? 7.33821   8.99765   -19.05467 1.000 34.36248 ? 4   GLN B CD  1 
ATOM   298  O OE1 . GLN B 1 5  ? 6.71411   10.00718  -18.70981 1.000 26.24525 ? 4   GLN B OE1 1 
ATOM   299  N NE2 . GLN B 1 5  ? 7.69649   8.77408   -20.31362 1.000 32.49741 ? 4   GLN B NE2 1 
ATOM   300  N N   . LYS B 1 6  ? 7.95424   10.21423  -14.09866 1.000 11.38418 ? 5   LYS B N   1 
ATOM   301  C CA  . LYS B 1 6  ? 8.52467   10.62165  -12.82194 1.000 12.33326 ? 5   LYS B CA  1 
ATOM   302  C C   . LYS B 1 6  ? 7.54962   10.35566  -11.68927 1.000 12.44869 ? 5   LYS B C   1 
ATOM   303  O O   . LYS B 1 6  ? 7.94004   9.88406   -10.61466 1.000 12.11441 ? 5   LYS B O   1 
ATOM   304  C CB  . LYS B 1 6  ? 8.90191   12.10441  -12.85643 1.000 15.75006 ? 5   LYS B CB  1 
ATOM   305  C CG  . LYS B 1 6  ? 10.27926  12.39158  -13.44091 1.000 28.70854 ? 5   LYS B CG  1 
ATOM   306  C CD  . LYS B 1 6  ? 10.47545  13.88697  -13.63130 1.000 28.21197 ? 5   LYS B CD  1 
ATOM   307  C CE  . LYS B 1 6  ? 11.91219  14.21332  -13.99696 1.000 35.35909 ? 5   LYS B CE  1 
ATOM   308  N NZ  . LYS B 1 6  ? 12.86094  13.20023  -13.45231 1.000 51.37798 ? 5   LYS B NZ  1 
ATOM   309  N N   . GLN B 1 7  ? 6.26966   10.64908  -11.91496 1.000 10.56038 ? 6   GLN B N   1 
ATOM   310  C CA  . GLN B 1 7  ? 5.27682   10.44321  -10.86966 1.000 8.38087  ? 6   GLN B CA  1 
ATOM   311  C C   . GLN B 1 7  ? 5.06840   8.96071   -10.59076 1.000 10.08317 ? 6   GLN B C   1 
ATOM   312  O O   . GLN B 1 7  ? 4.91359   8.56091   -9.42833  1.000 9.36823  ? 6   GLN B O   1 
ATOM   313  C CB  . GLN B 1 7  ? 3.96577   11.11475  -11.27798 1.000 8.89139  ? 6   GLN B CB  1 
ATOM   314  C CG  . GLN B 1 7  ? 2.95947   11.23734  -10.17071 1.000 9.67097  ? 6   GLN B CG  1 
ATOM   315  C CD  . GLN B 1 7  ? 1.77416   12.09867  -10.57404 1.000 10.52681 ? 6   GLN B CD  1 
ATOM   316  O OE1 . GLN B 1 7  ? 1.59343   12.42638  -11.75456 1.000 11.23887 ? 6   GLN B OE1 1 
ATOM   317  N NE2 . GLN B 1 7  ? 0.96162   12.46616  -9.60138  1.000 10.30253 ? 6   GLN B NE2 1 
ATOM   318  N N   . LEU B 1 8  ? 5.06523   8.13005   -11.63877 1.000 8.66197  ? 7   LEU B N   1 
ATOM   319  C CA  . LEU B 1 8  ? 4.96658   6.68669   -11.44473 1.000 8.63501  ? 7   LEU B CA  1 
ATOM   320  C C   . LEU B 1 8  ? 6.16213   6.15236   -10.66545 1.000 9.38212  ? 7   LEU B C   1 
ATOM   321  O O   . LEU B 1 8  ? 6.01065   5.25001   -9.83110  1.000 10.49865 ? 7   LEU B O   1 
ATOM   322  C CB  . LEU B 1 8  ? 4.83396   5.98412   -12.80353 1.000 8.73115  ? 7   LEU B CB  1 
ATOM   323  C CG  . LEU B 1 8  ? 3.47118   6.20373   -13.46526 1.000 10.25230 ? 7   LEU B CG  1 
ATOM   324  C CD1 . LEU B 1 8  ? 3.51525   5.71385   -14.91033 1.000 14.63947 ? 7   LEU B CD1 1 
ATOM   325  C CD2 . LEU B 1 8  ? 2.36140   5.50238   -12.70697 1.000 10.25619 ? 7   LEU B CD2 1 
ATOM   326  N N   . LYS B 1 9  ? 7.35258   6.69930   -10.90769 1.000 9.48269  ? 8   LYS B N   1 
ATOM   327  C CA  . LYS B 1 9  ? 8.52185   6.26743   -10.14427 1.000 8.00001  ? 8   LYS B CA  1 
ATOM   328  C C   . LYS B 1 9  ? 8.39728   6.66527   -8.67719  1.000 9.58905  ? 8   LYS B C   1 
ATOM   329  O O   . LYS B 1 9  ? 8.81248   5.91179   -7.78334  1.000 9.55968  ? 8   LYS B O   1 
ATOM   330  C CB  . LYS B 1 9  ? 9.79413   6.85315   -10.75631 1.000 12.22839 ? 8   LYS B CB  1 
ATOM   331  C CG  . LYS B 1 9  ? 11.07773  6.51282   -9.97679  1.000 15.77752 ? 8   LYS B CG  1 
ATOM   332  C CD  . LYS B 1 9  ? 11.26444  5.01126   -9.76988  1.000 20.20630 ? 8   LYS B CD  1 
ATOM   333  C CE  . LYS B 1 9  ? 12.47233  4.73170   -8.88140  1.000 27.45430 ? 8   LYS B CE  1 
ATOM   334  N NZ  . LYS B 1 9  ? 12.56620  3.29521   -8.47693  1.000 25.63556 ? 8   LYS B NZ  1 
ATOM   335  N N   . GLU B 1 10 ? 7.84163   7.84405   -8.39710  1.000 8.22489  ? 9   GLU B N   1 
ATOM   336  C CA  . GLU B 1 10 ? 7.60887   8.20532   -7.00132  1.000 8.59626  ? 9   GLU B CA  1 
ATOM   337  C C   . GLU B 1 10 ? 6.64695   7.22931   -6.33615  1.000 7.89271  ? 9   GLU B C   1 
ATOM   338  O O   . GLU B 1 10 ? 6.84665   6.84455   -5.17513  1.000 7.59835  ? 9   GLU B O   1 
ATOM   339  C CB  . GLU B 1 10 ? 7.06971   9.62993   -6.90353  1.000 9.63417  ? 9   GLU B CB  1 
ATOM   340  C CG  . GLU B 1 10 ? 8.09904   10.68952  -7.26948  1.000 10.70426 ? 9   GLU B CG  1 
ATOM   341  C CD  . GLU B 1 10 ? 9.40017   10.52422  -6.51672  1.000 12.06884 ? 9   GLU B CD  1 
ATOM   342  O OE1 . GLU B 1 10 ? 9.40905   10.72643  -5.28345  1.000 14.59447 ? 9   GLU B OE1 1 
ATOM   343  O OE2 . GLU B 1 10 ? 10.42022  10.18580  -7.15267  1.000 16.03229 ? 9   GLU B OE2 1 
ATOM   344  N N   . ILE B 1 11 ? 5.59986   6.81660   -7.05398  1.000 8.38510  ? 10  ILE B N   1 
ATOM   345  C CA  . ILE B 1 11 ? 4.66137   5.83867   -6.51811  1.000 6.54594  ? 10  ILE B CA  1 
ATOM   346  C C   . ILE B 1 11 ? 5.35816   4.50830   -6.27733  1.000 7.64955  ? 10  ILE B C   1 
ATOM   347  O O   . ILE B 1 11 ? 5.15905   3.86901   -5.23779  1.000 8.24603  ? 10  ILE B O   1 
ATOM   348  C CB  . ILE B 1 11 ? 3.44894   5.69644   -7.45805  1.000 7.03188  ? 10  ILE B CB  1 
ATOM   349  C CG1 . ILE B 1 11 ? 2.55158   6.92314   -7.30442  1.000 7.69476  ? 10  ILE B CG1 1 
ATOM   350  C CG2 . ILE B 1 11 ? 2.63716   4.43186   -7.13340  1.000 7.60402  ? 10  ILE B CG2 1 
ATOM   351  C CD1 . ILE B 1 11 ? 1.56775   7.09800   -8.45918  1.000 8.48021  ? 10  ILE B CD1 1 
ATOM   352  N N   . GLN B 1 12 ? 6.21077   4.08749   -7.20954  1.000 7.53859  ? 11  GLN B N   1 
ATOM   353  C CA  A GLN B 1 12 ? 6.94670   2.84183   -7.01976  0.546 8.93663  ? 11  GLN B CA  1 
ATOM   354  C CA  B GLN B 1 12 ? 6.94484   2.84275   -7.02194  0.454 8.94129  ? 11  GLN B CA  1 
ATOM   355  C C   . GLN B 1 12 ? 7.81205   2.90156   -5.76964  1.000 7.78517  ? 11  GLN B C   1 
ATOM   356  O O   . GLN B 1 12 ? 7.89132   1.92313   -5.01357  1.000 8.57635  ? 11  GLN B O   1 
ATOM   357  C CB  A GLN B 1 12 ? 7.80049   2.54946   -8.25300  0.546 10.34448 ? 11  GLN B CB  1 
ATOM   358  C CB  B GLN B 1 12 ? 7.79123   2.56372   -8.26117  0.454 10.34878 ? 11  GLN B CB  1 
ATOM   359  C CG  A GLN B 1 12 ? 6.98167   2.04473   -9.41655  0.546 10.58982 ? 11  GLN B CG  1 
ATOM   360  C CG  B GLN B 1 12 ? 8.43167   1.20369   -8.27551  0.454 10.29912 ? 11  GLN B CG  1 
ATOM   361  C CD  A GLN B 1 12 ? 7.76105   1.95451   -10.71095 0.546 17.45730 ? 11  GLN B CD  1 
ATOM   362  C CD  B GLN B 1 12 ? 9.89210   1.26706   -7.89282  0.454 14.87371 ? 11  GLN B CD  1 
ATOM   363  O OE1 A GLN B 1 12 ? 8.77905   2.62126   -10.88825 0.546 26.35311 ? 11  GLN B OE1 1 
ATOM   364  O OE1 B GLN B 1 12 ? 10.37214  2.28554   -7.39140  0.454 13.49681 ? 11  GLN B OE1 1 
ATOM   365  N NE2 A GLN B 1 12 ? 7.26713   1.13805   -11.63420 0.546 12.61262 ? 11  GLN B NE2 1 
ATOM   366  N NE2 B GLN B 1 12 ? 10.61007  0.17979   -8.12735  0.454 12.75680 ? 11  GLN B NE2 1 
ATOM   367  N N   . LYS B 1 13 ? 8.46912   4.03807   -5.53722  1.000 8.44270  ? 12  LYS B N   1 
ATOM   368  C CA  . LYS B 1 13 ? 9.28810   4.19211   -4.33938  1.000 7.92601  ? 12  LYS B CA  1 
ATOM   369  C C   . LYS B 1 13 ? 8.42716   4.18288   -3.09003  1.000 6.26069  ? 12  LYS B C   1 
ATOM   370  O O   . LYS B 1 13 ? 8.80904   3.60158   -2.06400  1.000 7.38646  ? 12  LYS B O   1 
ATOM   371  C CB  . LYS B 1 13 ? 10.09666  5.48803   -4.41355  1.000 8.86693  ? 12  LYS B CB  1 
ATOM   372  C CG  . LYS B 1 13 ? 11.27993  5.37794   -5.36098  1.000 10.84849 ? 12  LYS B CG  1 
ATOM   373  C CD  . LYS B 1 13 ? 11.69871  6.72553   -5.91641  1.000 16.89922 ? 12  LYS B CD  1 
ATOM   374  C CE  . LYS B 1 13 ? 12.02994  7.70104   -4.82526  1.000 16.76000 ? 12  LYS B CE  1 
ATOM   375  N NZ  . LYS B 1 13 ? 12.36850  9.05188   -5.40249  1.000 14.06412 ? 12  LYS B NZ  1 
ATOM   376  N N   . GLN B 1 14 ? 7.25831   4.82714   -3.15825  1.000 6.84117  ? 13  GLN B N   1 
ATOM   377  C CA  . GLN B 1 14 ? 6.34401   4.84395   -2.02124  1.000 6.99968  ? 13  GLN B CA  1 
ATOM   378  C C   . GLN B 1 14 ? 5.82363   3.44752   -1.70701  1.000 6.89303  ? 13  GLN B C   1 
ATOM   379  O O   . GLN B 1 14 ? 5.68836   3.08356   -0.53234  1.000 6.77779  ? 13  GLN B O   1 
ATOM   380  C CB  . GLN B 1 14 ? 5.19150   5.80589   -2.31265  1.000 5.29343  ? 13  GLN B CB  1 
ATOM   381  C CG  . GLN B 1 14 ? 4.20093   5.90272   -1.17858  1.000 6.18945  ? 13  GLN B CG  1 
ATOM   382  C CD  . GLN B 1 14 ? 3.32893   7.12246   -1.29645  1.000 7.02827  ? 13  GLN B CD  1 
ATOM   383  O OE1 . GLN B 1 14 ? 3.02574   7.56593   -2.40113  1.000 8.50441  ? 13  GLN B OE1 1 
ATOM   384  N NE2 . GLN B 1 14 ? 2.90213   7.65976   -0.15787  1.000 7.97370  ? 13  GLN B NE2 1 
ATOM   385  N N   . LEU B 1 15 ? 5.54138   2.64015   -2.73873  1.000 6.66312  ? 14  LEU B N   1 
ATOM   386  C CA  . LEU B 1 15 ? 5.11922   1.26736   -2.48535  1.000 6.74096  ? 14  LEU B CA  1 
ATOM   387  C C   . LEU B 1 15 ? 6.23750   0.44557   -1.85328  1.000 6.81564  ? 14  LEU B C   1 
ATOM   388  O O   . LEU B 1 15 ? 5.96012   -0.41772  -1.01478  1.000 7.81035  ? 14  LEU B O   1 
ATOM   389  C CB  . LEU B 1 15 ? 4.62372   0.62281   -3.78140  1.000 7.66580  ? 14  LEU B CB  1 
ATOM   390  C CG  . LEU B 1 15 ? 3.27562   1.17748   -4.24369  1.000 8.74457  ? 14  LEU B CG  1 
ATOM   391  C CD1 . LEU B 1 15 ? 3.01748   0.78740   -5.70930  1.000 10.95425 ? 14  LEU B CD1 1 
ATOM   392  C CD2 . LEU B 1 15 ? 2.14699   0.71013   -3.34596  1.000 10.65996 ? 14  LEU B CD2 1 
ATOM   393  N N   . LYS B 1 16 ? 7.49892   0.71365   -2.20815  1.000 7.25042  ? 15  LYS B N   1 
ATOM   394  C CA  . LYS B 1 16 ? 8.61311   0.04996   -1.53221  1.000 6.92654  ? 15  LYS B CA  1 
ATOM   395  C C   . LYS B 1 16 ? 8.69297   0.45994   -0.06681  1.000 8.06038  ? 15  LYS B C   1 
ATOM   396  O O   . LYS B 1 16 ? 8.99364   -0.37454  0.79578   1.000 8.22269  ? 15  LYS B O   1 
ATOM   397  C CB  . LYS B 1 16 ? 9.93207   0.36725   -2.23729  1.000 7.41885  ? 15  LYS B CB  1 
ATOM   398  C CG  . LYS B 1 16 ? 10.03601  -0.22816  -3.63388  1.000 12.82649 ? 15  LYS B CG  1 
ATOM   399  C CD  . LYS B 1 16 ? 11.45863  -0.20551  -4.17106  1.000 15.26867 ? 15  LYS B CD  1 
ATOM   400  C CE  . LYS B 1 16 ? 11.95818  1.20796   -4.38126  1.000 16.85451 ? 15  LYS B CE  1 
ATOM   401  N NZ  . LYS B 1 16 ? 13.30144  1.19738   -5.05750  1.000 21.67371 ? 15  LYS B NZ  1 
ATOM   402  N N   . GLU B 1 17 ? 8.45124   1.74082   0.23484   1.000 6.90035  ? 16  GLU B N   1 
ATOM   403  C CA  . GLU B 1 17 ? 8.41201   2.17074   1.63490   1.000 7.16180  ? 16  GLU B CA  1 
ATOM   404  C C   . GLU B 1 17 ? 7.34604   1.41647   2.40853   1.000 6.93866  ? 16  GLU B C   1 
ATOM   405  O O   . GLU B 1 17 ? 7.55813   1.02542   3.56508   1.000 6.82444  ? 16  GLU B O   1 
ATOM   406  C CB  . GLU B 1 17 ? 8.12841   3.66594   1.73413   1.000 7.60503  ? 16  GLU B CB  1 
ATOM   407  C CG  . GLU B 1 17 ? 9.19906   4.55788   1.15016   1.000 6.74226  ? 16  GLU B CG  1 
ATOM   408  C CD  . GLU B 1 17 ? 8.85596   6.03274   1.27773   1.000 8.12357  ? 16  GLU B CD  1 
ATOM   409  O OE1 . GLU B 1 17 ? 7.87030   6.38512   1.97442   1.000 8.15597  ? 16  GLU B OE1 1 
ATOM   410  O OE2 . GLU B 1 17 ? 9.58327   6.85197   0.67975   1.000 7.58664  ? 16  GLU B OE2 1 
ATOM   411  N N   . ILE B 1 18 ? 6.18092   1.21706   1.78683   1.000 6.88374  ? 17  ILE B N   1 
ATOM   412  C CA  . ILE B 1 18 ? 5.08507   0.49407   2.42572   1.000 5.42777  ? 17  ILE B CA  1 
ATOM   413  C C   . ILE B 1 18 ? 5.45238   -0.96758  2.63029   1.000 7.27205  ? 17  ILE B C   1 
ATOM   414  O O   . ILE B 1 18 ? 5.22728   -1.52261  3.70951   1.000 7.39499  ? 17  ILE B O   1 
ATOM   415  C CB  . ILE B 1 18 ? 3.79932   0.66035   1.59358   1.000 6.20440  ? 17  ILE B CB  1 
ATOM   416  C CG1 . ILE B 1 18 ? 3.25918   2.08215   1.80139   1.000 7.30404  ? 17  ILE B CG1 1 
ATOM   417  C CG2 . ILE B 1 18 ? 2.73786   -0.37964  1.98366   1.000 7.80960  ? 17  ILE B CG2 1 
ATOM   418  C CD1 . ILE B 1 18 ? 2.21193   2.50264   0.77100   1.000 6.86680  ? 17  ILE B CD1 1 
ATOM   419  N N   . GLN B 1 19 ? 6.04736   -1.60332  1.61230   1.000 7.77904  ? 18  GLN B N   1 
ATOM   420  C CA  . GLN B 1 19 ? 6.49806   -2.98449  1.77145   1.000 7.01390  ? 18  GLN B CA  1 
ATOM   421  C C   . GLN B 1 19 ? 7.50068   -3.10817  2.90830   1.000 8.82509  ? 18  GLN B C   1 
ATOM   422  O O   . GLN B 1 19 ? 7.41321   -4.03293  3.72833   1.000 7.76601  ? 18  GLN B O   1 
ATOM   423  C CB  . GLN B 1 19 ? 7.10755   -3.49247  0.46747   1.000 8.36047  ? 18  GLN B CB  1 
ATOM   424  C CG  . GLN B 1 19 ? 6.08268   -3.65822  -0.64402  1.000 10.12523 ? 18  GLN B CG  1 
ATOM   425  C CD  . GLN B 1 19 ? 6.72414   -4.07522  -1.93415  1.000 12.30170 ? 18  GLN B CD  1 
ATOM   426  O OE1 . GLN B 1 19 ? 7.94639   -4.03035  -2.06821  1.000 15.91195 ? 18  GLN B OE1 1 
ATOM   427  N NE2 . GLN B 1 19 ? 5.90266   -4.50168  -2.89692  1.000 12.12486 ? 18  GLN B NE2 1 
ATOM   428  N N   . TRP B 1 20 ? 8.45224   -2.17758  2.98703   1.000 7.22756  ? 19  TRP B N   1 
ATOM   429  C CA  . TRP B 1 20 ? 9.45798   -2.24868  4.04174   1.000 5.94946  ? 19  TRP B CA  1 
ATOM   430  C C   . TRP B 1 20 ? 8.80938   -2.15019  5.41075   1.000 6.44409  ? 19  TRP B C   1 
ATOM   431  O O   . TRP B 1 20 ? 9.13799   -2.92060  6.32848   1.000 7.57849  ? 19  TRP B O   1 
ATOM   432  C CB  . TRP B 1 20 ? 10.49209  -1.13875  3.84560   1.000 7.00534  ? 19  TRP B CB  1 
ATOM   433  C CG  . TRP B 1 20 ? 11.59892  -1.18317  4.85300   1.000 7.59858  ? 19  TRP B CG  1 
ATOM   434  C CD1 . TRP B 1 20 ? 12.78537  -1.86649  4.74766   1.000 8.30868  ? 19  TRP B CD1 1 
ATOM   435  C CD2 . TRP B 1 20 ? 11.62820  -0.51681  6.11629   1.000 6.50977  ? 19  TRP B CD2 1 
ATOM   436  N NE1 . TRP B 1 20 ? 13.54268  -1.66661  5.88076   1.000 8.95639  ? 19  TRP B NE1 1 
ATOM   437  C CE2 . TRP B 1 20 ? 12.85475  -0.83293  6.72790   1.000 8.57067  ? 19  TRP B CE2 1 
ATOM   438  C CE3 . TRP B 1 20 ? 10.73579  0.33251   6.78600   1.000 7.96476  ? 19  TRP B CE3 1 
ATOM   439  C CZ2 . TRP B 1 20 ? 13.20426  -0.33971  7.98251   1.000 9.26572  ? 19  TRP B CZ2 1 
ATOM   440  C CZ3 . TRP B 1 20 ? 11.08477  0.81841   8.02280   1.000 8.48339  ? 19  TRP B CZ3 1 
ATOM   441  C CH2 . TRP B 1 20 ? 12.31052  0.48768   8.60640   1.000 7.86128  ? 19  TRP B CH2 1 
ATOM   442  N N   . GLN B 1 21 ? 7.84113   -1.23891  5.55771   1.000 6.65668  ? 20  GLN B N   1 
ATOM   443  C CA  . GLN B 1 21 ? 7.20997   -1.06878  6.85697   1.000 8.04586  ? 20  GLN B CA  1 
ATOM   444  C C   . GLN B 1 21 ? 6.27831   -2.22664  7.19028   1.000 6.13985  ? 20  GLN B C   1 
ATOM   445  O O   . GLN B 1 21 ? 6.17025   -2.59820  8.36339   1.000 7.49524  ? 20  GLN B O   1 
ATOM   446  C CB  . GLN B 1 21 ? 6.47894   0.26899   6.91243   1.000 8.14099  ? 20  GLN B CB  1 
ATOM   447  C CG  . GLN B 1 21 ? 5.96996   0.55523   8.30410   1.000 9.01284  ? 20  GLN B CG  1 
ATOM   448  C CD  . GLN B 1 21 ? 5.85403   2.03649   8.63722   1.000 10.59385 ? 20  GLN B CD  1 
ATOM   449  O OE1 . GLN B 1 21 ? 5.93168   2.90788   7.77042   1.000 12.96836 ? 20  GLN B OE1 1 
ATOM   450  N NE2 . GLN B 1 21 ? 5.64928   2.31894   9.91386   1.000 10.30945 ? 20  GLN B NE2 1 
ATOM   451  N N   . LEU B 1 22 ? 5.62157   -2.82704  6.19141   1.000 6.43683  ? 21  LEU B N   1 
ATOM   452  C CA  . LEU B 1 22 ? 4.84459   -4.03856  6.46000   1.000 6.37573  ? 21  LEU B CA  1 
ATOM   453  C C   . LEU B 1 22 ? 5.75140   -5.17234  6.91920   1.000 7.32892  ? 21  LEU B C   1 
ATOM   454  O O   . LEU B 1 22 ? 5.37484   -5.96330  7.79449   1.000 7.43647  ? 21  LEU B O   1 
ATOM   455  C CB  . LEU B 1 22 ? 4.04623   -4.45723  5.22466   1.000 6.71094  ? 21  LEU B CB  1 
ATOM   456  C CG  . LEU B 1 22 ? 2.85728   -3.55210  4.88795   1.000 7.59699  ? 21  LEU B CG  1 
ATOM   457  C CD1 . LEU B 1 22 ? 2.30781   -3.87939  3.50110   1.000 9.92600  ? 21  LEU B CD1 1 
ATOM   458  C CD2 . LEU B 1 22 ? 1.78903   -3.72276  5.92726   1.000 9.83707  ? 21  LEU B CD2 1 
ATOM   459  N N   . LYS B 1 23 ? 6.94924   -5.26414  6.34232   1.000 6.26699  ? 22  LYS B N   1 
ATOM   460  C CA  . LYS B 1 23 ? 7.92303   -6.24993  6.81367   1.000 6.91444  ? 22  LYS B CA  1 
ATOM   461  C C   . LYS B 1 23 ? 8.31687   -5.97228  8.26300   1.000 7.35560  ? 22  LYS B C   1 
ATOM   462  O O   . LYS B 1 23 ? 8.48722   -6.90397  9.06463   1.000 8.08088  ? 22  LYS B O   1 
ATOM   463  C CB  . LYS B 1 23 ? 9.14199   -6.23836  5.88016   1.000 7.38862  ? 22  LYS B CB  1 
ATOM   464  C CG  . LYS B 1 23 ? 10.32313  -7.13199  6.29184   1.000 8.73714  ? 22  LYS B CG  1 
ATOM   465  C CD  . LYS B 1 23 ? 11.38341  -6.36814  7.07780   1.000 8.76296  ? 22  LYS B CD  1 
ATOM   466  C CE  . LYS B 1 23 ? 11.95713  -5.18290  6.29484   1.000 9.22296  ? 22  LYS B CE  1 
ATOM   467  N NZ  . LYS B 1 23 ? 13.01599  -4.53344  7.11385   1.000 10.75454 ? 22  LYS B NZ  1 
ATOM   468  N N   . GLU B 1 24 ? 8.45415   -4.69732  8.62689   1.000 7.32751  ? 23  GLU B N   1 
ATOM   469  C CA  . GLU B 1 24 ? 8.74424   -4.36348  10.02275  1.000 7.91710  ? 23  GLU B CA  1 
ATOM   470  C C   . GLU B 1 24 ? 7.59722   -4.74619  10.95294  1.000 7.42887  ? 23  GLU B C   1 
ATOM   471  O O   . GLU B 1 24 ? 7.83029   -5.16325  12.09906  1.000 8.91084  ? 23  GLU B O   1 
ATOM   472  C CB  . GLU B 1 24 ? 9.05460   -2.87332  10.15412  1.000 9.19843  ? 23  GLU B CB  1 
ATOM   473  C CG  . GLU B 1 24 ? 10.39787  -2.50369  9.55247   1.000 7.06457  ? 23  GLU B CG  1 
ATOM   474  C CD  . GLU B 1 24 ? 11.55589  -3.11412  10.31419  1.000 11.08011 ? 23  GLU B CD  1 
ATOM   475  O OE1 . GLU B 1 24 ? 11.72660  -2.76287  11.50086  1.000 14.34627 ? 23  GLU B OE1 1 
ATOM   476  O OE2 . GLU B 1 24 ? 12.31158  -3.93094  9.74248   1.000 11.12753 ? 23  GLU B OE2 1 
ATOM   477  N N   . ILE B 1 25 ? 6.35159   -4.58364  10.50032  1.000 7.56120  ? 24  ILE B N   1 
ATOM   478  C CA  . ILE B 1 25 ? 5.20677   -5.00150  11.30254  1.000 7.50880  ? 24  ILE B CA  1 
ATOM   479  C C   . ILE B 1 25 ? 5.21047   -6.51421  11.48318  1.000 8.27356  ? 24  ILE B C   1 
ATOM   480  O O   . ILE B 1 25 ? 4.93608   -7.01389  12.58126  1.000 8.34367  ? 24  ILE B O   1 
ATOM   481  C CB  . ILE B 1 25 ? 3.89963   -4.49704  10.66188  1.000 9.21027  ? 24  ILE B CB  1 
ATOM   482  C CG1 . ILE B 1 25 ? 3.81171   -2.98123  10.81276  1.000 8.94597  ? 24  ILE B CG1 1 
ATOM   483  C CG2 . ILE B 1 25 ? 2.66705   -5.19000  11.26252  1.000 9.37848  ? 24  ILE B CG2 1 
ATOM   484  C CD1 . ILE B 1 25 ? 2.77727   -2.36599  9.91557   1.000 9.25067  ? 24  ILE B CD1 1 
ATOM   485  N N   . GLN B 1 26 ? 5.54743   -7.26046  10.42649  1.000 8.52295  ? 25  GLN B N   1 
ATOM   486  C CA  . GLN B 1 26 ? 5.65509   -8.71207  10.54979  1.000 8.31524  ? 25  GLN B CA  1 
ATOM   487  C C   . GLN B 1 26 ? 6.68874   -9.09799  11.59989  1.000 8.66036  ? 25  GLN B C   1 
ATOM   488  O O   . GLN B 1 26 ? 6.49334   -10.06774 12.33658  1.000 10.05731 ? 25  GLN B O   1 
ATOM   489  C CB  . GLN B 1 26 ? 6.01280   -9.32786  9.19375   1.000 8.80572  ? 25  GLN B CB  1 
ATOM   490  C CG  . GLN B 1 26 ? 4.87455   -9.26942  8.17303   1.000 8.43080  ? 25  GLN B CG  1 
ATOM   491  C CD  . GLN B 1 26 ? 5.31439   -9.70501  6.78887   1.000 13.49845 ? 25  GLN B CD  1 
ATOM   492  O OE1 . GLN B 1 26 ? 6.49820   -9.96285  6.56375   1.000 16.05846 ? 25  GLN B OE1 1 
ATOM   493  N NE2 . GLN B 1 26 ? 4.36690   -9.79256  5.85041   1.000 14.87672 ? 25  GLN B NE2 1 
ATOM   494  N N   . LYS B 1 27 ? 7.80145   -8.36172  11.67561  1.000 8.74616  ? 26  LYS B N   1 
ATOM   495  C CA  . LYS B 1 27 ? 8.78712   -8.62086  12.72110  1.000 8.95438  ? 26  LYS B CA  1 
ATOM   496  C C   . LYS B 1 27 ? 8.18049   -8.43318  14.09929  1.000 10.81781 ? 26  LYS B C   1 
ATOM   497  O O   . LYS B 1 27 ? 8.38713   -9.24822  15.00236  1.000 12.07626 ? 26  LYS B O   1 
ATOM   498  C CB  . LYS B 1 27 ? 9.97242   -7.68187  12.57064  1.000 10.54138 ? 26  LYS B CB  1 
ATOM   499  C CG  . LYS B 1 27 ? 10.93163  -8.02191  11.49470  1.000 13.20103 ? 26  LYS B CG  1 
ATOM   500  C CD  . LYS B 1 27 ? 12.13678  -7.10004  11.65214  1.000 16.18092 ? 26  LYS B CD  1 
ATOM   501  C CE  . LYS B 1 27 ? 13.02583  -7.15778  10.46331  1.000 13.51096 ? 26  LYS B CE  1 
ATOM   502  N NZ  . LYS B 1 27 ? 14.09041  -6.12140  10.59331  1.000 12.18773 ? 26  LYS B NZ  1 
ATOM   503  N N   . GLN B 1 28 ? 7.44977   -7.33200  14.29030  1.000 11.28030 ? 27  GLN B N   1 
ATOM   504  C CA  . GLN B 1 28 ? 6.84852   -7.05465  15.58854  1.000 12.93701 ? 27  GLN B CA  1 
ATOM   505  C C   . GLN B 1 28 ? 5.86529   -8.13739  16.00571  1.000 12.87527 ? 27  GLN B C   1 
ATOM   506  O O   . GLN B 1 28 ? 5.65240   -8.36224  17.20670  1.000 18.05321 ? 27  GLN B O   1 
ATOM   507  C CB  . GLN B 1 28 ? 6.13334   -5.70592  15.54406  1.000 17.57010 ? 27  GLN B CB  1 
ATOM   508  C CG  . GLN B 1 28 ? 6.80048   -4.58667  16.29180  1.000 24.77177 ? 27  GLN B CG  1 
ATOM   509  C CD  . GLN B 1 28 ? 6.03827   -3.29163  16.13602  1.000 19.52058 ? 27  GLN B CD  1 
ATOM   510  O OE1 . GLN B 1 28 ? 5.60969   -2.95377  15.03529  1.000 20.78344 ? 27  GLN B OE1 1 
ATOM   511  N NE2 . GLN B 1 28 ? 5.84213   -2.57171  17.23959  1.000 20.43583 ? 27  GLN B NE2 1 
ATOM   512  N N   . LEU B 1 29 ? 5.24769   -8.80995  15.03967  1.000 12.33447 ? 28  LEU B N   1 
ATOM   513  C CA  . LEU B 1 29 ? 4.23079   -9.81820  15.29019  1.000 11.58982 ? 28  LEU B CA  1 
ATOM   514  C C   . LEU B 1 29 ? 4.78160   -11.23838 15.39128  1.000 12.31717 ? 28  LEU B C   1 
ATOM   515  O O   . LEU B 1 29 ? 3.98970   -12.18035 15.53501  1.000 15.12562 ? 28  LEU B O   1 
ATOM   516  C CB  . LEU B 1 29 ? 3.16888   -9.76411  14.18603  1.000 12.96623 ? 28  LEU B CB  1 
ATOM   517  C CG  . LEU B 1 29 ? 2.21855   -8.56491  14.26192  1.000 13.25704 ? 28  LEU B CG  1 
ATOM   518  C CD1 . LEU B 1 29 ? 1.37508   -8.48804  13.00286  1.000 14.07295 ? 28  LEU B CD1 1 
ATOM   519  C CD2 . LEU B 1 29 ? 1.35081   -8.64805  15.50065  1.000 17.97927 ? 28  LEU B CD2 1 
ATOM   520  N N   . LYS B 1 30 ? 6.09813   -11.42642 15.30460  1.000 11.64757 ? 29  LYS B N   1 
ATOM   521  C CA  A LYS B 1 30 ? 6.65281   -12.76830 15.43492  0.428 11.45662 ? 29  LYS B CA  1 
ATOM   522  C CA  B LYS B 1 30 ? 6.66418   -12.76284 15.44132  0.572 11.43494 ? 29  LYS B CA  1 
ATOM   523  C C   . LYS B 1 30 ? 6.29891   -13.34600 16.80059  1.000 14.75381 ? 29  LYS B C   1 
ATOM   524  O O   . LYS B 1 30 ? 6.24317   -12.62771 17.80179  1.000 16.95163 ? 29  LYS B O   1 
ATOM   525  C CB  A LYS B 1 30 ? 8.16947   -12.74787 15.23241  0.428 10.79411 ? 29  LYS B CB  1 
ATOM   526  C CB  B LYS B 1 30 ? 8.18206   -12.70672 15.26155  0.572 10.79611 ? 29  LYS B CB  1 
ATOM   527  C CG  A LYS B 1 30 ? 8.62108   -12.51725 13.78906  0.428 10.50585 ? 29  LYS B CG  1 
ATOM   528  C CG  B LYS B 1 30 ? 8.61794   -12.44544 13.82566  0.572 10.50179 ? 29  LYS B CG  1 
ATOM   529  C CD  A LYS B 1 30 ? 7.83624   -13.35734 12.78597  0.428 11.54648 ? 29  LYS B CD  1 
ATOM   530  C CD  B LYS B 1 30 ? 7.97551   -13.44557 12.88767  0.572 11.42393 ? 29  LYS B CD  1 
ATOM   531  C CE  A LYS B 1 30 ? 8.24467   -14.83012 12.78986  0.428 9.18613  ? 29  LYS B CE  1 
ATOM   532  C CE  B LYS B 1 30 ? 8.60224   -13.41517 11.51431  0.572 11.60577 ? 29  LYS B CE  1 
ATOM   533  N NZ  A LYS B 1 30 ? 7.52939   -15.56866 11.70175  0.428 14.78020 ? 29  LYS B NZ  1 
ATOM   534  N NZ  B LYS B 1 30 ? 8.01218   -14.46723 10.63997  0.572 14.01907 ? 29  LYS B NZ  1 
ATOM   535  N N   . GLY B 1 31 ? 6.03472   -14.65432 16.82695  1.000 12.75273 ? 30  GLY B N   1 
ATOM   536  C CA  . GLY B 1 31 ? 5.52455   -15.32733 18.01338  1.000 13.22054 ? 30  GLY B CA  1 
ATOM   537  C C   . GLY B 1 31 ? 6.46605   -15.42921 19.19494  1.000 14.81289 ? 30  GLY B C   1 
ATOM   538  O O   . GLY B 1 31 ? 6.00661   -15.48806 20.34480  1.000 16.27523 ? 30  GLY B O   1 
HETATM 539  N N   . NH2 B 1 32 ? 7.87512   -15.49387 18.96134  1.000 13.69930 ? 101 NH2 B N   1 
HETATM 540  C C   . ACE C 1 1  ? -3.27017  -2.78915  -19.61220 1.000 34.57582 ? 0   ACE C C   1 
HETATM 541  O O   . ACE C 1 1  ? -2.12681  -3.21609  -19.44914 1.000 38.94023 ? 0   ACE C O   1 
HETATM 542  C CH3 . ACE C 1 1  ? -4.35420  -3.00383  -18.59363 1.000 32.03554 ? 0   ACE C CH3 1 
ATOM   543  N N   . GLY C 1 2  ? -3.62081  -2.11500  -20.70622 1.000 28.62662 ? 1   GLY C N   1 
ATOM   544  C CA  . GLY C 1 2  ? -4.97136  -1.61566  -20.89219 1.000 22.23351 ? 1   GLY C CA  1 
ATOM   545  C C   . GLY C 1 2  ? -5.08426  -0.11657  -20.70959 1.000 20.00942 ? 1   GLY C C   1 
ATOM   546  O O   . GLY C 1 2  ? -4.09474  0.56255   -20.44673 1.000 19.73101 ? 1   GLY C O   1 
ATOM   547  N N   . GLU C 1 3  ? -6.30237  0.39699   -20.85112 1.000 13.84943 ? 2   GLU C N   1 
ATOM   548  C CA  . GLU C 1 3  ? -6.51674  1.83591   -20.81847 1.000 11.24615 ? 2   GLU C CA  1 
ATOM   549  C C   . GLU C 1 3  ? -6.08710  2.40722   -19.47371 1.000 12.27924 ? 2   GLU C C   1 
ATOM   550  O O   . GLU C 1 3  ? -6.40906  1.85992   -18.41678 1.000 10.61661 ? 2   GLU C O   1 
ATOM   551  C CB  . GLU C 1 3  ? -7.98535  2.14417   -21.09286 1.000 10.99833 ? 2   GLU C CB  1 
ATOM   552  C CG  . GLU C 1 3  ? -8.24547  3.60080   -21.36513 1.000 11.94445 ? 2   GLU C CG  1 
ATOM   553  C CD  . GLU C 1 3  ? -8.46600  4.38245   -20.10118 1.000 10.69891 ? 2   GLU C CD  1 
ATOM   554  O OE1 . GLU C 1 3  ? -9.12049  3.84510   -19.17935 1.000 11.34321 ? 2   GLU C OE1 1 
ATOM   555  O OE2 . GLU C 1 3  ? -7.97713  5.52938   -20.03744 1.000 10.61203 ? 2   GLU C OE2 1 
ATOM   556  N N   . ILE C 1 4  ? -5.37196  3.53641   -19.51182 1.000 9.12961  ? 3   ILE C N   1 
ATOM   557  C CA  . ILE C 1 4  ? -4.64003  3.96396   -18.32100 1.000 8.02620  ? 3   ILE C CA  1 
ATOM   558  C C   . ILE C 1 4  ? -5.57747  4.47852   -17.23517 1.000 7.76448  ? 3   ILE C C   1 
ATOM   559  O O   . ILE C 1 4  ? -5.35948  4.19550   -16.05516 1.000 8.36585  ? 3   ILE C O   1 
ATOM   560  C CB  . ILE C 1 4  ? -3.55743  4.99779   -18.68340 1.000 7.53724  ? 3   ILE C CB  1 
ATOM   561  C CG1 . ILE C 1 4  ? -2.70028  5.30484   -17.45182 1.000 10.57243 ? 3   ILE C CG1 1 
ATOM   562  C CG2 . ILE C 1 4  ? -4.18071  6.26599   -19.25170 1.000 8.56876  ? 3   ILE C CG2 1 
ATOM   563  C CD1 . ILE C 1 4  ? -1.39224  6.04832   -17.76253 1.000 12.45028 ? 3   ILE C CD1 1 
ATOM   564  N N   . GLN C 1 5  ? -6.61311  5.24678   -17.58862 1.000 7.50609  ? 4   GLN C N   1 
ATOM   565  C CA  . GLN C 1 5  ? -7.46213  5.80517   -16.53346 1.000 7.92489  ? 4   GLN C CA  1 
ATOM   566  C C   . GLN C 1 5  ? -8.20290  4.70501   -15.78802 1.000 8.39479  ? 4   GLN C C   1 
ATOM   567  O O   . GLN C 1 5  ? -8.36253  4.77909   -14.56125 1.000 9.10385  ? 4   GLN C O   1 
ATOM   568  C CB  . GLN C 1 5  ? -8.43565  6.82470   -17.12051 1.000 8.72659  ? 4   GLN C CB  1 
ATOM   569  C CG  . GLN C 1 5  ? -7.70925  8.01963   -17.74620 1.000 8.19875  ? 4   GLN C CG  1 
ATOM   570  C CD  . GLN C 1 5  ? -8.62950  8.89242   -18.56876 1.000 8.20353  ? 4   GLN C CD  1 
ATOM   571  O OE1 . GLN C 1 5  ? -8.40383  9.10203   -19.77509 1.000 10.77420 ? 4   GLN C OE1 1 
ATOM   572  N NE2 . GLN C 1 5  ? -9.66901  9.41676   -17.93311 1.000 8.12203  ? 4   GLN C NE2 1 
ATOM   573  N N   . LYS C 1 6  ? -8.62583  3.66059   -16.50399 1.000 7.48777  ? 5   LYS C N   1 
ATOM   574  C CA  . LYS C 1 6  ? -9.23677  2.51122   -15.84070 1.000 10.00937 ? 5   LYS C CA  1 
ATOM   575  C C   . LYS C 1 6  ? -8.23810  1.80001   -14.93919 1.000 10.16733 ? 5   LYS C C   1 
ATOM   576  O O   . LYS C 1 6  ? -8.57630  1.41125   -13.81405 1.000 11.04542 ? 5   LYS C O   1 
ATOM   577  C CB  . LYS C 1 6  ? -9.79777  1.54707   -16.88488 1.000 13.82077 ? 5   LYS C CB  1 
ATOM   578  C CG  . LYS C 1 6  ? -10.34266 0.25276   -16.28924 1.000 16.50257 ? 5   LYS C CG  1 
ATOM   579  C CD  . LYS C 1 6  ? -10.76513 -0.71076  -17.38911 1.000 24.12382 ? 5   LYS C CD  1 
ATOM   580  C CE  . LYS C 1 6  ? -11.16318 -2.05790  -16.80747 1.000 33.94510 ? 5   LYS C CE  1 
ATOM   581  N NZ  . LYS C 1 6  ? -12.06610 -1.89443  -15.63402 1.000 40.53809 ? 5   LYS C NZ  1 
ATOM   582  N N   . GLN C 1 7  ? -6.99568  1.63753   -15.40263 1.000 7.68413  ? 6   GLN C N   1 
ATOM   583  C CA  . GLN C 1 7  ? -5.97545  1.03772   -14.54708 1.000 8.70768  ? 6   GLN C CA  1 
ATOM   584  C C   . GLN C 1 7  ? -5.78276  1.84261   -13.27271 1.000 9.57264  ? 6   GLN C C   1 
ATOM   585  O O   . GLN C 1 7  ? -5.64981  1.27261   -12.18249 1.000 9.58387  ? 6   GLN C O   1 
ATOM   586  C CB  . GLN C 1 7  ? -4.64938  0.93626   -15.28971 1.000 12.17662 ? 6   GLN C CB  1 
ATOM   587  C CG  . GLN C 1 7  ? -4.56687  -0.15823  -16.30247 1.000 12.20618 ? 6   GLN C CG  1 
ATOM   588  C CD  . GLN C 1 7  ? -3.14228  -0.33485  -16.79189 1.000 17.91152 ? 6   GLN C CD  1 
ATOM   589  O OE1 . GLN C 1 7  ? -2.28501  -0.80731  -16.05427 1.000 21.89670 ? 6   GLN C OE1 1 
ATOM   590  N NE2 . GLN C 1 7  ? -2.88387  0.06968   -18.02956 1.000 20.01617 ? 6   GLN C NE2 1 
ATOM   591  N N   . LEU C 1 8  ? -5.76732  3.17336   -13.38210 1.000 8.84667  ? 7   LEU C N   1 
ATOM   592  C CA  . LEU C 1 8  ? -5.54764  3.98604   -12.19228 1.000 8.63497  ? 7   LEU C CA  1 
ATOM   593  C C   . LEU C 1 8  ? -6.72791  3.88255   -11.23986 1.000 8.96012  ? 7   LEU C C   1 
ATOM   594  O O   . LEU C 1 8  ? -6.53875  3.81583   -10.02099 1.000 8.57869  ? 7   LEU C O   1 
ATOM   595  C CB  . LEU C 1 8  ? -5.28075  5.43784   -12.57762 1.000 9.33632  ? 7   LEU C CB  1 
ATOM   596  C CG  . LEU C 1 8  ? -4.04524  5.58902   -13.45538 1.000 9.79384  ? 7   LEU C CG  1 
ATOM   597  C CD1 . LEU C 1 8  ? -3.74592  7.06593   -13.65451 1.000 13.13599 ? 7   LEU C CD1 1 
ATOM   598  C CD2 . LEU C 1 8  ? -2.83915  4.84155   -12.88476 1.000 11.44179 ? 7   LEU C CD2 1 
ATOM   599  N N   . LYS C 1 9  ? -7.95336  3.83425   -11.76905 1.000 7.65955  ? 8   LYS C N   1 
ATOM   600  C CA  . LYS C 1 9  ? -9.09663  3.66311   -10.87849 1.000 8.96071  ? 8   LYS C CA  1 
ATOM   601  C C   . LYS C 1 9  ? -9.06561  2.29968   -10.20252 1.000 8.53361  ? 8   LYS C C   1 
ATOM   602  O O   . LYS C 1 9  ? -9.40210  2.18460   -9.01418  1.000 9.22670  ? 8   LYS C O   1 
ATOM   603  C CB  . LYS C 1 9  ? -10.40509 3.85223   -11.64257 1.000 10.20142 ? 8   LYS C CB  1 
ATOM   604  C CG  . LYS C 1 9  ? -11.62181 3.67746   -10.74062 1.000 12.49981 ? 8   LYS C CG  1 
ATOM   605  C CD  . LYS C 1 9  ? -12.92382 3.98549   -11.44402 1.000 17.34286 ? 8   LYS C CD  1 
ATOM   606  C CE  . LYS C 1 9  ? -14.08330 3.80133   -10.47017 1.000 20.25215 ? 8   LYS C CE  1 
ATOM   607  N NZ  . LYS C 1 9  ? -15.24464 4.66454   -10.80023 1.000 31.99115 ? 8   LYS C NZ  1 
ATOM   608  N N   . GLU C 1 10 ? -8.63423  1.25985   -10.91743 1.000 8.87353  ? 9   GLU C N   1 
ATOM   609  C CA  . GLU C 1 10 ? -8.55006  -0.05648  -10.29129 1.000 9.50979  ? 9   GLU C CA  1 
ATOM   610  C C   . GLU C 1 10 ? -7.51282  -0.07316  -9.17612  1.000 9.43384  ? 9   GLU C C   1 
ATOM   611  O O   . GLU C 1 10 ? -7.71470  -0.72080  -8.14144  1.000 10.89497 ? 9   GLU C O   1 
ATOM   612  C CB  . GLU C 1 10 ? -8.24103  -1.12626  -11.33627 1.000 12.26118 ? 9   GLU C CB  1 
ATOM   613  C CG  . GLU C 1 10 ? -9.38049  -1.34129  -12.33915 1.000 16.92372 ? 9   GLU C CG  1 
ATOM   614  C CD  . GLU C 1 10 ? -10.65559 -1.84936  -11.69292 1.000 29.87163 ? 9   GLU C CD  1 
ATOM   615  O OE1 . GLU C 1 10 ? -10.56668 -2.69630  -10.77978 1.000 28.94145 ? 9   GLU C OE1 1 
ATOM   616  O OE2 . GLU C 1 10 ? -11.75017 -1.40090  -12.09773 1.000 31.67628 ? 9   GLU C OE2 1 
ATOM   617  N N   . ILE C 1 11 ? -6.39298  0.62664   -9.36282  1.000 8.64897  ? 10  ILE C N   1 
ATOM   618  C CA  . ILE C 1 11 ? -5.42465  0.75773   -8.27385  1.000 8.93276  ? 10  ILE C CA  1 
ATOM   619  C C   . ILE C 1 11 ? -6.05227  1.47576   -7.08993  1.000 9.42249  ? 10  ILE C C   1 
ATOM   620  O O   . ILE C 1 11 ? -5.87407  1.06261   -5.93496  1.000 8.72867  ? 10  ILE C O   1 
ATOM   621  C CB  . ILE C 1 11 ? -4.15331  1.47562   -8.76091  1.000 8.52567  ? 10  ILE C CB  1 
ATOM   622  C CG1 . ILE C 1 11 ? -3.38560  0.56326   -9.71836  1.000 9.95514  ? 10  ILE C CG1 1 
ATOM   623  C CG2 . ILE C 1 11 ? -3.27978  1.87461   -7.57078  1.000 10.15861 ? 10  ILE C CG2 1 
ATOM   624  C CD1 . ILE C 1 11 ? -2.28407  1.25867   -10.51535 1.000 13.06792 ? 10  ILE C CD1 1 
ATOM   625  N N   . GLN C 1 12 ? -6.78421  2.56741   -7.34935  1.000 8.64854  ? 11  GLN C N   1 
ATOM   626  C CA  . GLN C 1 12 ? -7.44394  3.28921   -6.26340  1.000 7.48538  ? 11  GLN C CA  1 
ATOM   627  C C   . GLN C 1 12 ? -8.39618  2.38170   -5.49163  1.000 8.33982  ? 11  GLN C C   1 
ATOM   628  O O   . GLN C 1 12 ? -8.49394  2.48141   -4.25850  1.000 8.36278  ? 11  GLN C O   1 
ATOM   629  C CB  . GLN C 1 12 ? -8.19483  4.50506   -6.81353  1.000 8.02456  ? 11  GLN C CB  1 
ATOM   630  C CG  . GLN C 1 12 ? -7.26589  5.60714   -7.34783  1.000 7.33277  ? 11  GLN C CG  1 
ATOM   631  C CD  . GLN C 1 12 ? -8.01985  6.68915   -8.05657  1.000 11.42596 ? 11  GLN C CD  1 
ATOM   632  O OE1 . GLN C 1 12 ? -9.23068  6.60574   -8.22671  1.000 12.39573 ? 11  GLN C OE1 1 
ATOM   633  N NE2 . GLN C 1 12 ? -7.30762  7.71976   -8.49472  1.000 11.45136 ? 11  GLN C NE2 1 
ATOM   634  N N   . LYS C 1 13 ? -9.09503  1.48663   -6.19428  1.000 8.34920  ? 12  LYS C N   1 
ATOM   635  C CA  . LYS C 1 13 ? -10.00604 0.57248   -5.51195  1.000 7.94530  ? 12  LYS C CA  1 
ATOM   636  C C   . LYS C 1 13 ? -9.23411  -0.40626  -4.64534  1.000 8.75229  ? 12  LYS C C   1 
ATOM   637  O O   . LYS C 1 13 ? -9.63077  -0.68123  -3.50204  1.000 9.46830  ? 12  LYS C O   1 
ATOM   638  C CB  . LYS C 1 13 ? -10.85829 -0.18679  -6.52565  1.000 10.62079 ? 12  LYS C CB  1 
ATOM   639  C CG  . LYS C 1 13 ? -11.84142 0.67934   -7.30709  1.000 8.89237  ? 12  LYS C CG  1 
ATOM   640  C CD  . LYS C 1 13 ? -12.69506 -0.20287  -8.20308  1.000 13.31417 ? 12  LYS C CD  1 
ATOM   641  C CE  . LYS C 1 13 ? -13.73628 0.60289   -8.93931  1.000 18.74301 ? 12  LYS C CE  1 
ATOM   642  N NZ  . LYS C 1 13 ? -14.61686 -0.29335  -9.73179  1.000 26.49627 ? 12  LYS C NZ  1 
ATOM   643  N N   . GLN C 1 14 ? -8.11282  -0.91522  -5.16162  1.000 8.19249  ? 13  GLN C N   1 
ATOM   644  C CA  . GLN C 1 14 ? -7.27648  -1.81441  -4.37342  1.000 8.17858  ? 13  GLN C CA  1 
ATOM   645  C C   . GLN C 1 14 ? -6.71793  -1.11934  -3.13834  1.000 8.58393  ? 13  GLN C C   1 
ATOM   646  O O   . GLN C 1 14 ? -6.59823  -1.73483  -2.07209  1.000 9.64102  ? 13  GLN C O   1 
ATOM   647  C CB  . GLN C 1 14 ? -6.14123  -2.36829  -5.23138  1.000 11.70667 ? 13  GLN C CB  1 
ATOM   648  C CG  . GLN C 1 14 ? -6.58068  -3.42473  -6.22670  1.000 15.99267 ? 13  GLN C CG  1 
ATOM   649  C CD  . GLN C 1 14 ? -5.46212  -3.80982  -7.17089  1.000 29.71018 ? 13  GLN C CD  1 
ATOM   650  O OE1 . GLN C 1 14 ? -4.53856  -4.53349  -6.79974  1.000 31.61149 ? 13  GLN C OE1 1 
ATOM   651  N NE2 . GLN C 1 14 ? -5.53057  -3.30914  -8.39722  1.000 29.06578 ? 13  GLN C NE2 1 
ATOM   652  N N   . LEU C 1 15 ? -6.37681  0.16636   -3.25080  1.000 8.17401  ? 14  LEU C N   1 
ATOM   653  C CA  . LEU C 1 15 ? -5.84909  0.87643   -2.09213  1.000 7.51315  ? 14  LEU C CA  1 
ATOM   654  C C   . LEU C 1 15 ? -6.93062  1.15286   -1.05280  1.000 8.86482  ? 14  LEU C C   1 
ATOM   655  O O   . LEU C 1 15 ? -6.63283  1.18708   0.14776   1.000 8.92924  ? 14  LEU C O   1 
ATOM   656  C CB  . LEU C 1 15 ? -5.17229  2.17409   -2.54444  1.000 8.08632  ? 14  LEU C CB  1 
ATOM   657  C CG  . LEU C 1 15 ? -3.93909  1.95404   -3.41978  1.000 8.92248  ? 14  LEU C CG  1 
ATOM   658  C CD1 . LEU C 1 15 ? -3.33805  3.30423   -3.75322  1.000 9.33683  ? 14  LEU C CD1 1 
ATOM   659  C CD2 . LEU C 1 15 ? -2.93126  1.05149   -2.72990  1.000 10.20393 ? 14  LEU C CD2 1 
ATOM   660  N N   . LYS C 1 16 ? -8.18184  1.35332   -1.48653  1.000 8.72751  ? 15  LYS C N   1 
ATOM   661  C CA  . LYS C 1 16 ? -9.27461  1.46675   -0.52650  1.000 7.68041  ? 15  LYS C CA  1 
ATOM   662  C C   . LYS C 1 16 ? -9.45805  0.15228   0.22313   1.000 8.30103  ? 15  LYS C C   1 
ATOM   663  O O   . LYS C 1 16 ? -9.70172  0.15109   1.43738   1.000 8.87993  ? 15  LYS C O   1 
ATOM   664  C CB  . LYS C 1 16 ? -10.55910 1.88829   -1.26049  1.000 8.79688  ? 15  LYS C CB  1 
ATOM   665  C CG  . LYS C 1 16 ? -11.83926 1.84562   -0.40704  1.000 11.14558 ? 15  LYS C CG  1 
ATOM   666  C CD  . LYS C 1 16 ? -11.73401 2.69640   0.85079   1.000 14.51338 ? 15  LYS C CD  1 
ATOM   667  C CE  . LYS C 1 16 ? -11.84084 4.18283   0.54646   1.000 16.74358 ? 15  LYS C CE  1 
ATOM   668  N NZ  . LYS C 1 16 ? -11.98240 4.96068   1.80085   1.000 19.05829 ? 15  LYS C NZ  1 
ATOM   669  N N   . GLU C 1 17 ? -9.30882  -0.97502  -0.47538  1.000 8.10660  ? 16  GLU C N   1 
ATOM   670  C CA  . GLU C 1 17 ? -9.39360  -2.26421  0.20497   1.000 9.81142  ? 16  GLU C CA  1 
ATOM   671  C C   . GLU C 1 17 ? -8.27186  -2.43099  1.21666   1.000 9.27430  ? 16  GLU C C   1 
ATOM   672  O O   . GLU C 1 17 ? -8.49812  -2.94348  2.32076   1.000 9.99158  ? 16  GLU C O   1 
ATOM   673  C CB  . GLU C 1 17 ? -9.37886  -3.40300  -0.80871  1.000 9.08653  ? 16  GLU C CB  1 
ATOM   674  C CG  . GLU C 1 17 ? -9.59122  -4.77849  -0.18660  1.000 9.65632  ? 16  GLU C CG  1 
ATOM   675  C CD  . GLU C 1 17 ? -10.95178 -4.92835  0.45889   1.000 13.00841 ? 16  GLU C CD  1 
ATOM   676  O OE1 . GLU C 1 17 ? -11.89560 -4.20482  0.07228   1.000 9.99394  ? 16  GLU C OE1 1 
ATOM   677  O OE2 . GLU C 1 17 ? -11.07757 -5.79171  1.35123   1.000 13.57421 ? 16  GLU C OE2 1 
ATOM   678  N N   . ILE C 1 18 ? -7.05389  -2.00178  0.86550   1.000 9.63888  ? 17  ILE C N   1 
ATOM   679  C CA  . ILE C 1 18 ? -5.94123  -2.08519  1.80829   1.000 9.09279  ? 17  ILE C CA  1 
ATOM   680  C C   . ILE C 1 18 ? -6.18088  -1.18200  3.01647   1.000 8.52850  ? 17  ILE C C   1 
ATOM   681  O O   . ILE C 1 18 ? -5.94113  -1.58626  4.16044   1.000 7.68851  ? 17  ILE C O   1 
ATOM   682  C CB  . ILE C 1 18 ? -4.62063  -1.76307  1.08775   1.000 7.61881  ? 17  ILE C CB  1 
ATOM   683  C CG1 . ILE C 1 18 ? -4.24378  -2.93950  0.18334   1.000 9.44595  ? 17  ILE C CG1 1 
ATOM   684  C CG2 . ILE C 1 18 ? -3.49337  -1.46417  2.08806   1.000 9.87899  ? 17  ILE C CG2 1 
ATOM   685  C CD1 . ILE C 1 18 ? -3.24234  -2.59413  -0.91538  1.000 10.71349 ? 17  ILE C CD1 1 
ATOM   686  N N   . GLN C 1 19 ? -6.68539  0.04023   2.79302   1.000 9.08246  ? 18  GLN C N   1 
ATOM   687  C CA  . GLN C 1 19 ? -7.04474  0.90684   3.91257   1.000 8.07900  ? 18  GLN C CA  1 
ATOM   688  C C   . GLN C 1 19 ? -8.05686  0.22697   4.82617   1.000 9.40398  ? 18  GLN C C   1 
ATOM   689  O O   . GLN C 1 19 ? -7.91982  0.26665   6.05608   1.000 10.01247 ? 18  GLN C O   1 
ATOM   690  C CB  . GLN C 1 19 ? -7.59847  2.23811   3.38010   1.000 11.05295 ? 18  GLN C CB  1 
ATOM   691  C CG  . GLN C 1 19 ? -8.12629  3.19245   4.44929   1.000 16.03561 ? 18  GLN C CG  1 
ATOM   692  C CD  . GLN C 1 19 ? -8.94287  4.32461   3.85872   1.000 21.18512 ? 18  GLN C CD  1 
ATOM   693  O OE1 . GLN C 1 19 ? -9.75304  4.10911   2.96367   1.000 25.20413 ? 18  GLN C OE1 1 
ATOM   694  N NE2 . GLN C 1 19 ? -8.72438  5.53899   4.34956   1.000 22.26064 ? 18  GLN C NE2 1 
ATOM   695  N N   . TRP C 1 20 ? -9.07039  -0.41069  4.23334   1.000 8.66312  ? 19  TRP C N   1 
ATOM   696  C CA  . TRP C 1 20 ? -10.07951 -1.12804  5.00766   1.000 11.20575 ? 19  TRP C CA  1 
ATOM   697  C C   . TRP C 1 20 ? -9.44857  -2.24148  5.82729   1.000 10.17607 ? 19  TRP C C   1 
ATOM   698  O O   . TRP C 1 20 ? -9.72003  -2.37135  7.02988   1.000 11.24516 ? 19  TRP C O   1 
ATOM   699  C CB  . TRP C 1 20 ? -11.13493 -1.68293  4.04895   1.000 10.50269 ? 19  TRP C CB  1 
ATOM   700  C CG  . TRP C 1 20 ? -12.13226 -2.59718  4.66820   1.000 11.77534 ? 19  TRP C CG  1 
ATOM   701  C CD1 . TRP C 1 20 ? -12.09990 -3.95506  4.66429   1.000 12.92648 ? 19  TRP C CD1 1 
ATOM   702  C CD2 . TRP C 1 20 ? -13.33715 -2.21958  5.34479   1.000 11.42802 ? 19  TRP C CD2 1 
ATOM   703  N NE1 . TRP C 1 20 ? -13.20367 -4.45726  5.31830   1.000 14.07965 ? 19  TRP C NE1 1 
ATOM   704  C CE2 . TRP C 1 20 ? -13.97662 -3.40890  5.73919   1.000 10.27604 ? 19  TRP C CE2 1 
ATOM   705  C CE3 . TRP C 1 20 ? -13.93372 -0.99696  5.65430   1.000 11.38346 ? 19  TRP C CE3 1 
ATOM   706  C CZ2 . TRP C 1 20 ? -15.18912 -3.41054  6.43131   1.000 12.48615 ? 19  TRP C CZ2 1 
ATOM   707  C CZ3 . TRP C 1 20 ? -15.13390 -0.99733  6.33784   1.000 12.66255 ? 19  TRP C CZ3 1 
ATOM   708  C CH2 . TRP C 1 20 ? -15.74791 -2.19501  6.72036   1.000 13.36726 ? 19  TRP C CH2 1 
ATOM   709  N N   . GLN C 1 21 ? -8.59205  -3.04857  5.19537   1.000 9.88888  ? 20  GLN C N   1 
ATOM   710  C CA  . GLN C 1 21 ? -7.93681  -4.14363  5.90591   1.000 8.25228  ? 20  GLN C CA  1 
ATOM   711  C C   . GLN C 1 21 ? -7.08568  -3.62186  7.05694   1.000 9.72597  ? 20  GLN C C   1 
ATOM   712  O O   . GLN C 1 21 ? -7.04768  -4.22754  8.13530   1.000 11.66132 ? 20  GLN C O   1 
ATOM   713  C CB  . GLN C 1 21 ? -7.07251  -4.95149  4.94880   1.000 10.78118 ? 20  GLN C CB  1 
ATOM   714  C CG  . GLN C 1 21 ? -7.83283  -5.78251  3.93692   1.000 13.16809 ? 20  GLN C CG  1 
ATOM   715  C CD  . GLN C 1 21 ? -6.90425  -6.41848  2.91926   1.000 19.18335 ? 20  GLN C CD  1 
ATOM   716  O OE1 . GLN C 1 21 ? -6.42568  -7.54098  3.10702   1.000 22.97820 ? 20  GLN C OE1 1 
ATOM   717  N NE2 . GLN C 1 21 ? -6.62844  -5.69936  1.83926   1.000 18.54208 ? 20  GLN C NE2 1 
ATOM   718  N N   . LEU C 1 22 ? -6.37149  -2.51400  6.84095   1.000 10.09347 ? 21  LEU C N   1 
ATOM   719  C CA  . LEU C 1 22 ? -5.53838  -1.97209  7.90314   1.000 8.98803  ? 21  LEU C CA  1 
ATOM   720  C C   . LEU C 1 22 ? -6.37681  -1.39267  9.03217   1.000 12.05794 ? 21  LEU C C   1 
ATOM   721  O O   . LEU C 1 22 ? -5.97909  -1.47149  10.20114  1.000 10.93757 ? 21  LEU C O   1 
ATOM   722  C CB  . LEU C 1 22 ? -4.58602  -0.91164  7.34330   1.000 8.76258  ? 21  LEU C CB  1 
ATOM   723  C CG  . LEU C 1 22 ? -3.50040  -1.47755  6.43471   1.000 9.24161  ? 21  LEU C CG  1 
ATOM   724  C CD1 . LEU C 1 22 ? -2.75383  -0.34738  5.72870   1.000 10.86377 ? 21  LEU C CD1 1 
ATOM   725  C CD2 . LEU C 1 22 ? -2.54307  -2.38212  7.21505   1.000 9.68555  ? 21  LEU C CD2 1 
ATOM   726  N N   . LYS C 1 23 ? -7.53487  -0.80942  8.71063   1.000 11.78894 ? 22  LYS C N   1 
ATOM   727  C CA  . LYS C 1 23 ? -8.41553  -0.32527  9.76931   1.000 12.73295 ? 22  LYS C CA  1 
ATOM   728  C C   . LYS C 1 23 ? -8.94630  -1.48600  10.59819  1.000 12.84713 ? 22  LYS C C   1 
ATOM   729  O O   . LYS C 1 23 ? -9.03660  -1.38172  11.83011  1.000 14.42418 ? 22  LYS C O   1 
ATOM   730  C CB  . LYS C 1 23 ? -9.56175  0.48799   9.16849   1.000 13.69330 ? 22  LYS C CB  1 
ATOM   731  C CG  . LYS C 1 23 ? -10.59511 0.96625   10.18693  1.000 19.73475 ? 22  LYS C CG  1 
ATOM   732  C CD  . LYS C 1 23 ? -10.12272 2.16588   10.98500  1.000 25.85971 ? 22  LYS C CD  1 
ATOM   733  C CE  . LYS C 1 23 ? -11.27991 2.76083   11.78607  1.000 24.84324 ? 22  LYS C CE  1 
ATOM   734  N NZ  . LYS C 1 23 ? -10.97655 4.11682   12.32080  1.000 33.26888 ? 22  LYS C NZ  1 
ATOM   735  N N   . GLU C 1 24 ? -9.26505  -2.60901  9.95118   1.000 12.75312 ? 23  GLU C N   1 
ATOM   736  C CA  . GLU C 1 24 ? -9.68173  -3.79310  10.70291  1.000 13.57247 ? 23  GLU C CA  1 
ATOM   737  C C   . GLU C 1 24 ? -8.58574  -4.23878  11.65633  1.000 18.12589 ? 23  GLU C C   1 
ATOM   738  O O   . GLU C 1 24 ? -8.86168  -4.62176  12.80120  1.000 17.92167 ? 23  GLU C O   1 
ATOM   739  C CB  . GLU C 1 24 ? -10.05291 -4.92565  9.74798   1.000 13.83631 ? 23  GLU C CB  1 
ATOM   740  C CG  . GLU C 1 24 ? -11.16901 -4.53016  8.79149   1.000 21.86224 ? 23  GLU C CG  1 
ATOM   741  C CD  . GLU C 1 24 ? -12.01636 -5.67984  8.33532   1.000 27.30452 ? 23  GLU C CD  1 
ATOM   742  O OE1 . GLU C 1 24 ? -11.45431 -6.70226  7.90546   1.000 42.09032 ? 23  GLU C OE1 1 
ATOM   743  O OE2 . GLU C 1 24 ? -13.26360 -5.57487  8.41995   1.000 33.14564 ? 23  GLU C OE2 1 
ATOM   744  N N   . ILE C 1 25 ? -7.33122  -4.18182  11.20324  1.000 13.64926 ? 24  ILE C N   1 
ATOM   745  C CA  . ILE C 1 25 ? -6.20862  -4.56257  12.05694  1.000 13.63839 ? 24  ILE C CA  1 
ATOM   746  C C   . ILE C 1 25 ? -6.06304  -3.58650  13.21867  1.000 17.72883 ? 24  ILE C C   1 
ATOM   747  O O   . ILE C 1 25 ? -5.82272  -3.99690  14.36279  1.000 17.01003 ? 24  ILE C O   1 
ATOM   748  C CB  . ILE C 1 25 ? -4.92238  -4.66254  11.21228  1.000 10.69142 ? 24  ILE C CB  1 
ATOM   749  C CG1 . ILE C 1 25 ? -4.97833  -5.89784  10.31477  1.000 12.42452 ? 24  ILE C CG1 1 
ATOM   750  C CG2 . ILE C 1 25 ? -3.66922  -4.68646  12.09949  1.000 15.26251 ? 24  ILE C CG2 1 
ATOM   751  C CD1 . ILE C 1 25 ? -3.97660  -5.91227  9.17601   1.000 15.44953 ? 24  ILE C CD1 1 
ATOM   752  N N   . GLN C 1 26 ? -6.22133  -2.28620  12.95706  1.000 15.47581 ? 25  GLN C N   1 
ATOM   753  C CA  . GLN C 1 26 ? -6.13874  -1.29234  14.02497  1.000 14.85414 ? 25  GLN C CA  1 
ATOM   754  C C   . GLN C 1 26 ? -7.18952  -1.54477  15.10003  1.000 18.90791 ? 25  GLN C C   1 
ATOM   755  O O   . GLN C 1 26 ? -6.92071  -1.38052  16.29727  1.000 21.07147 ? 25  GLN C O   1 
ATOM   756  C CB  . GLN C 1 26 ? -6.30390  0.11637   13.45340  1.000 17.90164 ? 25  GLN C CB  1 
ATOM   757  C CG  . GLN C 1 26 ? -5.14821  0.56473   12.56968  1.000 19.10316 ? 25  GLN C CG  1 
ATOM   758  C CD  . GLN C 1 26 ? -5.38749  1.90993   11.89425  1.000 23.84379 ? 25  GLN C CD  1 
ATOM   759  O OE1 . GLN C 1 26 ? -6.17690  2.02176   10.95014  1.000 21.79812 ? 25  GLN C OE1 1 
ATOM   760  N NE2 . GLN C 1 26 ? -4.68166  2.92973   12.35652  1.000 28.35620 ? 25  GLN C NE2 1 
ATOM   761  N N   . LYS C 1 27 ? -8.39381  -1.94203  14.69004  1.000 18.18017 ? 26  LYS C N   1 
ATOM   762  C CA  . LYS C 1 27 ? -9.44766  -2.21602  15.66022  1.000 20.55529 ? 26  LYS C CA  1 
ATOM   763  C C   . LYS C 1 27 ? -9.11272  -3.43436  16.50946  1.000 23.65227 ? 26  LYS C C   1 
ATOM   764  O O   . LYS C 1 27 ? -9.36042  -3.43711  17.72189  1.000 25.89044 ? 26  LYS C O   1 
ATOM   765  C CB  . LYS C 1 27 ? -10.77760 -2.41501  14.94230  1.000 17.88961 ? 26  LYS C CB  1 
ATOM   766  C CG  . LYS C 1 27 ? -11.33913 -1.15325  14.34167  1.000 19.34097 ? 26  LYS C CG  1 
ATOM   767  C CD  . LYS C 1 27 ? -12.69494 -1.43496  13.75352  1.000 21.18232 ? 26  LYS C CD  1 
ATOM   768  C CE  . LYS C 1 27 ? -13.42046 -0.15443  13.40813  1.000 18.60038 ? 26  LYS C CE  1 
ATOM   769  N NZ  . LYS C 1 27 ? -14.86392 -0.44084  13.18608  1.000 19.61431 ? 26  LYS C NZ  1 
ATOM   770  N N   . GLN C 1 28 ? -8.55321  -4.47838  15.89010  1.000 19.87633 ? 27  GLN C N   1 
ATOM   771  C CA  . GLN C 1 28 ? -8.18931  -5.68314  16.63668  1.000 25.04798 ? 27  GLN C CA  1 
ATOM   772  C C   . GLN C 1 28 ? -7.17777  -5.37062  17.72936  1.000 32.41518 ? 27  GLN C C   1 
ATOM   773  O O   . GLN C 1 28 ? -7.26417  -5.90638  18.84200  1.000 29.40818 ? 27  GLN C O   1 
ATOM   774  C CB  . GLN C 1 28 ? -7.61167  -6.73966  15.69906  1.000 22.94864 ? 27  GLN C CB  1 
ATOM   775  C CG  . GLN C 1 28 ? -8.56902  -7.34748  14.70808  1.000 27.41932 ? 27  GLN C CG  1 
ATOM   776  C CD  . GLN C 1 28 ? -7.85406  -8.24001  13.70873  1.000 41.22807 ? 27  GLN C CD  1 
ATOM   777  O OE1 . GLN C 1 28 ? -7.72238  -7.89646  12.53312  1.000 37.91474 ? 27  GLN C OE1 1 
ATOM   778  N NE2 . GLN C 1 28 ? -7.37397  -9.38703  14.17828  1.000 44.51538 ? 27  GLN C NE2 1 
ATOM   779  N N   . LEU C 1 29 ? -6.20107  -4.51848  17.42482  1.000 22.02933 ? 28  LEU C N   1 
ATOM   780  C CA  . LEU C 1 29 ? -5.13569  -4.23199  18.37282  1.000 26.50271 ? 28  LEU C CA  1 
ATOM   781  C C   . LEU C 1 29 ? -5.60643  -3.35517  19.52813  1.000 38.80890 ? 28  LEU C C   1 
ATOM   782  O O   . LEU C 1 29 ? -4.99229  -3.37814  20.60290  1.000 39.09123 ? 28  LEU C O   1 
ATOM   783  C CB  . LEU C 1 29 ? -3.95747  -3.58580  17.64428  1.000 19.75636 ? 28  LEU C CB  1 
ATOM   784  C CG  . LEU C 1 29 ? -3.35501  -4.47901  16.55793  1.000 20.04676 ? 28  LEU C CG  1 
ATOM   785  C CD1 . LEU C 1 29 ? -2.21274  -3.76134  15.87081  1.000 19.02621 ? 28  LEU C CD1 1 
ATOM   786  C CD2 . LEU C 1 29 ? -2.87899  -5.79747  17.15097  1.000 26.04904 ? 28  LEU C CD2 1 
ATOM   787  N N   . LYS C 1 30 ? -6.68876  -2.59352  19.34412  1.000 35.80633 ? 29  LYS C N   1 
ATOM   788  C CA  . LYS C 1 30 ? -7.21524  -1.81765  20.46163  1.000 43.40649 ? 29  LYS C CA  1 
ATOM   789  C C   . LYS C 1 30 ? -8.20321  -2.63417  21.28560  1.000 46.17646 ? 29  LYS C C   1 
ATOM   790  O O   . LYS C 1 30 ? -8.09061  -2.70648  22.51401  1.000 52.75402 ? 29  LYS C O   1 
ATOM   791  C CB  . LYS C 1 30 ? -7.85573  -0.51947  19.96615  1.000 42.91400 ? 29  LYS C CB  1 
ATOM   792  C CG  . LYS C 1 30 ? -6.86799  0.63647   19.66795  1.000 45.91756 ? 29  LYS C CG  1 
ATOM   793  C CD  . LYS C 1 30 ? -5.78908  0.92023   20.73388  1.000 46.49534 ? 29  LYS C CD  1 
ATOM   794  C CE  . LYS C 1 30 ? -4.55598  0.03024   20.60293  1.000 44.49780 ? 29  LYS C CE  1 
ATOM   795  N NZ  . LYS C 1 30 ? -3.38966  0.55523   21.37361  1.000 54.31529 ? 29  LYS C NZ  1 
ATOM   796  N N   . GLY C 1 31 ? -9.16775  -3.26794  20.63151  1.000 48.21705 ? 30  GLY C N   1 
ATOM   797  C CA  . GLY C 1 31 ? -10.09282 -4.15760  21.32234  1.000 52.67631 ? 30  GLY C CA  1 
ATOM   798  C C   . GLY C 1 31 ? -9.52561  -5.54366  21.56548  1.000 56.38737 ? 30  GLY C C   1 
ATOM   799  O O   . GLY C 1 31 ? -9.56095  -6.40267  20.68931  1.000 62.41246 ? 30  GLY C O   1 
HETATM 800  C C   . ACE D 1 1  ? 4.14493   -0.62310  -24.00910 1.000 17.64363 ? 0   ACE D C   1 
HETATM 801  O O   . ACE D 1 1  ? 3.68721   -1.75765  -24.19304 1.000 24.74242 ? 0   ACE D O   1 
HETATM 802  C CH3 . ACE D 1 1  ? 3.27058   0.57212   -24.03319 1.000 11.02688 ? 0   ACE D CH3 1 
ATOM   803  N N   . GLY D 1 2  ? 5.43247   -0.36694  -23.79707 1.000 17.89302 ? 1   GLY D N   1 
ATOM   804  C CA  . GLY D 1 2  ? 5.94328   0.97560   -23.56616 1.000 16.45611 ? 1   GLY D CA  1 
ATOM   805  C C   . GLY D 1 2  ? 6.29513   1.22458   -22.10968 1.000 17.74844 ? 1   GLY D C   1 
ATOM   806  O O   . GLY D 1 2  ? 5.85706   0.48482   -21.23215 1.000 17.00161 ? 1   GLY D O   1 
ATOM   807  N N   . GLU D 1 3  ? 7.06996   2.28185   -21.85369 1.000 15.21260 ? 2   GLU D N   1 
ATOM   808  C CA  . GLU D 1 3  ? 7.65820   2.45645   -20.52785 1.000 21.25174 ? 2   GLU D CA  1 
ATOM   809  C C   . GLU D 1 3  ? 6.60581   2.78557   -19.47736 1.000 18.25552 ? 2   GLU D C   1 
ATOM   810  O O   . GLU D 1 3  ? 6.66842   2.27433   -18.35535 1.000 14.45375 ? 2   GLU D O   1 
ATOM   811  C CB  . GLU D 1 3  ? 8.73506   3.53757   -20.56331 1.000 23.63977 ? 2   GLU D CB  1 
ATOM   812  C CG  . GLU D 1 3  ? 10.07846  3.07506   -21.13937 1.000 33.62742 ? 2   GLU D CG  1 
ATOM   813  C CD  . GLU D 1 3  ? 10.53949  1.71994   -20.60970 1.000 46.46955 ? 2   GLU D CD  1 
ATOM   814  O OE1 . GLU D 1 3  ? 10.11041  0.67620   -21.15229 1.000 47.33801 ? 2   GLU D OE1 1 
ATOM   815  O OE2 . GLU D 1 3  ? 11.33518  1.69994   -19.64559 1.000 51.04033 ? 2   GLU D OE2 1 
ATOM   816  N N   . ILE D 1 4  ? 5.63619   3.63968   -19.80999 1.000 16.17331 ? 3   ILE D N   1 
ATOM   817  C CA  . ILE D 1 4  ? 4.57792   3.92708   -18.84471 1.000 13.91403 ? 3   ILE D CA  1 
ATOM   818  C C   . ILE D 1 4  ? 3.80905   2.65461   -18.50614 1.000 13.33442 ? 3   ILE D C   1 
ATOM   819  O O   . ILE D 1 4  ? 3.53270   2.37003   -17.33373 1.000 11.87712 ? 3   ILE D O   1 
ATOM   820  C CB  . ILE D 1 4  ? 3.65580   5.04373   -19.37396 1.000 12.53430 ? 3   ILE D CB  1 
ATOM   821  C CG1 . ILE D 1 4  ? 4.34353   6.40006   -19.20659 1.000 16.92698 ? 3   ILE D CG1 1 
ATOM   822  C CG2 . ILE D 1 4  ? 2.31447   5.04707   -18.64033 1.000 11.21301 ? 3   ILE D CG2 1 
ATOM   823  C CD1 . ILE D 1 4  ? 3.59275   7.55861   -19.84902 1.000 15.80647 ? 3   ILE D CD1 1 
ATOM   824  N N   . GLN D 1 5  ? 3.47665   1.84604   -19.51587 1.000 13.04246 ? 4   GLN D N   1 
ATOM   825  C CA  . GLN D 1 5  ? 2.75932   0.60726   -19.22909 1.000 11.25790 ? 4   GLN D CA  1 
ATOM   826  C C   . GLN D 1 5  ? 3.62348   -0.37465  -18.44426 1.000 13.37816 ? 4   GLN D C   1 
ATOM   827  O O   . GLN D 1 5  ? 3.10100   -1.11686  -17.60621 1.000 14.64254 ? 4   GLN D O   1 
ATOM   828  C CB  . GLN D 1 5  ? 2.24996   -0.04382  -20.52619 1.000 16.31507 ? 4   GLN D CB  1 
ATOM   829  C CG  . GLN D 1 5  ? 1.10984   0.70746   -21.24064 1.000 16.14053 ? 4   GLN D CG  1 
ATOM   830  C CD  . GLN D 1 5  ? -0.25701  0.50449   -20.60434 1.000 19.40167 ? 4   GLN D CD  1 
ATOM   831  O OE1 . GLN D 1 5  ? -0.39240  -0.15114  -19.56943 1.000 17.52948 ? 4   GLN D OE1 1 
ATOM   832  N NE2 . GLN D 1 5  ? -1.28381  1.06820   -21.23543 1.000 18.86124 ? 4   GLN D NE2 1 
ATOM   833  N N   . LYS D 1 6  ? 4.93596   -0.38080  -18.67668 1.000 14.78836 ? 5   LYS D N   1 
ATOM   834  C CA  . LYS D 1 6  ? 5.80835   -1.24563  -17.88679 1.000 15.29818 ? 5   LYS D CA  1 
ATOM   835  C C   . LYS D 1 6  ? 5.84099   -0.81111  -16.42462 1.000 14.60738 ? 5   LYS D C   1 
ATOM   836  O O   . LYS D 1 6  ? 5.87027   -1.65617  -15.52058 1.000 15.67328 ? 5   LYS D O   1 
ATOM   837  C CB  . LYS D 1 6  ? 7.21588   -1.24585  -18.47638 1.000 19.75915 ? 5   LYS D CB  1 
ATOM   838  C CG  . LYS D 1 6  ? 8.23565   -2.05972  -17.68300 1.000 26.13217 ? 5   LYS D CG  1 
ATOM   839  C CD  . LYS D 1 6  ? 7.82493   -3.52166  -17.58177 1.000 40.11658 ? 5   LYS D CD  1 
ATOM   840  C CE  . LYS D 1 6  ? 8.08070   -4.07587  -16.18993 1.000 40.82343 ? 5   LYS D CE  1 
ATOM   841  N NZ  . LYS D 1 6  ? 6.82999   -4.17830  -15.40101 1.000 24.43011 ? 5   LYS D NZ  1 
ATOM   842  N N   . GLN D 1 7  ? 5.84450   0.50126   -16.17611 1.000 14.81759 ? 6   GLN D N   1 
ATOM   843  C CA  . GLN D 1 7  ? 5.81432   0.98786   -14.79852 1.000 13.92391 ? 6   GLN D CA  1 
ATOM   844  C C   . GLN D 1 7  ? 4.50644   0.62055   -14.11521 1.000 15.02227 ? 6   GLN D C   1 
ATOM   845  O O   . GLN D 1 7  ? 4.49251   0.26296   -12.92904 1.000 12.52430 ? 6   GLN D O   1 
ATOM   846  C CB  . GLN D 1 7  ? 6.00050   2.50099   -14.76228 1.000 14.62424 ? 6   GLN D CB  1 
ATOM   847  C CG  . GLN D 1 7  ? 7.38904   2.98535   -15.05941 1.000 14.31016 ? 6   GLN D CG  1 
ATOM   848  C CD  . GLN D 1 7  ? 7.44616   4.49351   -15.05557 1.000 17.99088 ? 6   GLN D CD  1 
ATOM   849  O OE1 . GLN D 1 7  ? 6.92671   5.14366   -15.96619 1.000 18.32365 ? 6   GLN D OE1 1 
ATOM   850  N NE2 . GLN D 1 7  ? 8.05376   5.06416   -14.01906 1.000 15.72669 ? 6   GLN D NE2 1 
ATOM   851  N N   . LEU D 1 8  ? 3.38791   0.73607   -14.83252 1.000 11.29392 ? 7   LEU D N   1 
ATOM   852  C CA  . LEU D 1 8  ? 2.11021   0.33837   -14.25532 1.000 11.54658 ? 7   LEU D CA  1 
ATOM   853  C C   . LEU D 1 8  ? 2.09943   -1.14789  -13.93625 1.000 15.81413 ? 7   LEU D C   1 
ATOM   854  O O   . LEU D 1 8  ? 1.56842   -1.55546  -12.90033 1.000 14.74837 ? 7   LEU D O   1 
ATOM   855  C CB  . LEU D 1 8  ? 0.95533   0.70184   -15.19411 1.000 12.52282 ? 7   LEU D CB  1 
ATOM   856  C CG  . LEU D 1 8  ? 0.66058   2.20261   -15.24628 1.000 14.70711 ? 7   LEU D CG  1 
ATOM   857  C CD1 . LEU D 1 8  ? -0.21504  2.54543   -16.43630 1.000 16.40025 ? 7   LEU D CD1 1 
ATOM   858  C CD2 . LEU D 1 8  ? 0.01314   2.65200   -13.94154 1.000 18.46308 ? 7   LEU D CD2 1 
ATOM   859  N N   . LYS D 1 9  ? 2.70520   -1.97341  -14.79687 1.000 15.97996 ? 8   LYS D N   1 
ATOM   860  C CA  . LYS D 1 9  ? 2.74069   -3.40638  -14.52099 1.000 15.25256 ? 8   LYS D CA  1 
ATOM   861  C C   . LYS D 1 9  ? 3.56022   -3.69764  -13.26743 1.000 13.06272 ? 8   LYS D C   1 
ATOM   862  O O   . LYS D 1 9  ? 3.17269   -4.53449  -12.44167 1.000 14.28099 ? 8   LYS D O   1 
ATOM   863  C CB  . LYS D 1 9  ? 3.29360   -4.15752  -15.73522 1.000 17.36581 ? 8   LYS D CB  1 
ATOM   864  C CG  . LYS D 1 9  ? 3.46303   -5.65538  -15.50421 1.000 27.68538 ? 8   LYS D CG  1 
ATOM   865  C CD  . LYS D 1 9  ? 3.79264   -6.38631  -16.79605 1.000 39.41840 ? 8   LYS D CD  1 
ATOM   866  C CE  . LYS D 1 9  ? 3.70949   -7.89074  -16.60600 1.000 49.14717 ? 8   LYS D CE  1 
ATOM   867  N NZ  . LYS D 1 9  ? 2.36553   -8.42357  -16.97615 1.000 48.32116 ? 8   LYS D NZ  1 
ATOM   868  N N   . GLU D 1 10 ? 4.67647   -2.99015  -13.09417 1.000 12.81980 ? 9   GLU D N   1 
ATOM   869  C CA  . GLU D 1 10 ? 5.47811   -3.15075  -11.88164 1.000 14.33473 ? 9   GLU D CA  1 
ATOM   870  C C   . GLU D 1 10 ? 4.70069   -2.71317  -10.64588 1.000 13.77446 ? 9   GLU D C   1 
ATOM   871  O O   . GLU D 1 10 ? 4.74323   -3.37753  -9.60530  1.000 12.54647 ? 9   GLU D O   1 
ATOM   872  C CB  . GLU D 1 10 ? 6.77186   -2.35741  -11.99639 1.000 13.30397 ? 9   GLU D CB  1 
ATOM   873  C CG  . GLU D 1 10 ? 7.62814   -2.42793  -10.73269 1.000 19.02623 ? 9   GLU D CG  1 
ATOM   874  C CD  . GLU D 1 10 ? 8.89996   -1.60919  -10.82448 1.000 30.49113 ? 9   GLU D CD  1 
ATOM   875  O OE1 . GLU D 1 10 ? 8.95515   -0.67744  -11.65591 1.000 36.86720 ? 9   GLU D OE1 1 
ATOM   876  O OE2 . GLU D 1 10 ? 9.84635   -1.89471  -10.05877 1.000 34.22457 ? 9   GLU D OE2 1 
ATOM   877  N N   . ILE D 1 11 ? 3.97426   -1.60099  -10.74454 1.000 12.82975 ? 10  ILE D N   1 
ATOM   878  C CA  . ILE D 1 11 ? 3.15043   -1.15101  -9.62588  1.000 11.77678 ? 10  ILE D CA  1 
ATOM   879  C C   . ILE D 1 11 ? 2.10091   -2.20138  -9.26598  1.000 10.50051 ? 10  ILE D C   1 
ATOM   880  O O   . ILE D 1 11 ? 1.86775   -2.48545  -8.08417  1.000 11.98696 ? 10  ILE D O   1 
ATOM   881  C CB  . ILE D 1 11 ? 2.52273   0.21653   -9.96416  1.000 10.92204 ? 10  ILE D CB  1 
ATOM   882  C CG1 . ILE D 1 11 ? 3.57116   1.31076   -9.80570  1.000 11.97831 ? 10  ILE D CG1 1 
ATOM   883  C CG2 . ILE D 1 11 ? 1.33240   0.51814   -9.08227  1.000 12.24714 ? 10  ILE D CG2 1 
ATOM   884  C CD1 . ILE D 1 11 ? 3.20654   2.59719   -10.54210 1.000 11.27003 ? 10  ILE D CD1 1 
ATOM   885  N N   . GLN D 1 12 ? 1.46474   -2.81394  -10.27417 1.000 14.82422 ? 11  GLN D N   1 
ATOM   886  C CA  . GLN D 1 12 ? 0.49320   -3.86984  -9.99868  1.000 13.45809 ? 11  GLN D CA  1 
ATOM   887  C C   . GLN D 1 12 ? 1.14856   -5.04868  -9.28856  1.000 11.08928 ? 11  GLN D C   1 
ATOM   888  O O   . GLN D 1 12 ? 0.55178   -5.64466  -8.38494  1.000 14.36075 ? 11  GLN D O   1 
ATOM   889  C CB  . GLN D 1 12 ? -0.16818  -4.34266  -11.29811 1.000 17.67201 ? 11  GLN D CB  1 
ATOM   890  C CG  . GLN D 1 12 ? -0.74341  -3.23444  -12.15040 1.000 27.33046 ? 11  GLN D CG  1 
ATOM   891  C CD  . GLN D 1 12 ? -2.20015  -2.98998  -11.85932 1.000 38.94011 ? 11  GLN D CD  1 
ATOM   892  O OE1 . GLN D 1 12 ? -2.71355  -3.41475  -10.82129 1.000 39.12510 ? 11  GLN D OE1 1 
ATOM   893  N NE2 . GLN D 1 12 ? -2.88077  -2.30595  -12.77057 1.000 32.81901 ? 11  GLN D NE2 1 
ATOM   894  N N   . LYS D 1 13 ? 2.38131   -5.37976  -9.67129  1.000 13.73527 ? 12  LYS D N   1 
ATOM   895  C CA  . LYS D 1 13 ? 3.10544   -6.44993  -8.99838  1.000 13.09001 ? 12  LYS D CA  1 
ATOM   896  C C   . LYS D 1 13 ? 3.42448   -6.06855  -7.56072  1.000 11.99224 ? 12  LYS D C   1 
ATOM   897  O O   . LYS D 1 13 ? 3.30878   -6.90030  -6.65355  1.000 12.85253 ? 12  LYS D O   1 
ATOM   898  C CB  . LYS D 1 13 ? 4.38091   -6.77755  -9.76694  1.000 16.35396 ? 12  LYS D CB  1 
ATOM   899  C CG  . LYS D 1 13 ? 5.21248   -7.88642  -9.16691  1.000 21.83756 ? 12  LYS D CG  1 
ATOM   900  C CD  . LYS D 1 13 ? 6.62654   -7.83214  -9.72487  1.000 28.49325 ? 12  LYS D CD  1 
ATOM   901  C CE  . LYS D 1 13 ? 7.65051   -8.23213  -8.68026  1.000 39.82891 ? 12  LYS D CE  1 
ATOM   902  N NZ  . LYS D 1 13 ? 8.31851   -7.05767  -8.01854  1.000 21.86681 ? 12  LYS D NZ  1 
ATOM   903  N N   . GLN D 1 14 ? 3.80266   -4.81057  -7.33060  1.000 11.19247 ? 13  GLN D N   1 
ATOM   904  C CA  . GLN D 1 14 ? 4.06271   -4.37468  -5.95954  1.000 10.62235 ? 13  GLN D CA  1 
ATOM   905  C C   . GLN D 1 14 ? 2.80830   -4.47037  -5.10668  1.000 11.26583 ? 13  GLN D C   1 
ATOM   906  O O   . GLN D 1 14 ? 2.88449   -4.81689  -3.92411  1.000 10.76310 ? 13  GLN D O   1 
ATOM   907  C CB  . GLN D 1 14 ? 4.58143   -2.94163  -5.94559  1.000 9.93302  ? 13  GLN D CB  1 
ATOM   908  C CG  . GLN D 1 14 ? 5.95962   -2.77281  -6.50797  1.000 11.42597 ? 13  GLN D CG  1 
ATOM   909  C CD  . GLN D 1 14 ? 6.39214   -1.32470  -6.52369  1.000 13.78718 ? 13  GLN D CD  1 
ATOM   910  O OE1 . GLN D 1 14 ? 5.86055   -0.51476  -7.28952  1.000 16.50528 ? 13  GLN D OE1 1 
ATOM   911  N NE2 . GLN D 1 14 ? 7.35513   -0.98324  -5.67177  1.000 12.69801 ? 13  GLN D NE2 1 
ATOM   912  N N   . LEU D 1 15 ? 1.64144   -4.14310  -5.68259  1.000 11.38738 ? 14  LEU D N   1 
ATOM   913  C CA  . LEU D 1 15 ? 0.39134   -4.23375  -4.93475  1.000 11.20822 ? 14  LEU D CA  1 
ATOM   914  C C   . LEU D 1 15 ? 0.06784   -5.67526  -4.58009  1.000 11.10815 ? 14  LEU D C   1 
ATOM   915  O O   . LEU D 1 15 ? -0.43322  -5.95032  -3.48398  1.000 13.89544 ? 14  LEU D O   1 
ATOM   916  C CB  . LEU D 1 15 ? -0.75603  -3.61110  -5.73766  1.000 14.71173 ? 14  LEU D CB  1 
ATOM   917  C CG  . LEU D 1 15 ? -0.68227  -2.09185  -5.84496  1.000 18.62211 ? 14  LEU D CG  1 
ATOM   918  C CD1 . LEU D 1 15 ? -1.73679  -1.56685  -6.80489  1.000 19.11747 ? 14  LEU D CD1 1 
ATOM   919  C CD2 . LEU D 1 15 ? -0.85499  -1.47237  -4.46884  1.000 17.23066 ? 14  LEU D CD2 1 
ATOM   920  N N   . LYS D 1 16 ? 0.34456   -6.61230  -5.49702  1.000 12.52826 ? 15  LYS D N   1 
ATOM   921  C CA  . LYS D 1 16 ? 0.11126   -8.01535  -5.18002  1.000 15.52966 ? 15  LYS D CA  1 
ATOM   922  C C   . LYS D 1 16 ? 1.04161   -8.48340  -4.06868  1.000 12.56858 ? 15  LYS D C   1 
ATOM   923  O O   . LYS D 1 16 ? 0.64438   -9.28714  -3.21794  1.000 12.90726 ? 15  LYS D O   1 
ATOM   924  C CB  . LYS D 1 16 ? 0.27288   -8.87911  -6.43157  1.000 16.50976 ? 15  LYS D CB  1 
ATOM   925  C CG  . LYS D 1 16 ? -0.82907  -8.66187  -7.45450  1.000 23.30036 ? 15  LYS D CG  1 
ATOM   926  C CD  . LYS D 1 16 ? -0.46130  -9.22425  -8.82423  1.000 30.00569 ? 15  LYS D CD  1 
ATOM   927  C CE  . LYS D 1 16 ? -1.64653  -9.15312  -9.77979  1.000 39.65706 ? 15  LYS D CE  1 
ATOM   928  N NZ  . LYS D 1 16 ? -1.65524  -7.89772  -10.58832 1.000 40.31247 ? 15  LYS D NZ  1 
ATOM   929  N N   . GLU D 1 17 ? 2.27771   -7.98279  -4.05708  1.000 10.96885 ? 16  GLU D N   1 
ATOM   930  C CA  . GLU D 1 17 ? 3.19055   -8.31099  -2.96527  1.000 9.48566  ? 16  GLU D CA  1 
ATOM   931  C C   . GLU D 1 17 ? 2.68463   -7.75097  -1.64025  1.000 10.73528 ? 16  GLU D C   1 
ATOM   932  O O   . GLU D 1 17 ? 2.73715   -8.43392  -0.61186  1.000 10.91928 ? 16  GLU D O   1 
ATOM   933  C CB  . GLU D 1 17 ? 4.58913   -7.78757  -3.28348  1.000 11.08718 ? 16  GLU D CB  1 
ATOM   934  C CG  . GLU D 1 17 ? 5.20426   -8.47964  -4.49826  1.000 12.92681 ? 16  GLU D CG  1 
ATOM   935  C CD  . GLU D 1 17 ? 6.46779   -7.83237  -5.00472  1.000 18.78477 ? 16  GLU D CD  1 
ATOM   936  O OE1 . GLU D 1 17 ? 6.73161   -6.64522  -4.70239  1.000 16.56542 ? 16  GLU D OE1 1 
ATOM   937  O OE2 . GLU D 1 17 ? 7.20589   -8.52118  -5.74161  1.000 19.57856 ? 16  GLU D OE2 1 
ATOM   938  N N   . ILE D 1 18 ? 2.17217   -6.51767  -1.65130  1.000 10.75709 ? 17  ILE D N   1 
ATOM   939  C CA  . ILE D 1 18 ? 1.60393   -5.93198  -0.43989  1.000 10.64030 ? 17  ILE D CA  1 
ATOM   940  C C   . ILE D 1 18 ? 0.41313   -6.74386  0.03507   1.000 12.81861 ? 17  ILE D C   1 
ATOM   941  O O   . ILE D 1 18 ? 0.24941   -6.98369  1.23613   1.000 11.98240 ? 17  ILE D O   1 
ATOM   942  C CB  . ILE D 1 18 ? 1.23236   -4.46124  -0.69771  1.000 10.84635 ? 17  ILE D CB  1 
ATOM   943  C CG1 . ILE D 1 18 ? 2.50602   -3.62038  -0.69668  1.000 11.22229 ? 17  ILE D CG1 1 
ATOM   944  C CG2 . ILE D 1 18 ? 0.21021   -3.94786  0.32185   1.000 13.75584 ? 17  ILE D CG2 1 
ATOM   945  C CD1 . ILE D 1 18 ? 2.35212   -2.28304  -1.39895  1.000 13.11987 ? 17  ILE D CD1 1 
ATOM   946  N N   . GLN D 1 19 ? -0.41920  -7.21185  -0.89778  1.000 12.29651 ? 18  GLN D N   1 
ATOM   947  C CA  . GLN D 1 19 ? -1.56200  -8.02758  -0.51041  1.000 13.56079 ? 18  GLN D CA  1 
ATOM   948  C C   . GLN D 1 19 ? -1.10831  -9.32492  0.15240   1.000 13.03565 ? 18  GLN D C   1 
ATOM   949  O O   . GLN D 1 19 ? -1.71169  -9.77111  1.13668   1.000 13.59089 ? 18  GLN D O   1 
ATOM   950  C CB  . GLN D 1 19 ? -2.44077  -8.29492  -1.73583  1.000 15.46907 ? 18  GLN D CB  1 
ATOM   951  C CG  . GLN D 1 19 ? -3.18340  -7.03207  -2.20007  1.000 19.40335 ? 18  GLN D CG  1 
ATOM   952  C CD  . GLN D 1 19 ? -3.57290  -7.05608  -3.67091  1.000 32.54586 ? 18  GLN D CD  1 
ATOM   953  O OE1 . GLN D 1 19 ? -3.33191  -8.03474  -4.37810  1.000 34.21873 ? 18  GLN D OE1 1 
ATOM   954  N NE2 . GLN D 1 19 ? -4.17765  -5.96593  -4.13867  1.000 24.44584 ? 18  GLN D NE2 1 
ATOM   955  N N   . TRP D 1 20 ? -0.01468  -9.91001  -0.34616  1.000 12.33845 ? 19  TRP D N   1 
ATOM   956  C CA  . TRP D 1 20 ? 0.58176   -11.08051 0.28845   1.000 11.15062 ? 19  TRP D CA  1 
ATOM   957  C C   . TRP D 1 20 ? 1.08064   -10.75250 1.69111   1.000 11.61334 ? 19  TRP D C   1 
ATOM   958  O O   . TRP D 1 20 ? 0.86795   -11.52402 2.63179   1.000 11.68757 ? 19  TRP D O   1 
ATOM   959  C CB  . TRP D 1 20 ? 1.72469   -11.59095 -0.58857  1.000 13.14836 ? 19  TRP D CB  1 
ATOM   960  C CG  . TRP D 1 20 ? 2.45935   -12.79816 -0.08352  1.000 19.62189 ? 19  TRP D CG  1 
ATOM   961  C CD1 . TRP D 1 20 ? 3.35502   -12.84926 0.94784   1.000 21.95101 ? 19  TRP D CD1 1 
ATOM   962  C CD2 . TRP D 1 20 ? 2.38216   -14.12793 -0.61368  1.000 29.74701 ? 19  TRP D CD2 1 
ATOM   963  N NE1 . TRP D 1 20 ? 3.82704   -14.13242 1.10158   1.000 24.53551 ? 19  TRP D NE1 1 
ATOM   964  C CE2 . TRP D 1 20 ? 3.24628   -14.93583 0.15619   1.000 28.43688 ? 19  TRP D CE2 1 
ATOM   965  C CE3 . TRP D 1 20 ? 1.66549   -14.71426 -1.66271  1.000 34.04976 ? 19  TRP D CE3 1 
ATOM   966  C CZ2 . TRP D 1 20 ? 3.41256   -16.29955 -0.09307  1.000 42.74741 ? 19  TRP D CZ2 1 
ATOM   967  C CZ3 . TRP D 1 20 ? 1.82999   -16.07015 -1.90486  1.000 43.98883 ? 19  TRP D CZ3 1 
ATOM   968  C CH2 . TRP D 1 20 ? 2.69541   -16.84635 -1.12274  1.000 36.55581 ? 19  TRP D CH2 1 
ATOM   969  N N   . GLN D 1 21 ? 1.74769   -9.60566  1.85362   1.000 11.30135 ? 20  GLN D N   1 
ATOM   970  C CA  . GLN D 1 21 ? 2.25358   -9.24100  3.17424   1.000 9.37071  ? 20  GLN D CA  1 
ATOM   971  C C   . GLN D 1 21 ? 1.11720   -9.04290  4.16431   1.000 9.95919  ? 20  GLN D C   1 
ATOM   972  O O   . GLN D 1 21 ? 1.22920   -9.42887  5.33654   1.000 11.21009 ? 20  GLN D O   1 
ATOM   973  C CB  . GLN D 1 21 ? 3.07751   -7.96212  3.09819   1.000 8.33292  ? 20  GLN D CB  1 
ATOM   974  C CG  . GLN D 1 21 ? 4.37279   -8.07771  2.34134   1.000 9.66757  ? 20  GLN D CG  1 
ATOM   975  C CD  . GLN D 1 21 ? 5.07932   -6.74889  2.28197   1.000 10.95980 ? 20  GLN D CD  1 
ATOM   976  O OE1 . GLN D 1 21 ? 4.57620   -5.79744  1.67840   1.000 10.76464 ? 20  GLN D OE1 1 
ATOM   977  N NE2 . GLN D 1 21 ? 6.24175   -6.66553  2.92010   1.000 9.79503  ? 20  GLN D NE2 1 
ATOM   978  N N   . LEU D 1 22 ? 0.01986   -8.42667  3.71248   1.000 10.83121 ? 21  LEU D N   1 
ATOM   979  C CA  . LEU D 1 22 ? -1.13501  -8.22932  4.58049   1.000 11.37987 ? 21  LEU D CA  1 
ATOM   980  C C   . LEU D 1 22 ? -1.75983  -9.55196  4.98582   1.000 12.86813 ? 21  LEU D C   1 
ATOM   981  O O   . LEU D 1 22 ? -2.19720  -9.70917  6.13431   1.000 14.16410 ? 21  LEU D O   1 
ATOM   982  C CB  . LEU D 1 22 ? -2.18019  -7.35657  3.88737   1.000 14.25530 ? 21  LEU D CB  1 
ATOM   983  C CG  . LEU D 1 22 ? -1.83502  -5.88360  3.73948   1.000 18.42155 ? 21  LEU D CG  1 
ATOM   984  C CD1 . LEU D 1 22 ? -2.86581  -5.18185  2.85400   1.000 23.07627 ? 21  LEU D CD1 1 
ATOM   985  C CD2 . LEU D 1 22 ? -1.75707  -5.23351  5.10668   1.000 20.89887 ? 21  LEU D CD2 1 
ATOM   986  N N   . LYS D 1 23 ? -1.82621  -10.51450 4.05892   1.000 12.49988 ? 22  LYS D N   1 
ATOM   987  C CA  . LYS D 1 23 ? -2.36448  -11.82121 4.41882   1.000 14.91140 ? 22  LYS D CA  1 
ATOM   988  C C   . LYS D 1 23 ? -1.48058  -12.50961 5.45164   1.000 15.29915 ? 22  LYS D C   1 
ATOM   989  O O   . LYS D 1 23 ? -1.98503  -13.18150 6.35867   1.000 16.06180 ? 22  LYS D O   1 
ATOM   990  C CB  . LYS D 1 23 ? -2.52394  -12.69156 3.17364   1.000 17.27992 ? 22  LYS D CB  1 
ATOM   991  C CG  . LYS D 1 23 ? -3.68037  -12.26447 2.29746   1.000 23.96572 ? 22  LYS D CG  1 
ATOM   992  C CD  . LYS D 1 23 ? -4.05947  -13.35851 1.31446   1.000 43.18800 ? 22  LYS D CD  1 
ATOM   993  C CE  . LYS D 1 23 ? -4.15639  -12.81954 -0.09912  1.000 42.68120 ? 22  LYS D CE  1 
ATOM   994  N NZ  . LYS D 1 23 ? -3.34532  -13.64280 -1.03668  1.000 49.60372 ? 22  LYS D NZ  1 
ATOM   995  N N   . GLU D 1 24 ? -0.16006  -12.34350 5.34379   1.000 12.18906 ? 23  GLU D N   1 
ATOM   996  C CA  . GLU D 1 24 ? 0.72690   -12.89087 6.36764   1.000 12.47730 ? 23  GLU D CA  1 
ATOM   997  C C   . GLU D 1 24 ? 0.47064   -12.23063 7.71529   1.000 12.20185 ? 23  GLU D C   1 
ATOM   998  O O   . GLU D 1 24 ? 0.41072   -12.90600 8.74887   1.000 12.25056 ? 23  GLU D O   1 
ATOM   999  C CB  . GLU D 1 24 ? 2.19453   -12.71873 5.95531   1.000 13.76115 ? 23  GLU D CB  1 
ATOM   1000 C CG  . GLU D 1 24 ? 3.17474   -13.24950 6.99684   1.000 15.30981 ? 23  GLU D CG  1 
ATOM   1001 C CD  . GLU D 1 24 ? 4.57487   -13.45245 6.44958   1.000 22.17683 ? 23  GLU D CD  1 
ATOM   1002 O OE1 . GLU D 1 24 ? 4.72641   -13.62367 5.21959   1.000 22.72495 ? 23  GLU D OE1 1 
ATOM   1003 O OE2 . GLU D 1 24 ? 5.52637   -13.45271 7.25887   1.000 26.25785 ? 23  GLU D OE2 1 
ATOM   1004 N N   . ILE D 1 25 ? 0.29568   -10.90856 7.72400   1.000 12.39637 ? 24  ILE D N   1 
ATOM   1005 C CA  . ILE D 1 25 ? 0.02054   -10.21232 8.97552   1.000 10.85451 ? 24  ILE D CA  1 
ATOM   1006 C C   . ILE D 1 25 ? -1.29351  -10.68892 9.57666   1.000 12.34537 ? 24  ILE D C   1 
ATOM   1007 O O   . ILE D 1 25 ? -1.39931  -10.89776 10.79155  1.000 13.28866 ? 24  ILE D O   1 
ATOM   1008 C CB  . ILE D 1 25 ? 0.02574   -8.68813  8.74339   1.000 11.45696 ? 24  ILE D CB  1 
ATOM   1009 C CG1 . ILE D 1 25 ? 1.46215   -8.19601  8.56924   1.000 11.65496 ? 24  ILE D CG1 1 
ATOM   1010 C CG2 . ILE D 1 25 ? -0.67513  -7.93721  9.88448   1.000 12.74349 ? 24  ILE D CG2 1 
ATOM   1011 C CD1 . ILE D 1 25 ? 1.55437   -6.84427  7.87210   1.000 11.78127 ? 24  ILE D CD1 1 
ATOM   1012 N N   . GLN D 1 26 ? -2.31423  -10.87029 8.74064   1.000 13.14910 ? 25  GLN D N   1 
ATOM   1013 C CA  . GLN D 1 26 ? -3.59772  -11.33550 9.25065   1.000 13.43459 ? 25  GLN D CA  1 
ATOM   1014 C C   . GLN D 1 26 ? -3.47373  -12.72823 9.85299   1.000 16.47692 ? 25  GLN D C   1 
ATOM   1015 O O   . GLN D 1 26 ? -4.10609  -13.02745 10.87328  1.000 17.29364 ? 25  GLN D O   1 
ATOM   1016 C CB  . GLN D 1 26 ? -4.63777  -11.30282 8.13404   1.000 17.13207 ? 25  GLN D CB  1 
ATOM   1017 C CG  . GLN D 1 26 ? -5.01401  -9.88530  7.71522   1.000 17.99326 ? 25  GLN D CG  1 
ATOM   1018 C CD  . GLN D 1 26 ? -5.62877  -9.82365  6.32753   1.000 27.63307 ? 25  GLN D CD  1 
ATOM   1019 O OE1 . GLN D 1 26 ? -5.61587  -10.80326 5.58297   1.000 32.00799 ? 25  GLN D OE1 1 
ATOM   1020 N NE2 . GLN D 1 26 ? -6.18424  -8.66799  5.98012   1.000 22.50837 ? 25  GLN D NE2 1 
ATOM   1021 N N   . LYS D 1 27 ? -2.64394  -13.58537 9.24898   1.000 13.89259 ? 26  LYS D N   1 
ATOM   1022 C CA  . LYS D 1 27 ? -2.38829  -14.90138 9.82801   1.000 16.51678 ? 26  LYS D CA  1 
ATOM   1023 C C   . LYS D 1 27 ? -1.66515  -14.78137 11.16721  1.000 16.90890 ? 26  LYS D C   1 
ATOM   1024 O O   . LYS D 1 27 ? -1.98611  -15.49966 12.12462  1.000 19.16907 ? 26  LYS D O   1 
ATOM   1025 C CB  . LYS D 1 27 ? -1.57237  -15.75567 8.85579   1.000 18.96201 ? 26  LYS D CB  1 
ATOM   1026 C CG  . LYS D 1 27 ? -2.36622  -16.29676 7.67634   1.000 31.72054 ? 26  LYS D CG  1 
ATOM   1027 C CD  . LYS D 1 27 ? -1.45250  -16.96868 6.65757   1.000 33.10981 ? 26  LYS D CD  1 
ATOM   1028 C CE  . LYS D 1 27 ? -2.24214  -17.49694 5.46660   1.000 43.95315 ? 26  LYS D CE  1 
ATOM   1029 N NZ  . LYS D 1 27 ? -1.36606  -17.80051 4.29795   1.000 48.95723 ? 26  LYS D NZ  1 
ATOM   1030 N N   . GLN D 1 28 ? -0.67887  -13.88417 11.25426  1.000 15.77341 ? 27  GLN D N   1 
ATOM   1031 C CA  . GLN D 1 28 ? 0.03331   -13.69422 12.51499  1.000 13.62095 ? 27  GLN D CA  1 
ATOM   1032 C C   . GLN D 1 28 ? -0.90228  -13.22642 13.62140  1.000 17.48992 ? 27  GLN D C   1 
ATOM   1033 O O   . GLN D 1 28 ? -0.74798  -13.62005 14.78563  1.000 19.67748 ? 27  GLN D O   1 
ATOM   1034 C CB  . GLN D 1 28 ? 1.16235   -12.68491 12.33493  1.000 13.37739 ? 27  GLN D CB  1 
ATOM   1035 C CG  . GLN D 1 28 ? 2.29962   -13.15356 11.45549  1.000 14.19742 ? 27  GLN D CG  1 
ATOM   1036 C CD  . GLN D 1 28 ? 3.35078   -12.08731 11.30184  1.000 16.53967 ? 27  GLN D CD  1 
ATOM   1037 O OE1 . GLN D 1 28 ? 3.16173   -11.12511 10.55338  1.000 19.72101 ? 27  GLN D OE1 1 
ATOM   1038 N NE2 . GLN D 1 28 ? 4.45564   -12.22713 12.03069  1.000 12.65942 ? 27  GLN D NE2 1 
ATOM   1039 N N   . LEU D 1 29 ? -1.86728  -12.36854 13.27861  1.000 17.35301 ? 28  LEU D N   1 
ATOM   1040 C CA  . LEU D 1 29 ? -2.79827  -11.84748 14.27156  1.000 21.15779 ? 28  LEU D CA  1 
ATOM   1041 C C   . LEU D 1 29 ? -3.80570  -12.89729 14.70803  1.000 30.31361 ? 28  LEU D C   1 
ATOM   1042 O O   . LEU D 1 29 ? -4.33190  -12.82025 15.82393  1.000 37.04257 ? 28  LEU D O   1 
ATOM   1043 C CB  . LEU D 1 29 ? -3.51916  -10.62253 13.71257  1.000 19.39438 ? 28  LEU D CB  1 
ATOM   1044 C CG  . LEU D 1 29 ? -2.61867  -9.39726  13.55745  1.000 19.41301 ? 28  LEU D CG  1 
ATOM   1045 C CD1 . LEU D 1 29 ? -3.26627  -8.35414  12.64330  1.000 20.75278 ? 28  LEU D CD1 1 
ATOM   1046 C CD2 . LEU D 1 29 ? -2.30583  -8.79917  14.91598  1.000 23.65799 ? 28  LEU D CD2 1 
ATOM   1047 N N   . LYS D 1 30 ? -4.10084  -13.86977 13.84633  1.000 23.21725 ? 29  LYS D N   1 
ATOM   1048 C CA  . LYS D 1 30 ? -4.96819  -14.96921 14.25246  1.000 33.66374 ? 29  LYS D CA  1 
ATOM   1049 C C   . LYS D 1 30 ? -4.25006  -15.89679 15.22509  1.000 41.49339 ? 29  LYS D C   1 
ATOM   1050 O O   . LYS D 1 30 ? -4.83303  -16.33023 16.22632  1.000 44.95610 ? 29  LYS D O   1 
ATOM   1051 C CB  . LYS D 1 30 ? -5.45024  -15.74170 13.02582  1.000 32.48520 ? 29  LYS D CB  1 
ATOM   1052 C CG  . LYS D 1 30 ? -6.61990  -16.67462 13.30670  1.000 47.20426 ? 29  LYS D CG  1 
ATOM   1053 C CD  . LYS D 1 30 ? -7.64264  -16.01147 14.22014  1.000 57.19395 ? 29  LYS D CD  1 
ATOM   1054 C CE  . LYS D 1 30 ? -9.04516  -16.55545 13.98533  1.000 58.55820 ? 29  LYS D CE  1 
ATOM   1055 N NZ  . LYS D 1 30 ? -9.21301  -17.92912 14.53808  1.000 56.33738 ? 29  LYS D NZ  1 
ATOM   1056 N N   . GLY D 1 31 ? -2.98536  -16.20797 14.94951  1.000 41.47145 ? 30  GLY D N   1 
ATOM   1057 C CA  . GLY D 1 31 ? -2.19005  -17.04341 15.82942  1.000 39.92290 ? 30  GLY D CA  1 
ATOM   1058 C C   . GLY D 1 31 ? -1.43641  -16.24210 16.87220  1.000 42.49050 ? 30  GLY D C   1 
ATOM   1059 O O   . GLY D 1 31 ? -2.02569  -15.43867 17.59770  1.000 44.28901 ? 30  GLY D O   1 
HETATM 1060 O O   . HOH E 2 .  ? 5.60710   10.83514  12.74461  1.000 33.96665 ? 101 HOH A O   1 
HETATM 1061 O O   . HOH E 2 .  ? -6.87054  8.00333   1.75452   1.000 19.38574 ? 102 HOH A O   1 
HETATM 1062 O O   . HOH E 2 .  ? -1.45632  14.40108  0.52375   1.000 39.59041 ? 103 HOH A O   1 
HETATM 1063 O O   . HOH E 2 .  ? -2.21368  7.83845   17.93015  1.000 37.05452 ? 104 HOH A O   1 
HETATM 1064 O O   . HOH E 2 .  ? -0.56615  7.65049   12.25725  1.000 27.35653 ? 105 HOH A O   1 
HETATM 1065 O O   . HOH E 2 .  ? -9.04606  12.76119  -1.98929  1.000 34.50623 ? 106 HOH A O   1 
HETATM 1066 O O   . HOH E 2 .  ? 2.04424   14.32503  -6.45696  1.000 35.37314 ? 107 HOH A O   1 
HETATM 1067 O O   . HOH E 2 .  ? 4.42809   11.34631  10.92929  1.000 23.65202 ? 108 HOH A O   1 
HETATM 1068 O O   . HOH E 2 .  ? -11.48128 14.33607  -12.21178 1.000 20.38466 ? 109 HOH A O   1 
HETATM 1069 O O   . HOH E 2 .  ? 9.07380   1.20921   10.97007  1.000 11.56249 ? 110 HOH A O   1 
HETATM 1070 O O   . HOH E 2 .  ? -9.67416  11.32439  -7.62284  1.000 20.79026 ? 111 HOH A O   1 
HETATM 1071 O O   . HOH E 2 .  ? 3.61858   2.71654   21.62999  1.000 36.15541 ? 112 HOH A O   1 
HETATM 1072 O O   . HOH E 2 .  ? -5.61704  5.14954   4.75060   1.000 19.47624 ? 113 HOH A O   1 
HETATM 1073 O O   . HOH E 2 .  ? -8.32663  16.82218  -14.22242 1.000 21.39496 ? 114 HOH A O   1 
HETATM 1074 O O   . HOH E 2 .  ? -5.96867  14.24997  -7.02833  1.000 16.77828 ? 115 HOH A O   1 
HETATM 1075 O O   . HOH E 2 .  ? -8.62191  8.82210   5.79398   1.000 41.81601 ? 116 HOH A O   1 
HETATM 1076 O O   . HOH E 2 .  ? -10.09582 18.10274  -12.08826 1.000 33.19953 ? 117 HOH A O   1 
HETATM 1077 O O   . HOH E 2 .  ? 2.36899   14.38102  -13.95593 1.000 16.84004 ? 118 HOH A O   1 
HETATM 1078 O O   . HOH E 2 .  ? 3.53594   15.29049  -8.05579  1.000 34.74151 ? 119 HOH A O   1 
HETATM 1079 O O   . HOH E 2 .  ? -1.02532  13.46017  -3.39591  1.000 19.31884 ? 120 HOH A O   1 
HETATM 1080 O O   . HOH E 2 .  ? 0.38392   15.47931  4.45932   1.000 23.48702 ? 121 HOH A O   1 
HETATM 1081 O O   . HOH E 2 .  ? -4.53700  7.40707   7.77172   1.000 19.68742 ? 122 HOH A O   1 
HETATM 1082 O O   . HOH E 2 .  ? -5.81758  5.38933   2.02315   1.000 12.66966 ? 123 HOH A O   1 
HETATM 1083 O O   . HOH E 2 .  ? -7.96874  9.70455   -0.24929  1.000 31.14937 ? 124 HOH A O   1 
HETATM 1084 O O   . HOH E 2 .  ? -3.89800  17.19173  -12.60960 1.000 23.11674 ? 125 HOH A O   1 
HETATM 1085 O O   . HOH E 2 .  ? -4.29202  13.58774  3.58199   1.000 30.21078 ? 126 HOH A O   1 
HETATM 1086 O O   . HOH E 2 .  ? -10.63648 15.05693  0.71305   1.000 48.74641 ? 127 HOH A O   1 
HETATM 1087 O O   . HOH E 2 .  ? 2.18642   10.70259  -0.60360  1.000 14.25470 ? 128 HOH A O   1 
HETATM 1088 O O   . HOH E 2 .  ? 5.07897   12.97825  -7.55339  1.000 16.62298 ? 129 HOH A O   1 
HETATM 1089 O O   . HOH E 2 .  ? -7.54197  4.22062   0.41385   1.000 18.46571 ? 130 HOH A O   1 
HETATM 1090 O O   . HOH E 2 .  ? -11.40321 12.63690  -9.50392  1.000 21.59170 ? 131 HOH A O   1 
HETATM 1091 O O   . HOH E 2 .  ? 5.21871   10.45186  15.80261  1.000 31.22032 ? 132 HOH A O   1 
HETATM 1092 O O   . HOH E 2 .  ? -5.77612  13.88354  -4.40534  1.000 21.02466 ? 133 HOH A O   1 
HETATM 1093 O O   . HOH E 2 .  ? -3.20306  17.09868  -10.54327 1.000 30.48713 ? 134 HOH A O   1 
HETATM 1094 O O   . HOH E 2 .  ? -8.54377  13.35620  -6.32213  1.000 29.21102 ? 135 HOH A O   1 
HETATM 1095 O O   . HOH E 2 .  ? 4.03493   1.80733   24.08800  1.000 43.82844 ? 136 HOH A O   1 
HETATM 1096 O O   . HOH E 2 .  ? 0.30587   14.86941  0.36321   1.000 39.14758 ? 137 HOH A O   1 
HETATM 1097 O O   . HOH E 2 .  ? -6.27454  20.15444  -14.84389 1.000 16.66342 ? 138 HOH A O   1 
HETATM 1098 O O   . HOH E 2 .  ? 4.01937   7.41745   19.41135  1.000 39.73461 ? 139 HOH A O   1 
HETATM 1099 O O   . HOH E 2 .  ? -8.89887  8.38878   1.04405   1.000 41.38279 ? 140 HOH A O   1 
HETATM 1100 O O   . HOH E 2 .  ? -6.15777  17.89402  -13.27684 1.000 21.37972 ? 141 HOH A O   1 
HETATM 1101 O O   . HOH E 2 .  ? 0.15963   12.76038  -0.97804  1.000 21.34340 ? 142 HOH A O   1 
HETATM 1102 O O   . HOH E 2 .  ? 5.71065   3.63686   17.68914  1.000 19.11794 ? 143 HOH A O   1 
HETATM 1103 O O   . HOH E 2 .  ? -3.96957  7.00944   10.37026  1.000 31.01488 ? 144 HOH A O   1 
HETATM 1104 O O   . HOH E 2 .  ? 6.00969   13.54174  -5.11621  1.000 24.43814 ? 145 HOH A O   1 
HETATM 1105 O O   . HOH E 2 .  ? 3.46408   13.73175  -3.64482  1.000 26.42605 ? 146 HOH A O   1 
HETATM 1106 O O   . HOH E 2 .  ? -3.46761  15.02749  -3.07011  1.000 33.40553 ? 147 HOH A O   1 
HETATM 1107 O O   . HOH E 2 .  ? -3.43632  15.94363  -0.11583  1.000 41.20173 ? 148 HOH A O   1 
HETATM 1108 O O   . HOH E 2 .  ? 3.61797   7.45171   16.46495  1.000 24.17924 ? 149 HOH A O   1 
HETATM 1109 O O   . HOH E 2 .  ? -5.52007  16.88826  -7.30792  1.000 36.36063 ? 150 HOH A O   1 
HETATM 1110 O O   . HOH E 2 .  ? -6.84390  18.85991  -10.92970 1.000 41.42329 ? 151 HOH A O   1 
HETATM 1111 O O   . HOH E 2 .  ? -4.81214  18.03290  -9.34443  1.000 43.07327 ? 152 HOH A O   1 
HETATM 1112 O O   . HOH F 2 .  ? 10.65864  1.63900   -11.75791 1.000 31.65296 ? 201 HOH B O   1 
HETATM 1113 O O   . HOH F 2 .  ? 8.20948   19.63364  -15.73420 1.000 40.61009 ? 202 HOH B O   1 
HETATM 1114 O O   . HOH F 2 .  ? 10.51301  10.43739  -9.76639  1.000 17.75642 ? 203 HOH B O   1 
HETATM 1115 O O   . HOH F 2 .  ? 8.79692   -3.31606  -4.46358  1.000 18.55957 ? 204 HOH B O   1 
HETATM 1116 O O   . HOH F 2 .  ? 13.90160  -3.61511  12.75111  1.000 17.50114 ? 205 HOH B O   1 
HETATM 1117 O O   . HOH F 2 .  ? 7.38565   11.74264  -3.87685  1.000 15.40905 ? 206 HOH B O   1 
HETATM 1118 O O   . HOH F 2 .  ? 8.91447   -15.14199 8.21839   1.000 26.08718 ? 207 HOH B O   1 
HETATM 1119 O O   . HOH F 2 .  ? 13.42086  0.03199   -7.48224  1.000 30.67452 ? 208 HOH B O   1 
HETATM 1120 O O   . HOH F 2 .  ? 4.50551   8.89265   -4.27315  1.000 10.62857 ? 209 HOH B O   1 
HETATM 1121 O O   . HOH F 2 .  ? 7.54386   -9.02766  4.20231   1.000 14.88723 ? 210 HOH B O   1 
HETATM 1122 O O   . HOH F 2 .  ? 10.30586  -0.66068  12.58644  1.000 18.44458 ? 211 HOH B O   1 
HETATM 1123 O O   . HOH F 2 .  ? 5.94288   14.36541  -12.12102 1.000 20.95921 ? 212 HOH B O   1 
HETATM 1124 O O   . HOH F 2 .  ? 11.65237  6.31127   -1.08655  1.000 11.35947 ? 213 HOH B O   1 
HETATM 1125 O O   . HOH F 2 .  ? 5.91424   3.02441   4.98266   1.000 8.51531  ? 214 HOH B O   1 
HETATM 1126 O O   . HOH F 2 .  ? 9.98195   -4.16003  13.58960  1.000 18.36600 ? 215 HOH B O   1 
HETATM 1127 O O   . HOH F 2 .  ? 3.55370   -16.72329 20.94287  1.000 23.46390 ? 216 HOH B O   1 
HETATM 1128 O O   . HOH F 2 .  ? 5.85797   -16.29315 14.49749  1.000 21.46779 ? 217 HOH B O   1 
HETATM 1129 O O   . HOH F 2 .  ? 14.81653  8.66518   -6.86115  1.000 26.96234 ? 218 HOH B O   1 
HETATM 1130 O O   . HOH F 2 .  ? 11.73051  3.65894   -1.65075  1.000 14.32052 ? 219 HOH B O   1 
HETATM 1131 O O   . HOH F 2 .  ? 16.03618  -7.51944  12.32820  1.000 21.24008 ? 220 HOH B O   1 
HETATM 1132 O O   . HOH F 2 .  ? 5.93860   9.05557   -22.81544 1.000 30.67224 ? 221 HOH B O   1 
HETATM 1133 O O   . HOH F 2 .  ? 4.65602   -15.22219 12.80365  1.000 27.07479 ? 222 HOH B O   1 
HETATM 1134 O O   . HOH F 2 .  ? 11.02980  10.84386  -17.13789 1.000 40.23900 ? 223 HOH B O   1 
HETATM 1135 O O   . HOH F 2 .  ? 6.69108   6.26024   -22.04754 1.000 24.90078 ? 224 HOH B O   1 
HETATM 1136 O O   . HOH F 2 .  ? 6.85657   -4.36586  19.75390  1.000 33.61487 ? 225 HOH B O   1 
HETATM 1137 O O   . HOH F 2 .  ? 4.51470   13.09516  -19.50996 1.000 39.71320 ? 226 HOH B O   1 
HETATM 1138 O O   . HOH F 2 .  ? 4.57915   11.02459  -21.35990 1.000 39.76306 ? 227 HOH B O   1 
HETATM 1139 O O   . HOH F 2 .  ? 6.77913   13.42112  -9.66352  1.000 18.90866 ? 228 HOH B O   1 
HETATM 1140 O O   . HOH F 2 .  ? 11.47134  8.75112   -14.31316 1.000 40.04245 ? 229 HOH B O   1 
HETATM 1141 O O   . HOH F 2 .  ? 9.56386   13.43850  -9.34603  1.000 33.79744 ? 230 HOH B O   1 
HETATM 1142 O O   . HOH G 2 .  ? -13.36138 -4.02529  9.94044   1.000 37.66614 ? 101 HOH C O   1 
HETATM 1143 O O   . HOH G 2 .  ? -9.84323  -7.55004  6.63416   1.000 31.90746 ? 102 HOH C O   1 
HETATM 1144 O O   . HOH G 2 .  ? -15.49052 5.03797   -13.13707 1.000 40.42867 ? 103 HOH C O   1 
HETATM 1145 O O   . HOH G 2 .  ? -5.79851  -6.48011  -0.35331  1.000 27.23861 ? 104 HOH C O   1 
HETATM 1146 O O   . HOH G 2 .  ? -9.41321  -3.06334  -8.61297  1.000 22.07115 ? 105 HOH C O   1 
HETATM 1147 O O   . HOH G 2 .  ? -9.91795  9.56317   -15.27625 1.000 17.84230 ? 106 HOH C O   1 
HETATM 1148 O O   . HOH G 2 .  ? -16.47364 1.31566   -10.82134 1.000 35.23369 ? 107 HOH C O   1 
HETATM 1149 O O   . HOH G 2 .  ? -11.37686 -5.48257  13.38607  1.000 27.23962 ? 108 HOH C O   1 
HETATM 1150 O O   . HOH G 2 .  ? -12.79690 0.90979   -13.10001 1.000 37.18421 ? 109 HOH C O   1 
HETATM 1151 O O   . HOH G 2 .  ? -9.79740  -8.18726  1.63047   1.000 19.09199 ? 110 HOH C O   1 
HETATM 1152 O O   . HOH G 2 .  ? -8.95538  7.15568   -13.31500 1.000 15.57267 ? 111 HOH C O   1 
HETATM 1153 O O   . HOH G 2 .  ? -11.29979 2.55241   -20.26790 1.000 14.00178 ? 112 HOH C O   1 
HETATM 1154 O O   . HOH G 2 .  ? -7.96049  -8.74030  9.90831   1.000 29.41069 ? 113 HOH C O   1 
HETATM 1155 O O   . HOH G 2 .  ? -0.33909  -2.85798  -15.87650 1.000 30.56578 ? 114 HOH C O   1 
HETATM 1156 O O   . HOH G 2 .  ? -14.43561 -3.39211  -15.22582 1.000 45.17171 ? 115 HOH C O   1 
HETATM 1157 O O   . HOH G 2 .  ? -13.44866 -7.29210  1.78170   1.000 17.41122 ? 116 HOH C O   1 
HETATM 1158 O O   . HOH G 2 .  ? -7.54451  4.45188   10.13084  1.000 37.61587 ? 117 HOH C O   1 
HETATM 1159 O O   . HOH G 2 .  ? -6.14442  -4.59653  -2.36210  1.000 16.28256 ? 118 HOH C O   1 
HETATM 1160 O O   . HOH G 2 .  ? -11.85403 -2.05615  18.50546  1.000 41.12207 ? 119 HOH C O   1 
HETATM 1161 O O   . HOH G 2 .  ? -7.26232  -0.94904  -18.02982 1.000 21.45923 ? 120 HOH C O   1 
HETATM 1162 O O   . HOH G 2 .  ? -15.82273 -2.02888  15.53013  1.000 23.94005 ? 121 HOH C O   1 
HETATM 1163 O O   . HOH G 2 .  ? -14.05567 0.36750   10.36002  1.000 21.25667 ? 122 HOH C O   1 
HETATM 1164 O O   . HOH G 2 .  ? -15.59086 -2.03890  -7.32570  1.000 31.41242 ? 123 HOH C O   1 
HETATM 1165 O O   . HOH G 2 .  ? -14.30576 -2.37966  10.79206  1.000 22.71524 ? 124 HOH C O   1 
HETATM 1166 O O   . HOH G 2 .  ? -15.49937 -3.56594  13.30075  1.000 22.15515 ? 125 HOH C O   1 
HETATM 1167 O O   . HOH G 2 .  ? -11.49429 2.08848   4.79153   1.000 21.92666 ? 126 HOH C O   1 
HETATM 1168 O O   . HOH G 2 .  ? -6.71647  6.53641   6.75528   1.000 28.12572 ? 127 HOH C O   1 
HETATM 1169 O O   . HOH G 2 .  ? -11.15450 4.96043   6.58397   1.000 32.10065 ? 128 HOH C O   1 
HETATM 1170 O O   . HOH G 2 .  ? -10.35897 6.25635   9.80719   1.000 42.84841 ? 129 HOH C O   1 
HETATM 1171 O O   . HOH G 2 .  ? -12.66796 4.42595   5.11817   1.000 25.45068 ? 130 HOH C O   1 
HETATM 1172 O O   . HOH G 2 .  ? -8.45200  5.00528   7.84305   1.000 34.11160 ? 131 HOH C O   1 
HETATM 1173 O O   . HOH G 2 .  ? -7.69383  -2.01554  -15.55026 1.000 31.51219 ? 132 HOH C O   1 
HETATM 1174 O O   . HOH G 2 .  ? -13.01737 -4.32049  17.37311  1.000 44.18098 ? 133 HOH C O   1 
HETATM 1175 O O   . HOH G 2 .  ? -12.27863 -5.89514  15.81926  1.000 33.04272 ? 134 HOH C O   1 
HETATM 1176 O O   . HOH G 2 .  ? -13.96574 5.83697   10.17718  1.000 38.16002 ? 135 HOH C O   1 
HETATM 1177 O O   . HOH G 2 .  ? -10.05208 -9.14525  4.27087   1.000 28.69464 ? 136 HOH C O   1 
HETATM 1178 O O   . HOH G 2 .  ? -14.27251 3.29153   9.71235   1.000 22.63582 ? 137 HOH C O   1 
HETATM 1179 O O   . HOH G 2 .  ? -13.00273 -1.89181  -20.08896 1.000 27.68624 ? 138 HOH C O   1 
HETATM 1180 O O   . HOH G 2 .  ? -12.06212 2.20102   6.60673   1.000 25.89714 ? 139 HOH C O   1 
HETATM 1181 O O   . HOH H 2 .  ? -4.77157  -1.58012  -12.35990 1.000 26.89856 ? 101 HOH D O   1 
HETATM 1182 O O   . HOH H 2 .  ? -4.79079  -3.30170  -10.42844 1.000 36.42107 ? 102 HOH D O   1 
HETATM 1183 O O   . HOH H 2 .  ? 5.72317   -12.96088 9.32777   1.000 23.14676 ? 103 HOH D O   1 
HETATM 1184 O O   . HOH H 2 .  ? 10.19053  -7.73907  -9.35104  1.000 38.34997 ? 104 HOH D O   1 
HETATM 1185 O O   . HOH H 2 .  ? 6.67947   -5.93607  -13.58444 1.000 33.51843 ? 105 HOH D O   1 
HETATM 1186 O O   . HOH H 2 .  ? 7.01982   -11.09840 -6.09826  1.000 28.21418 ? 106 HOH D O   1 
HETATM 1187 O O   . HOH H 2 .  ? 9.31705   -0.18553  -14.24366 1.000 37.58035 ? 107 HOH D O   1 
HETATM 1188 O O   . HOH H 2 .  ? -4.41434  -14.27398 6.16989   1.000 36.36408 ? 108 HOH D O   1 
HETATM 1189 O O   . HOH H 2 .  ? -0.87051  -11.48588 -3.53105  1.000 27.34602 ? 109 HOH D O   1 
HETATM 1190 O O   . HOH H 2 .  ? 0.49637   -2.10964  -17.95082 1.000 29.18053 ? 110 HOH D O   1 
HETATM 1191 O O   . HOH H 2 .  ? -6.51721  -11.88700 11.23878  1.000 39.04437 ? 111 HOH D O   1 
HETATM 1192 O O   . HOH H 2 .  ? 4.98127   -11.49973 3.51296   1.000 17.09377 ? 112 HOH D O   1 
HETATM 1193 O O   . HOH H 2 .  ? 6.90591   -15.28989 5.15883   1.000 37.42489 ? 113 HOH D O   1 
HETATM 1194 O O   . HOH H 2 .  ? -6.49160  -13.36345 6.13386   1.000 41.93950 ? 114 HOH D O   1 
HETATM 1195 O O   . HOH H 2 .  ? 6.20003   -14.48899 2.50318   1.000 39.35571 ? 115 HOH D O   1 
HETATM 1196 O O   . HOH H 2 .  ? -7.56104  -7.14595  7.90970   1.000 19.71845 ? 116 HOH D O   1 
HETATM 1197 O O   . HOH H 2 .  ? -4.42836  -8.81932  1.23148   1.000 29.12253 ? 117 HOH D O   1 
HETATM 1198 O O   . HOH H 2 .  ? -4.02735  -8.11393  -7.18428  1.000 44.18201 ? 118 HOH D O   1 
HETATM 1199 O O   . HOH H 2 .  ? -2.36853  -5.53446  -8.68677  1.000 27.97744 ? 119 HOH D O   1 
HETATM 1200 O O   . HOH H 2 .  ? -0.87099  -16.10394 20.26606  1.000 42.75268 ? 120 HOH D O   1 
HETATM 1201 O O   . HOH H 2 .  ? -3.81806  -10.94436 -3.84554  1.000 39.91432 ? 121 HOH D O   1 
HETATM 1202 O O   . HOH H 2 .  ? 3.66030   2.84148   -22.36280 1.000 16.16110 ? 122 HOH D O   1 
HETATM 1203 O O   . HOH H 2 .  ? 0.84587   -14.60347 2.58290   1.000 26.11973 ? 123 HOH D O   1 
HETATM 1204 O O   . HOH H 2 .  ? -0.21986  -16.07957 1.76789   1.000 42.87452 ? 124 HOH D O   1 
HETATM 1205 O O   . HOH H 2 .  ? -5.85597  -2.97712  -13.95808 1.000 29.51754 ? 125 HOH D O   1 
HETATM 1206 O O   . HOH H 2 .  ? 2.00747   -15.84617 8.91574   1.000 37.74460 ? 126 HOH D O   1 
HETATM 1207 O O   . HOH H 2 .  ? 9.50233   0.89356   -24.64152 1.000 34.31341 ? 127 HOH D O   1 
HETATM 1208 O O   . HOH H 2 .  ? 11.38937  6.30610   -14.17167 1.000 40.37755 ? 128 HOH D O   1 
HETATM 1209 O O   . HOH H 2 .  ? 4.29293   -15.73325 9.77614   1.000 39.29381 ? 129 HOH D O   1 
HETATM 1210 O O   . HOH H 2 .  ? 1.94946   -16.21774 4.23887   1.000 41.11566 ? 130 HOH D O   1 
HETATM 1211 O O   . HOH H 2 .  ? 6.51669   -1.52148  -27.15656 1.000 20.70000 ? 131 HOH D O   1 
HETATM 1212 O O   . HOH H 2 .  ? 1.66393   -15.87733 17.76562  1.000 38.21822 ? 132 HOH D O   1 
HETATM 1213 O O   . HOH H 2 .  ? -5.95238  -15.00116 8.21852   1.000 42.87554 ? 133 HOH D O   1 
HETATM 1214 O O   . HOH H 2 .  ? 2.43822   -3.41851  -27.37764 1.000 24.94489 ? 134 HOH D O   1 
HETATM 1215 O O   . HOH H 2 .  ? 10.54640  1.43925   -15.79195 1.000 43.36557 ? 135 HOH D O   1 
HETATM 1216 O O   . HOH H 2 .  ? 8.44145   -5.79454  -11.80885 1.000 40.01515 ? 136 HOH D O   1 
HETATM 1217 O O   . HOH H 2 .  ? -8.66327  -10.52956 8.90462   1.000 44.58929 ? 137 HOH D O   1 
HETATM 1218 O O   . HOH H 2 .  ? 0.10039   -2.26968  -26.48197 1.000 29.81784 ? 138 HOH D O   1 
HETATM 1219 O O   . HOH H 2 .  ? 5.75269   -8.02680  -13.39249 1.000 46.02179 ? 139 HOH D O   1 
# 
